data_8YO7
#
_entry.id   8YO7
#
loop_
_entity.id
_entity.type
_entity.pdbx_description
1 polymer 'DNA topoisomerase medium subunit'
2 polymer 'DNA topoisomerase (ATP-hydrolyzing)'
3 polymer "DNA (5'-D(P*AP*TP*AP*TP*AP*CP*AP*CP*AP*TP*AP*T)-3')"
4 polymer "DNA (5'-D(P*AP*TP*AP*TP*AP*TP*AP*CP*AP*CP*A)-3')"
5 non-polymer 'MAGNESIUM ION'
6 non-polymer N-[4-(acridin-9-ylamino)-3-methoxyphenyl]methanesulfonamide
7 water water
#
loop_
_entity_poly.entity_id
_entity_poly.type
_entity_poly.pdbx_seq_one_letter_code
_entity_poly.pdbx_strand_id
1 'polypeptide(L)'
;MQLNNRDLKSIIDNEALAYAMYTVENRAIPNMIDGFKPVQRFVIARALDLARGNKDKFHKLASIAGGVADLGYHHGENSA
QDAGALMANTWNNNFPLLDGQGNFGSRTVQKAAASRYIFARVSKNFYNVYKDTEYAPVHQDKEHIPPAFYLPIIPTVLLN
GVSGIATGYATYILPHSVSSVKKAVLQALQGKKVTKPKVEFPEFRGEVVEIDGQYEIRGTYKFTSRTQMHITEIPYKYDR
ETYVSKILDPLENKGFITWDDACGEHGFGFKVKFRKEYSLSDNEEERHAKIMKDFGLIERRSQNITVINEKGKLQVYDNV
VDLIKDFVEVRKTYVQKRIDNKIKETESAFRLAFAKAHFIKKVISGEIVVQGKTRKELTEELSKIDMYSSYVDKLVGMNI
FHMTSDEAKKLAEEAKAKKEENEYWKTTDVVTEYTKDLEEIKHHHHHHHHHH
;
A,B
2 'polypeptide(L)'
;MIKNEIKILSDIEHIKKRSGMYIGSSANEMHERFLFGKWESVQYVPGLVKLIDEIIDNSVDEGIRTKFKFANKINVTIKN
NQVTVEDNGRGIPQAMVKTPTGEEIPGPVAAWTIPKAGGNFGDDKERVTGGMNGVGSSLTNIFSVMFVGETGDGQNNIVV
RCSNGMENKSWETIPGKWKGTRVTFIPDFMSFETNELSQVYLDITLDRLQTLAVVYPDIQFTFNGKKVQGNFKKYARQYD
EHAIVQEQENCSIAVGRSPDGFRQLTYVNNIHTKNGGHHIDCVMDDICEDLIPQIKRKFKIDVTKARVKECLTIVMFVRD
MKNMRFDSQTKERLTSPFGEIRSHIQLDAKKISRAILNNEAILMPIIEAALARKLAAEKAAETKAAKKASKAKVHKHIKA
NLCGKDADTTLFLTEGDSAIGYLIDVRDKELHGGYPLRGKVLNSWGMSYADMLKNKELFDICAITGLVLGEKAENLNYHN
IAIMTDADHDGLGSIYPSLLGFFSNWPELFEQGRIRFVKTPVIIAHVGKKQEWFYTVAEYESAKDALPKHSIRYIKGLGS
LEKSEYREMIQNPVYDVVKLPENWKELFEMLMGDNADLRKEWMSQHHHHHH
;
C,D
3 'polydeoxyribonucleotide'
;(DA)(DT)(DG)(DC)(DA)(DT)(DA)(DT)(DA)(DT)(DA)(DT)(DG)(DT)(DA)(DT)(DA)(DT)(DG)(DT)
(DA)(DT)(DG)(DT)(DG)(DT)(DG)(DT)(DA)(DT)(DA)(DT)(DA)(DT)(DA)(DC)(DA)(DC)(DA)(DT)
(DA)(DT)(DA)(DT)(DA)(DT)(DA)(DT)(DA)(DT)(DA)(DT)
;
E,Y
4 'polydeoxyribonucleotide'
;(DA)(DT)(DA)(DT)(DA)(DT)(DA)(DT)(DA)(DT)(DA)(DT)(DA)(DT)(DG)(DT)(DG)(DT)(DA)(DT)
(DA)(DT)(DA)(DT)(DA)(DC)(DA)(DC)(DA)(DC)(DA)(DT)(DA)(DC)(DA)(DT)(DA)(DT)(DA)(DC)
(DA)(DT)(DA)(DT)(DA)(DT)(DA)(DT)(DG)(DC)(DA)(DT)
;
F,X
#
loop_
_chem_comp.id
_chem_comp.type
_chem_comp.name
_chem_comp.formula
ASW non-polymer N-[4-(acridin-9-ylamino)-3-methoxyphenyl]methanesulfonamide 'C21 H19 N3 O3 S'
DA DNA linking 2'-DEOXYADENOSINE-5'-MONOPHOSPHATE 'C10 H14 N5 O6 P'
DC DNA linking 2'-DEOXYCYTIDINE-5'-MONOPHOSPHATE 'C9 H14 N3 O7 P'
DG DNA linking 2'-DEOXYGUANOSINE-5'-MONOPHOSPHATE 'C10 H14 N5 O7 P'
DT DNA linking THYMIDINE-5'-MONOPHOSPHATE 'C10 H15 N2 O8 P'
MG non-polymer 'MAGNESIUM ION' 'Mg 2'
#
# COMPACT_ATOMS: atom_id res chain seq x y z
N MET A 1 17.86 3.51 -36.27
CA MET A 1 17.54 2.60 -37.37
C MET A 1 18.51 1.43 -37.41
N GLN A 2 19.20 1.19 -36.30
CA GLN A 2 20.13 0.08 -36.21
C GLN A 2 19.38 -1.24 -36.28
N LEU A 3 19.90 -2.18 -37.06
CA LEU A 3 19.29 -3.51 -37.22
C LEU A 3 20.36 -4.56 -36.92
N ASN A 4 20.50 -4.91 -35.64
CA ASN A 4 21.45 -5.94 -35.25
C ASN A 4 20.86 -7.32 -35.52
N ASN A 5 21.63 -8.17 -36.18
CA ASN A 5 21.19 -9.51 -36.56
C ASN A 5 21.78 -10.50 -35.56
N ARG A 6 20.92 -11.05 -34.69
CA ARG A 6 21.32 -12.07 -33.73
C ARG A 6 20.49 -13.33 -33.94
N ASP A 7 21.15 -14.47 -33.81
CA ASP A 7 20.51 -15.75 -34.05
C ASP A 7 19.53 -16.09 -32.94
N LEU A 8 18.54 -16.93 -33.26
CA LEU A 8 17.62 -17.40 -32.23
C LEU A 8 18.36 -18.19 -31.16
N LYS A 9 19.29 -19.03 -31.56
CA LYS A 9 20.23 -19.59 -30.59
C LYS A 9 21.15 -18.49 -30.09
N SER A 10 21.72 -18.72 -28.90
CA SER A 10 22.49 -17.70 -28.17
C SER A 10 21.56 -16.58 -27.72
N ILE A 11 20.25 -16.76 -27.90
CA ILE A 11 19.27 -16.01 -27.12
C ILE A 11 18.79 -16.86 -25.96
N ILE A 12 18.50 -18.14 -26.23
CA ILE A 12 18.14 -19.08 -25.18
C ILE A 12 19.30 -19.25 -24.20
N ASP A 13 20.53 -19.04 -24.66
CA ASP A 13 21.71 -19.23 -23.82
C ASP A 13 22.07 -18.00 -22.99
N ASN A 14 21.53 -16.83 -23.32
CA ASN A 14 21.88 -15.60 -22.62
C ASN A 14 20.77 -15.07 -21.73
N GLU A 15 19.53 -15.01 -22.23
CA GLU A 15 18.41 -14.54 -21.42
C GLU A 15 17.52 -15.66 -20.90
N ALA A 16 17.21 -16.65 -21.74
CA ALA A 16 16.42 -17.78 -21.26
C ALA A 16 17.18 -18.56 -20.20
N LEU A 17 18.49 -18.76 -20.40
CA LEU A 17 19.33 -19.25 -19.31
C LEU A 17 19.28 -18.30 -18.12
N ALA A 18 19.35 -16.99 -18.37
CA ALA A 18 19.29 -16.04 -17.27
C ALA A 18 17.97 -16.14 -16.53
N TYR A 19 16.85 -16.22 -17.26
CA TYR A 19 15.55 -16.27 -16.61
C TYR A 19 15.35 -17.58 -15.85
N ALA A 20 15.73 -18.71 -16.44
CA ALA A 20 15.56 -19.99 -15.78
C ALA A 20 16.43 -20.09 -14.54
N MET A 21 17.70 -19.70 -14.65
CA MET A 21 18.57 -19.69 -13.49
C MET A 21 18.09 -18.70 -12.44
N TYR A 22 17.44 -17.60 -12.88
CA TYR A 22 16.90 -16.64 -11.93
C TYR A 22 15.71 -17.23 -11.17
N THR A 23 14.83 -17.94 -11.86
CA THR A 23 13.73 -18.61 -11.18
C THR A 23 14.25 -19.66 -10.20
N VAL A 24 15.30 -20.38 -10.60
CA VAL A 24 15.84 -21.44 -9.73
C VAL A 24 16.51 -20.84 -8.50
N GLU A 25 17.32 -19.79 -8.68
CA GLU A 25 18.21 -19.32 -7.63
C GLU A 25 17.66 -18.13 -6.84
N ASN A 26 16.65 -17.43 -7.34
CA ASN A 26 16.22 -16.19 -6.73
C ASN A 26 14.71 -16.00 -6.69
N ARG A 27 13.90 -16.95 -7.16
CA ARG A 27 12.45 -16.78 -7.13
C ARG A 27 11.75 -17.80 -6.26
N ALA A 28 11.89 -19.10 -6.54
CA ALA A 28 10.96 -20.08 -5.97
C ALA A 28 11.68 -21.35 -5.51
N ILE A 29 12.85 -21.21 -4.92
CA ILE A 29 13.51 -22.35 -4.27
C ILE A 29 14.18 -21.83 -3.00
N PRO A 30 13.84 -22.38 -1.84
CA PRO A 30 14.36 -21.83 -0.59
C PRO A 30 15.84 -22.12 -0.42
N ASN A 31 16.53 -21.17 0.23
CA ASN A 31 17.92 -21.36 0.59
C ASN A 31 18.04 -22.44 1.67
N MET A 32 19.19 -23.11 1.67
CA MET A 32 19.40 -24.20 2.63
C MET A 32 19.37 -23.70 4.07
N ILE A 33 19.96 -22.54 4.34
CA ILE A 33 20.18 -22.11 5.71
C ILE A 33 18.90 -21.51 6.29
N ASP A 34 18.45 -20.38 5.74
CA ASP A 34 17.31 -19.68 6.33
C ASP A 34 15.96 -20.21 5.84
N GLY A 35 15.94 -21.01 4.77
CA GLY A 35 14.69 -21.54 4.29
C GLY A 35 13.79 -20.54 3.60
N PHE A 36 14.30 -19.35 3.29
CA PHE A 36 13.51 -18.29 2.68
C PHE A 36 13.69 -18.27 1.17
N LYS A 37 12.59 -18.14 0.45
CA LYS A 37 12.67 -17.60 -0.89
C LYS A 37 12.97 -16.11 -0.80
N PRO A 38 13.67 -15.56 -1.78
CA PRO A 38 14.12 -14.16 -1.66
C PRO A 38 13.00 -13.16 -1.43
N VAL A 39 11.82 -13.39 -2.00
CA VAL A 39 10.69 -12.51 -1.74
C VAL A 39 10.31 -12.53 -0.26
N GLN A 40 10.30 -13.72 0.34
CA GLN A 40 10.05 -13.82 1.78
C GLN A 40 11.15 -13.14 2.58
N ARG A 41 12.39 -13.21 2.10
CA ARG A 41 13.47 -12.49 2.77
C ARG A 41 13.25 -10.98 2.74
N PHE A 42 12.83 -10.46 1.58
CA PHE A 42 12.50 -9.04 1.49
C PHE A 42 11.36 -8.66 2.44
N VAL A 43 10.31 -9.49 2.45
CA VAL A 43 9.15 -9.20 3.29
C VAL A 43 9.54 -9.18 4.76
N ILE A 44 10.33 -10.17 5.19
CA ILE A 44 10.71 -10.24 6.60
C ILE A 44 11.71 -9.16 6.96
N ALA A 45 12.60 -8.78 6.04
CA ALA A 45 13.49 -7.66 6.30
C ALA A 45 12.71 -6.37 6.49
N ARG A 46 11.70 -6.14 5.65
CA ARG A 46 10.86 -4.96 5.81
C ARG A 46 10.06 -5.03 7.11
N ALA A 47 9.61 -6.23 7.49
CA ALA A 47 8.87 -6.38 8.75
C ALA A 47 9.76 -6.05 9.95
N LEU A 48 11.02 -6.51 9.91
CA LEU A 48 11.95 -6.18 10.98
C LEU A 48 12.26 -4.69 11.00
N ASP A 49 12.37 -4.08 9.83
CA ASP A 49 12.58 -2.63 9.76
C ASP A 49 11.40 -1.91 10.39
N LEU A 50 10.18 -2.33 10.07
CA LEU A 50 8.97 -1.72 10.64
C LEU A 50 8.88 -1.94 12.15
N ALA A 51 9.41 -3.07 12.63
CA ALA A 51 9.33 -3.36 14.06
C ALA A 51 10.08 -2.34 14.88
N ARG A 52 11.35 -2.08 14.53
CA ARG A 52 12.20 -1.14 15.24
C ARG A 52 12.22 -1.43 16.73
N GLY A 53 11.66 -0.52 17.53
CA GLY A 53 11.56 -0.73 18.96
C GLY A 53 10.25 -1.36 19.37
N ASN A 54 9.15 -0.89 18.78
CA ASN A 54 7.82 -1.42 19.07
C ASN A 54 7.54 -2.59 18.12
N LYS A 55 8.01 -3.77 18.51
CA LYS A 55 7.89 -4.95 17.67
C LYS A 55 6.55 -5.65 17.81
N ASP A 56 5.70 -5.24 18.76
CA ASP A 56 4.39 -5.86 18.93
C ASP A 56 3.32 -5.21 18.07
N LYS A 57 3.65 -4.17 17.32
CA LYS A 57 2.68 -3.50 16.46
C LYS A 57 2.25 -4.41 15.32
N PHE A 58 0.96 -4.39 15.02
CA PHE A 58 0.38 -5.18 13.93
C PHE A 58 0.24 -4.29 12.71
N HIS A 59 1.29 -4.25 11.90
CA HIS A 59 1.23 -3.49 10.65
C HIS A 59 0.39 -4.23 9.62
N LYS A 60 -0.22 -3.47 8.71
CA LYS A 60 -0.97 -4.07 7.62
C LYS A 60 -0.02 -4.75 6.65
N LEU A 61 -0.56 -5.69 5.88
CA LEU A 61 0.23 -6.38 4.87
C LEU A 61 0.37 -5.56 3.59
N ALA A 62 -0.35 -4.45 3.47
CA ALA A 62 -0.14 -3.49 2.39
C ALA A 62 0.94 -2.48 2.75
N SER A 63 1.45 -2.50 3.98
CA SER A 63 2.56 -1.68 4.41
C SER A 63 3.85 -2.46 4.58
N ILE A 64 3.78 -3.67 5.13
CA ILE A 64 4.95 -4.53 5.21
C ILE A 64 5.40 -4.94 3.82
N ALA A 65 4.46 -5.13 2.90
CA ALA A 65 4.76 -5.49 1.52
C ALA A 65 4.66 -4.28 0.59
N GLY A 66 4.89 -3.08 1.12
CA GLY A 66 4.83 -1.88 0.32
C GLY A 66 6.13 -1.10 0.33
N GLY A 67 6.95 -1.31 1.36
CA GLY A 67 8.24 -0.65 1.45
C GLY A 67 9.39 -1.57 1.09
N VAL A 68 9.09 -2.71 0.46
CA VAL A 68 10.13 -3.66 0.08
C VAL A 68 10.82 -3.28 -1.21
N ALA A 69 10.27 -2.34 -1.98
CA ALA A 69 10.85 -1.98 -3.26
C ALA A 69 12.15 -1.18 -3.13
N ASP A 70 12.39 -0.55 -1.97
CA ASP A 70 13.63 0.17 -1.73
C ASP A 70 14.68 -0.70 -1.06
N LEU A 71 14.39 -1.99 -0.85
CA LEU A 71 15.36 -2.93 -0.31
C LEU A 71 16.00 -3.80 -1.39
N GLY A 72 15.47 -3.82 -2.60
CA GLY A 72 16.05 -4.62 -3.66
C GLY A 72 15.01 -5.35 -4.49
N TYR A 73 13.76 -5.32 -4.05
CA TYR A 73 12.70 -6.01 -4.79
C TYR A 73 12.46 -5.33 -6.13
N HIS A 74 12.27 -6.14 -7.15
CA HIS A 74 12.06 -5.65 -8.51
C HIS A 74 10.76 -6.13 -9.14
N HIS A 75 10.05 -7.06 -8.51
CA HIS A 75 8.99 -7.82 -9.16
C HIS A 75 7.59 -7.42 -8.73
N GLY A 76 7.32 -6.14 -8.53
CA GLY A 76 5.99 -5.68 -8.21
C GLY A 76 5.78 -5.59 -6.72
N GLU A 77 4.51 -5.34 -6.36
CA GLU A 77 4.16 -5.12 -4.97
C GLU A 77 2.95 -5.91 -4.48
N ASN A 78 2.14 -6.45 -5.39
CA ASN A 78 0.99 -7.26 -5.00
C ASN A 78 1.34 -8.74 -4.84
N SER A 79 2.62 -9.10 -5.03
CA SER A 79 3.08 -10.45 -4.83
C SER A 79 3.84 -10.65 -3.52
N ALA A 80 4.35 -9.58 -2.93
CA ALA A 80 4.93 -9.64 -1.60
C ALA A 80 3.85 -9.65 -0.51
N GLN A 81 2.63 -9.22 -0.83
CA GLN A 81 1.53 -9.31 0.11
C GLN A 81 1.11 -10.77 0.33
N ASP A 82 0.93 -11.51 -0.78
CA ASP A 82 0.59 -12.92 -0.66
C ASP A 82 1.72 -13.71 0.00
N ALA A 83 2.97 -13.40 -0.36
CA ALA A 83 4.11 -14.05 0.26
C ALA A 83 4.18 -13.76 1.75
N GLY A 84 3.66 -12.61 2.17
CA GLY A 84 3.63 -12.28 3.59
C GLY A 84 2.39 -12.82 4.26
N ALA A 85 1.36 -13.10 3.47
CA ALA A 85 0.12 -13.68 4.00
C ALA A 85 0.25 -15.17 4.26
N LEU A 86 1.01 -15.88 3.42
CA LEU A 86 1.13 -17.33 3.58
C LEU A 86 1.95 -17.70 4.81
N MET A 87 2.93 -16.88 5.19
CA MET A 87 3.69 -17.10 6.40
C MET A 87 3.05 -16.45 7.62
N ALA A 88 1.86 -15.88 7.47
CA ALA A 88 1.10 -15.35 8.60
C ALA A 88 -0.07 -16.23 9.00
N ASN A 89 -0.35 -17.30 8.25
CA ASN A 89 -1.45 -18.19 8.57
C ASN A 89 -1.27 -18.79 9.96
N THR A 90 -2.35 -18.78 10.74
CA THR A 90 -2.31 -19.27 12.11
C THR A 90 -2.67 -20.75 12.24
N TRP A 91 -3.09 -21.39 11.15
CA TRP A 91 -3.47 -22.80 11.19
C TRP A 91 -2.64 -23.67 10.25
N ASN A 92 -2.00 -23.11 9.23
CA ASN A 92 -1.21 -23.87 8.28
C ASN A 92 0.28 -23.76 8.54
N ASN A 93 0.66 -23.23 9.70
CA ASN A 93 2.06 -23.00 10.05
C ASN A 93 2.41 -23.85 11.27
N ASN A 94 3.29 -24.84 11.08
CA ASN A 94 3.79 -25.61 12.21
C ASN A 94 4.73 -24.79 13.09
N PHE A 95 5.37 -23.78 12.52
CA PHE A 95 6.30 -22.92 13.27
C PHE A 95 6.25 -21.54 12.63
N PRO A 96 5.23 -20.75 12.94
CA PRO A 96 5.00 -19.51 12.20
C PRO A 96 6.06 -18.46 12.50
N LEU A 97 6.49 -17.77 11.45
CA LEU A 97 7.45 -16.68 11.57
C LEU A 97 6.80 -15.31 11.57
N LEU A 98 5.61 -15.20 10.97
CA LEU A 98 4.82 -13.98 11.03
C LEU A 98 3.54 -14.27 11.80
N ASP A 99 3.37 -13.61 12.94
CA ASP A 99 2.13 -13.69 13.71
C ASP A 99 1.13 -12.73 13.10
N GLY A 100 -0.06 -13.24 12.80
CA GLY A 100 -1.04 -12.52 12.02
C GLY A 100 -2.32 -12.21 12.78
N GLN A 101 -3.16 -11.42 12.12
CA GLN A 101 -4.45 -10.99 12.64
C GLN A 101 -5.37 -10.72 11.45
N GLY A 102 -6.50 -11.41 11.43
CA GLY A 102 -7.44 -11.26 10.33
C GLY A 102 -8.18 -12.57 10.09
N ASN A 103 -9.02 -12.55 9.06
CA ASN A 103 -9.79 -13.72 8.66
C ASN A 103 -8.84 -14.66 7.91
N PHE A 104 -8.13 -15.49 8.67
CA PHE A 104 -7.22 -16.46 8.09
C PHE A 104 -7.91 -17.75 7.70
N GLY A 105 -9.15 -17.96 8.12
CA GLY A 105 -9.81 -19.23 7.91
C GLY A 105 -9.38 -20.26 8.93
N SER A 106 -9.82 -21.49 8.69
CA SER A 106 -9.49 -22.61 9.55
C SER A 106 -9.45 -23.87 8.70
N ARG A 107 -9.08 -24.99 9.34
CA ARG A 107 -8.97 -26.23 8.60
C ARG A 107 -10.32 -26.70 8.07
N THR A 108 -11.41 -26.39 8.79
CA THR A 108 -12.74 -26.78 8.33
C THR A 108 -13.06 -26.14 6.99
N VAL A 109 -13.14 -24.81 6.96
CA VAL A 109 -13.30 -24.05 5.72
C VAL A 109 -12.03 -23.21 5.55
N GLN A 110 -11.28 -23.50 4.49
CA GLN A 110 -9.98 -22.86 4.28
C GLN A 110 -10.15 -21.78 3.21
N LYS A 111 -10.42 -20.56 3.66
CA LYS A 111 -10.53 -19.42 2.76
C LYS A 111 -10.20 -18.17 3.58
N ALA A 112 -9.10 -17.52 3.24
CA ALA A 112 -8.68 -16.31 3.94
C ALA A 112 -9.24 -15.08 3.25
N ALA A 113 -9.22 -13.97 3.97
CA ALA A 113 -9.70 -12.70 3.43
C ALA A 113 -8.66 -12.15 2.47
N ALA A 114 -8.94 -10.99 1.87
CA ALA A 114 -7.98 -10.36 0.98
C ALA A 114 -6.73 -9.97 1.75
N SER A 115 -5.58 -10.10 1.09
CA SER A 115 -4.30 -9.86 1.75
C SER A 115 -4.13 -8.42 2.21
N ARG A 116 -4.90 -7.49 1.65
CA ARG A 116 -4.78 -6.09 2.04
C ARG A 116 -5.40 -5.79 3.40
N TYR A 117 -6.22 -6.68 3.94
CA TYR A 117 -6.84 -6.47 5.24
C TYR A 117 -6.21 -7.31 6.33
N ILE A 118 -5.12 -8.00 6.04
CA ILE A 118 -4.44 -8.87 6.98
C ILE A 118 -3.35 -8.08 7.67
N PHE A 119 -3.29 -8.19 9.00
CA PHE A 119 -2.27 -7.53 9.80
C PHE A 119 -1.21 -8.55 10.19
N ALA A 120 0.06 -8.15 10.13
CA ALA A 120 1.15 -9.08 10.38
C ALA A 120 2.22 -8.42 11.23
N ARG A 121 2.96 -9.26 11.94
CA ARG A 121 4.11 -8.82 12.71
C ARG A 121 5.10 -9.97 12.81
N VAL A 122 6.34 -9.66 13.15
CA VAL A 122 7.35 -10.69 13.30
C VAL A 122 7.06 -11.50 14.56
N SER A 123 6.96 -12.81 14.42
CA SER A 123 6.58 -13.67 15.53
C SER A 123 7.75 -13.88 16.48
N LYS A 124 7.43 -14.45 17.65
CA LYS A 124 8.48 -14.78 18.61
C LYS A 124 9.37 -15.92 18.11
N ASN A 125 8.84 -16.77 17.22
CA ASN A 125 9.64 -17.85 16.67
C ASN A 125 10.82 -17.32 15.85
N PHE A 126 10.59 -16.25 15.09
CA PHE A 126 11.68 -15.65 14.32
C PHE A 126 12.79 -15.15 15.22
N TYR A 127 12.43 -14.46 16.30
CA TYR A 127 13.44 -14.02 17.26
C TYR A 127 14.01 -15.18 18.06
N ASN A 128 13.37 -16.36 18.02
CA ASN A 128 13.86 -17.51 18.77
C ASN A 128 14.92 -18.27 17.98
N VAL A 129 14.61 -18.65 16.74
CA VAL A 129 15.52 -19.51 15.99
C VAL A 129 16.53 -18.71 15.17
N TYR A 130 16.12 -17.57 14.61
CA TYR A 130 17.03 -16.79 13.78
C TYR A 130 17.93 -15.93 14.66
N LYS A 131 19.23 -16.00 14.40
CA LYS A 131 20.23 -15.27 15.18
C LYS A 131 21.37 -14.85 14.27
N ASP A 132 22.26 -14.03 14.82
CA ASP A 132 23.46 -13.58 14.11
C ASP A 132 23.12 -12.93 12.77
N THR A 133 22.06 -12.12 12.76
CA THR A 133 21.63 -11.48 11.52
C THR A 133 22.64 -10.44 11.04
N GLU A 134 23.36 -9.81 11.97
CA GLU A 134 24.37 -8.83 11.59
C GLU A 134 25.69 -9.47 11.17
N TYR A 135 25.89 -10.76 11.44
CA TYR A 135 27.00 -11.53 10.91
C TYR A 135 26.65 -12.27 9.63
N ALA A 136 25.44 -12.06 9.11
CA ALA A 136 25.01 -12.72 7.90
C ALA A 136 25.82 -12.21 6.70
N PRO A 137 25.92 -13.00 5.63
CA PRO A 137 26.69 -12.56 4.46
C PRO A 137 26.08 -11.33 3.81
N VAL A 138 26.80 -10.81 2.83
CA VAL A 138 26.39 -9.62 2.08
C VAL A 138 26.22 -10.00 0.62
N HIS A 139 25.06 -9.69 0.06
CA HIS A 139 24.80 -9.97 -1.35
C HIS A 139 25.76 -9.16 -2.22
N GLN A 140 26.19 -9.75 -3.33
CA GLN A 140 27.14 -9.07 -4.21
C GLN A 140 26.54 -7.83 -4.84
N ASP A 141 25.21 -7.78 -5.00
CA ASP A 141 24.56 -6.59 -5.53
C ASP A 141 24.46 -5.52 -4.45
N LYS A 142 24.68 -4.26 -4.86
CA LYS A 142 24.59 -3.15 -3.91
C LYS A 142 23.15 -2.83 -3.55
N GLU A 143 22.20 -3.08 -4.46
CA GLU A 143 20.80 -2.76 -4.18
C GLU A 143 20.16 -3.76 -3.23
N HIS A 144 20.66 -4.99 -3.18
CA HIS A 144 20.07 -6.01 -2.33
C HIS A 144 20.41 -5.76 -0.87
N ILE A 145 19.61 -4.90 -0.21
CA ILE A 145 19.91 -4.53 1.17
C ILE A 145 19.86 -5.73 2.13
N PRO A 146 18.87 -6.62 2.08
CA PRO A 146 18.88 -7.75 2.99
C PRO A 146 20.06 -8.65 2.71
N PRO A 147 20.52 -9.39 3.71
CA PRO A 147 21.69 -10.27 3.52
C PRO A 147 21.42 -11.35 2.48
N ALA A 148 22.49 -12.06 2.12
CA ALA A 148 22.34 -13.17 1.19
C ALA A 148 21.41 -14.23 1.76
N PHE A 149 21.57 -14.55 3.04
CA PHE A 149 20.63 -15.40 3.75
C PHE A 149 20.76 -15.13 5.24
N TYR A 150 19.71 -15.45 5.97
CA TYR A 150 19.73 -15.34 7.43
C TYR A 150 20.32 -16.60 8.04
N LEU A 151 20.51 -16.57 9.36
CA LEU A 151 21.21 -17.63 10.08
C LEU A 151 20.33 -18.15 11.21
N PRO A 152 19.47 -19.12 10.92
CA PRO A 152 18.70 -19.75 11.99
C PRO A 152 19.53 -20.79 12.73
N ILE A 153 18.98 -21.26 13.85
CA ILE A 153 19.63 -22.28 14.65
C ILE A 153 19.29 -23.68 14.15
N ILE A 154 18.01 -23.92 13.83
CA ILE A 154 17.57 -25.18 13.25
C ILE A 154 17.20 -24.94 11.80
N PRO A 155 17.17 -25.97 10.95
CA PRO A 155 16.78 -25.74 9.55
C PRO A 155 15.31 -25.39 9.42
N THR A 156 15.03 -24.12 9.16
CA THR A 156 13.66 -23.66 9.04
C THR A 156 12.98 -24.20 7.78
N VAL A 157 13.77 -24.57 6.76
CA VAL A 157 13.23 -25.08 5.51
C VAL A 157 12.40 -26.34 5.72
N LEU A 158 12.57 -27.02 6.85
CA LEU A 158 11.85 -28.26 7.11
C LEU A 158 10.63 -28.09 8.02
N LEU A 159 10.67 -27.12 8.94
CA LEU A 159 9.64 -27.00 9.96
C LEU A 159 8.26 -26.73 9.37
N ASN A 160 8.09 -25.56 8.73
CA ASN A 160 6.78 -25.18 8.22
C ASN A 160 6.38 -25.94 6.97
N GLY A 161 7.33 -26.55 6.27
CA GLY A 161 7.02 -27.25 5.04
C GLY A 161 6.93 -26.28 3.89
N VAL A 162 7.60 -26.58 2.78
CA VAL A 162 7.66 -25.66 1.66
C VAL A 162 7.28 -26.41 0.37
N SER A 163 6.83 -25.64 -0.61
CA SER A 163 6.50 -26.19 -1.93
C SER A 163 6.77 -25.09 -2.95
N GLY A 164 7.94 -25.13 -3.57
CA GLY A 164 8.33 -24.14 -4.56
C GLY A 164 8.54 -24.79 -5.91
N ILE A 165 8.19 -24.06 -6.97
CA ILE A 165 8.31 -24.56 -8.32
C ILE A 165 9.11 -23.56 -9.14
N ALA A 166 10.19 -24.02 -9.75
CA ALA A 166 11.03 -23.18 -10.60
C ALA A 166 11.17 -23.81 -11.98
N THR A 167 11.98 -23.20 -12.85
CA THR A 167 12.18 -23.69 -14.20
C THR A 167 13.23 -24.79 -14.18
N GLY A 168 12.81 -26.02 -14.43
CA GLY A 168 13.70 -27.15 -14.45
C GLY A 168 13.90 -27.85 -13.12
N TYR A 169 13.55 -27.21 -12.01
CA TYR A 169 13.68 -27.83 -10.70
C TYR A 169 12.51 -27.39 -9.82
N ALA A 170 12.20 -28.23 -8.84
CA ALA A 170 11.13 -27.94 -7.90
C ALA A 170 11.46 -28.59 -6.57
N THR A 171 10.88 -28.05 -5.50
CA THR A 171 11.13 -28.49 -4.14
C THR A 171 9.81 -28.70 -3.40
N TYR A 172 9.76 -29.76 -2.61
CA TYR A 172 8.61 -30.04 -1.75
C TYR A 172 9.15 -30.69 -0.47
N ILE A 173 8.93 -30.04 0.67
CA ILE A 173 9.41 -30.51 1.95
C ILE A 173 8.23 -30.54 2.91
N LEU A 174 7.92 -31.71 3.45
CA LEU A 174 6.80 -31.88 4.35
C LEU A 174 7.09 -31.22 5.70
N PRO A 175 6.05 -30.78 6.41
CA PRO A 175 6.28 -30.11 7.70
C PRO A 175 6.80 -31.05 8.76
N HIS A 176 8.05 -30.87 9.17
CA HIS A 176 8.64 -31.66 10.25
C HIS A 176 8.37 -31.00 11.59
N SER A 177 8.55 -31.78 12.65
CA SER A 177 8.35 -31.26 13.99
C SER A 177 9.48 -30.30 14.36
N VAL A 178 9.34 -29.65 15.51
CA VAL A 178 10.37 -28.78 16.03
C VAL A 178 11.23 -29.59 17.00
N SER A 179 10.59 -30.52 17.72
CA SER A 179 11.31 -31.35 18.67
C SER A 179 12.24 -32.34 17.96
N SER A 180 11.71 -33.04 16.95
CA SER A 180 12.52 -34.04 16.24
C SER A 180 13.67 -33.37 15.48
N VAL A 181 13.40 -32.24 14.83
CA VAL A 181 14.45 -31.53 14.11
C VAL A 181 15.53 -31.04 15.07
N LYS A 182 15.11 -30.49 16.22
CA LYS A 182 16.08 -30.04 17.21
C LYS A 182 16.92 -31.19 17.74
N LYS A 183 16.28 -32.33 18.01
CA LYS A 183 17.03 -33.50 18.48
C LYS A 183 18.02 -33.98 17.43
N ALA A 184 17.59 -34.01 16.16
CA ALA A 184 18.48 -34.45 15.09
C ALA A 184 19.67 -33.52 14.93
N VAL A 185 19.43 -32.21 15.02
CA VAL A 185 20.53 -31.25 14.90
C VAL A 185 21.48 -31.39 16.09
N LEU A 186 20.93 -31.64 17.29
CA LEU A 186 21.80 -31.88 18.44
C LEU A 186 22.65 -33.13 18.25
N GLN A 187 22.05 -34.19 17.71
CA GLN A 187 22.81 -35.42 17.45
C GLN A 187 23.90 -35.18 16.42
N ALA A 188 23.59 -34.46 15.35
CA ALA A 188 24.57 -34.22 14.29
C ALA A 188 25.69 -33.29 14.76
N LEU A 189 25.37 -32.33 15.63
CA LEU A 189 26.39 -31.42 16.13
C LEU A 189 27.42 -32.15 16.99
N GLN A 190 26.98 -33.11 17.79
CA GLN A 190 27.86 -33.84 18.69
C GLN A 190 28.51 -35.05 18.03
N GLY A 191 28.42 -35.17 16.70
CA GLY A 191 29.04 -36.27 15.99
C GLY A 191 28.43 -37.63 16.29
N LYS A 192 27.11 -37.72 16.35
CA LYS A 192 26.40 -38.97 16.57
C LYS A 192 25.55 -39.31 15.34
N LYS A 193 25.04 -40.53 15.32
CA LYS A 193 24.13 -40.93 14.25
C LYS A 193 22.83 -40.14 14.38
N VAL A 194 22.32 -39.67 13.24
CA VAL A 194 21.18 -38.76 13.19
C VAL A 194 19.91 -39.56 12.96
N THR A 195 18.93 -39.37 13.82
CA THR A 195 17.63 -40.01 13.68
C THR A 195 16.73 -39.18 12.78
N LYS A 196 15.97 -39.86 11.92
CA LYS A 196 15.12 -39.16 10.96
C LYS A 196 14.03 -38.38 11.70
N PRO A 197 13.89 -37.08 11.43
CA PRO A 197 12.82 -36.31 12.09
C PRO A 197 11.44 -36.76 11.64
N LYS A 198 10.47 -36.55 12.52
CA LYS A 198 9.10 -37.01 12.30
C LYS A 198 8.23 -35.88 11.77
N VAL A 199 7.34 -36.22 10.84
CA VAL A 199 6.41 -35.25 10.29
C VAL A 199 5.33 -34.93 11.32
N GLU A 200 5.05 -33.64 11.51
CA GLU A 200 4.20 -33.18 12.59
C GLU A 200 3.20 -32.14 12.09
N PHE A 201 2.43 -32.48 11.05
CA PHE A 201 1.39 -31.61 10.49
C PHE A 201 0.64 -30.85 11.58
N PRO A 202 0.39 -29.56 11.39
CA PRO A 202 -0.14 -28.73 12.48
C PRO A 202 -1.53 -29.18 12.93
N GLU A 203 -1.80 -28.97 14.22
CA GLU A 203 -3.08 -29.27 14.88
C GLU A 203 -3.68 -30.58 14.40
N PHE A 204 -2.84 -31.61 14.26
CA PHE A 204 -3.26 -32.91 13.74
C PHE A 204 -3.32 -33.91 14.88
N ARG A 205 -4.47 -34.56 15.04
CA ARG A 205 -4.62 -35.64 15.99
C ARG A 205 -4.51 -37.02 15.35
N GLY A 206 -4.20 -37.07 14.05
CA GLY A 206 -3.91 -38.32 13.38
C GLY A 206 -2.46 -38.71 13.55
N GLU A 207 -2.01 -39.63 12.68
CA GLU A 207 -0.65 -40.11 12.76
C GLU A 207 -0.06 -40.29 11.37
N VAL A 208 1.27 -40.17 11.29
CA VAL A 208 2.01 -40.31 10.05
C VAL A 208 2.91 -41.53 10.17
N VAL A 209 2.85 -42.41 9.19
CA VAL A 209 3.67 -43.62 9.14
C VAL A 209 4.44 -43.62 7.83
N GLU A 210 5.77 -43.63 7.93
CA GLU A 210 6.62 -43.61 6.76
C GLU A 210 6.91 -45.04 6.29
N ILE A 211 6.65 -45.31 5.02
CA ILE A 211 6.91 -46.61 4.42
C ILE A 211 7.46 -46.38 3.02
N ASP A 212 8.71 -46.82 2.79
CA ASP A 212 9.36 -46.69 1.49
C ASP A 212 9.41 -45.24 1.02
N GLY A 213 9.65 -44.32 1.95
CA GLY A 213 9.70 -42.91 1.62
C GLY A 213 8.40 -42.39 1.05
N GLN A 214 7.27 -42.86 1.56
CA GLN A 214 5.93 -42.53 1.06
C GLN A 214 5.02 -42.19 2.23
N TYR A 215 5.45 -41.26 3.08
CA TYR A 215 4.78 -40.89 4.32
C TYR A 215 3.28 -40.91 4.17
N GLU A 216 2.61 -41.71 5.00
CA GLU A 216 1.16 -41.89 4.95
C GLU A 216 0.53 -41.14 6.12
N ILE A 217 -0.38 -40.24 5.81
CA ILE A 217 -1.13 -39.48 6.80
C ILE A 217 -2.45 -40.22 7.01
N ARG A 218 -2.76 -40.56 8.27
CA ARG A 218 -3.94 -41.35 8.58
C ARG A 218 -4.69 -40.73 9.75
N GLY A 219 -6.01 -40.67 9.61
CA GLY A 219 -6.88 -40.26 10.69
C GLY A 219 -7.29 -41.44 11.56
N THR A 220 -8.22 -41.17 12.48
CA THR A 220 -8.68 -42.17 13.43
C THR A 220 -10.20 -42.18 13.46
N TYR A 221 -10.79 -43.37 13.45
CA TYR A 221 -12.21 -43.55 13.63
C TYR A 221 -12.48 -44.07 15.03
N LYS A 222 -13.75 -44.37 15.31
CA LYS A 222 -14.13 -44.95 16.60
C LYS A 222 -15.48 -45.63 16.43
N PHE A 223 -15.52 -46.94 16.63
CA PHE A 223 -16.76 -47.71 16.54
C PHE A 223 -17.46 -47.66 17.90
N THR A 224 -18.45 -46.79 18.02
CA THR A 224 -19.22 -46.67 19.25
C THR A 224 -20.31 -47.73 19.36
N SER A 225 -20.66 -48.40 18.27
CA SER A 225 -21.64 -49.47 18.26
C SER A 225 -21.46 -50.26 16.98
N ARG A 226 -22.40 -51.16 16.69
CA ARG A 226 -22.32 -52.02 15.52
C ARG A 226 -22.77 -51.34 14.23
N THR A 227 -23.70 -50.38 14.32
CA THR A 227 -24.20 -49.68 13.14
C THR A 227 -23.91 -48.18 13.18
N GLN A 228 -23.02 -47.72 14.06
CA GLN A 228 -22.69 -46.31 14.20
C GLN A 228 -21.19 -46.19 14.43
N MET A 229 -20.50 -45.43 13.60
CA MET A 229 -19.14 -45.05 13.97
C MET A 229 -18.98 -43.54 13.91
N HIS A 230 -17.91 -43.07 14.56
CA HIS A 230 -17.63 -41.65 14.70
C HIS A 230 -16.23 -41.39 14.13
N ILE A 231 -16.17 -40.70 13.00
CA ILE A 231 -14.90 -40.29 12.42
C ILE A 231 -14.35 -39.13 13.23
N THR A 232 -13.22 -39.36 13.90
CA THR A 232 -12.66 -38.38 14.81
C THR A 232 -11.64 -37.47 14.15
N GLU A 233 -10.95 -37.93 13.11
CA GLU A 233 -9.91 -37.14 12.48
C GLU A 233 -9.77 -37.58 11.03
N ILE A 234 -9.54 -36.61 10.15
CA ILE A 234 -9.38 -36.86 8.72
C ILE A 234 -8.04 -36.27 8.30
N PRO A 235 -7.47 -36.75 7.19
CA PRO A 235 -6.13 -36.29 6.80
C PRO A 235 -6.10 -34.79 6.48
N TYR A 236 -4.90 -34.23 6.57
CA TYR A 236 -4.70 -32.78 6.44
C TYR A 236 -5.10 -32.26 5.07
N LYS A 237 -5.05 -33.08 4.03
CA LYS A 237 -5.34 -32.62 2.68
C LYS A 237 -6.78 -32.14 2.54
N TYR A 238 -7.71 -32.72 3.28
CA TYR A 238 -9.14 -32.49 3.09
C TYR A 238 -9.62 -31.26 3.84
N ASP A 239 -10.70 -30.67 3.33
CA ASP A 239 -11.54 -29.73 4.07
C ASP A 239 -12.97 -30.26 4.03
N ARG A 240 -13.85 -29.58 4.77
CA ARG A 240 -15.20 -30.10 4.95
C ARG A 240 -15.94 -30.21 3.61
N GLU A 241 -15.89 -29.15 2.80
CA GLU A 241 -16.59 -29.17 1.53
C GLU A 241 -16.05 -30.25 0.59
N THR A 242 -14.73 -30.38 0.51
CA THR A 242 -14.13 -31.41 -0.34
C THR A 242 -14.46 -32.80 0.17
N TYR A 243 -14.44 -33.01 1.49
CA TYR A 243 -14.79 -34.32 2.03
C TYR A 243 -16.24 -34.68 1.71
N VAL A 244 -17.15 -33.72 1.86
CA VAL A 244 -18.56 -33.98 1.59
C VAL A 244 -18.78 -34.26 0.11
N SER A 245 -18.20 -33.43 -0.76
CA SER A 245 -18.45 -33.55 -2.19
C SER A 245 -17.69 -34.69 -2.85
N LYS A 246 -16.65 -35.22 -2.21
CA LYS A 246 -15.81 -36.23 -2.84
C LYS A 246 -16.04 -37.64 -2.32
N ILE A 247 -16.40 -37.80 -1.05
CA ILE A 247 -16.46 -39.12 -0.44
C ILE A 247 -17.86 -39.41 0.10
N LEU A 248 -18.32 -38.60 1.05
CA LEU A 248 -19.53 -38.94 1.79
C LEU A 248 -20.77 -38.88 0.91
N ASP A 249 -20.90 -37.82 0.12
CA ASP A 249 -22.03 -37.70 -0.79
C ASP A 249 -22.07 -38.90 -1.71
N PRO A 250 -20.92 -39.24 -2.32
CA PRO A 250 -20.91 -40.47 -3.13
C PRO A 250 -21.34 -41.66 -2.29
N LEU A 251 -20.85 -41.74 -1.06
CA LEU A 251 -21.22 -42.84 -0.18
C LEU A 251 -22.74 -42.85 -0.03
N GLU A 252 -23.33 -41.67 0.12
CA GLU A 252 -24.79 -41.59 0.21
C GLU A 252 -25.39 -42.07 -1.10
N ASN A 253 -24.77 -41.69 -2.21
CA ASN A 253 -25.26 -42.12 -3.51
C ASN A 253 -25.21 -43.63 -3.57
N LYS A 254 -24.15 -44.22 -3.02
CA LYS A 254 -24.07 -45.67 -2.97
C LYS A 254 -25.22 -46.19 -2.13
N GLY A 255 -25.61 -45.41 -1.12
CA GLY A 255 -26.69 -45.84 -0.25
C GLY A 255 -26.14 -46.81 0.77
N PHE A 256 -24.86 -47.11 0.67
CA PHE A 256 -24.23 -48.05 1.59
C PHE A 256 -24.25 -47.53 3.01
N ILE A 257 -24.04 -46.23 3.17
CA ILE A 257 -23.98 -45.64 4.50
C ILE A 257 -24.61 -44.26 4.57
N THR A 258 -25.03 -43.84 5.76
CA THR A 258 -25.61 -42.51 5.93
C THR A 258 -24.85 -41.79 7.03
N TRP A 259 -24.46 -40.54 6.79
CA TRP A 259 -23.64 -39.83 7.77
C TRP A 259 -24.26 -38.58 8.36
N ASP A 260 -23.73 -38.12 9.48
CA ASP A 260 -24.24 -36.90 10.12
C ASP A 260 -23.07 -35.96 10.36
N ASP A 261 -23.36 -34.67 10.56
CA ASP A 261 -22.28 -33.70 10.69
C ASP A 261 -22.20 -33.25 12.15
N ALA A 262 -21.07 -33.51 12.80
CA ALA A 262 -20.83 -33.09 14.17
C ALA A 262 -19.67 -32.09 14.26
N CYS A 263 -19.40 -31.35 13.19
CA CYS A 263 -18.29 -30.41 13.18
C CYS A 263 -18.54 -29.26 14.14
N GLY A 264 -17.47 -28.77 14.74
CA GLY A 264 -17.55 -27.64 15.65
C GLY A 264 -16.30 -26.79 15.64
N GLU A 265 -16.01 -26.11 16.75
CA GLU A 265 -14.79 -25.32 16.85
C GLU A 265 -13.55 -26.21 16.77
N HIS A 266 -13.65 -27.43 17.30
CA HIS A 266 -12.55 -28.38 17.23
C HIS A 266 -12.39 -28.93 15.81
N GLY A 267 -11.50 -29.89 15.63
CA GLY A 267 -11.27 -30.47 14.32
C GLY A 267 -12.46 -31.22 13.76
N PHE A 268 -12.26 -31.86 12.61
CA PHE A 268 -13.34 -32.58 11.94
C PHE A 268 -13.89 -33.69 12.83
N GLY A 269 -15.22 -33.75 12.93
CA GLY A 269 -15.88 -34.84 13.62
C GLY A 269 -17.19 -35.21 12.97
N PHE A 270 -17.31 -36.47 12.55
CA PHE A 270 -18.45 -36.94 11.78
C PHE A 270 -19.03 -38.17 12.46
N LYS A 271 -20.30 -38.46 12.18
CA LYS A 271 -20.92 -39.72 12.58
C LYS A 271 -21.51 -40.36 11.33
N VAL A 272 -21.55 -41.69 11.29
CA VAL A 272 -22.09 -42.36 10.11
C VAL A 272 -22.74 -43.67 10.52
N LYS A 273 -23.84 -44.01 9.83
CA LYS A 273 -24.55 -45.27 9.94
C LYS A 273 -24.46 -46.03 8.62
N PHE A 274 -24.48 -47.34 8.79
CA PHE A 274 -24.32 -48.20 7.67
C PHE A 274 -25.61 -48.86 7.27
N ARG A 275 -25.91 -48.89 5.98
CA ARG A 275 -27.11 -49.53 5.47
C ARG A 275 -26.80 -50.95 5.07
N LYS A 276 -27.79 -51.67 4.53
CA LYS A 276 -27.54 -53.08 4.23
C LYS A 276 -26.58 -53.27 3.07
N GLU A 277 -26.55 -52.34 2.12
CA GLU A 277 -25.70 -52.47 0.93
C GLU A 277 -24.21 -52.42 1.25
N TYR A 278 -23.82 -51.99 2.45
CA TYR A 278 -22.42 -51.91 2.84
C TYR A 278 -22.03 -53.17 3.58
N SER A 279 -20.98 -53.84 3.12
CA SER A 279 -20.51 -55.07 3.73
C SER A 279 -19.88 -54.78 5.09
N LEU A 280 -20.07 -55.72 6.01
CA LEU A 280 -19.59 -55.58 7.38
C LEU A 280 -18.92 -56.89 7.84
N SER A 281 -18.01 -57.40 7.02
CA SER A 281 -17.28 -58.63 7.34
C SER A 281 -16.57 -58.51 8.68
N ASP A 282 -16.86 -59.43 9.60
CA ASP A 282 -16.45 -59.32 10.99
C ASP A 282 -14.94 -59.22 11.17
N ASN A 283 -14.17 -59.78 10.22
CA ASN A 283 -12.72 -59.70 10.29
C ASN A 283 -12.28 -58.23 10.26
N GLU A 284 -11.71 -57.78 11.37
CA GLU A 284 -11.39 -56.36 11.53
C GLU A 284 -10.29 -55.87 10.59
N GLU A 285 -9.47 -56.77 10.05
CA GLU A 285 -8.47 -56.35 9.06
C GLU A 285 -9.14 -55.91 7.77
N GLU A 286 -10.06 -56.73 7.26
CA GLU A 286 -10.80 -56.37 6.06
C GLU A 286 -11.66 -55.14 6.28
N ARG A 287 -12.29 -55.04 7.46
CA ARG A 287 -13.08 -53.85 7.77
C ARG A 287 -12.21 -52.60 7.84
N HIS A 288 -11.03 -52.70 8.44
CA HIS A 288 -10.12 -51.56 8.49
C HIS A 288 -9.70 -51.14 7.08
N ALA A 289 -9.37 -52.12 6.23
CA ALA A 289 -9.00 -51.81 4.86
C ALA A 289 -10.15 -51.15 4.10
N LYS A 290 -11.37 -51.65 4.30
CA LYS A 290 -12.53 -51.08 3.63
C LYS A 290 -12.79 -49.65 4.10
N ILE A 291 -12.73 -49.42 5.41
CA ILE A 291 -12.97 -48.08 5.93
C ILE A 291 -11.90 -47.11 5.42
N MET A 292 -10.65 -47.56 5.38
CA MET A 292 -9.59 -46.72 4.83
C MET A 292 -9.84 -46.41 3.35
N LYS A 293 -10.20 -47.42 2.56
CA LYS A 293 -10.29 -47.22 1.13
C LYS A 293 -11.52 -46.42 0.70
N ASP A 294 -12.62 -46.51 1.45
CA ASP A 294 -13.83 -45.79 1.06
C ASP A 294 -14.12 -44.54 1.89
N PHE A 295 -13.42 -44.33 3.00
CA PHE A 295 -13.61 -43.14 3.82
C PHE A 295 -12.35 -42.29 3.89
N GLY A 296 -11.55 -42.31 2.83
CA GLY A 296 -10.33 -41.52 2.79
C GLY A 296 -9.32 -41.94 3.84
N LEU A 297 -9.06 -41.09 4.82
CA LEU A 297 -8.25 -41.40 6.00
C LEU A 297 -6.85 -41.89 5.66
N ILE A 298 -6.44 -41.81 4.39
CA ILE A 298 -5.11 -42.24 3.97
C ILE A 298 -4.64 -41.27 2.88
N GLU A 299 -3.55 -40.56 3.14
CA GLU A 299 -2.96 -39.65 2.17
C GLU A 299 -1.49 -39.99 2.01
N ARG A 300 -1.07 -40.26 0.78
CA ARG A 300 0.31 -40.61 0.50
C ARG A 300 1.06 -39.37 0.00
N ARG A 301 2.21 -39.10 0.62
CA ARG A 301 3.03 -37.95 0.27
C ARG A 301 4.49 -38.35 0.23
N SER A 302 5.25 -37.68 -0.63
CA SER A 302 6.68 -37.90 -0.77
C SER A 302 7.41 -36.56 -0.83
N GLN A 303 8.64 -36.55 -0.33
CA GLN A 303 9.44 -35.33 -0.29
C GLN A 303 10.33 -35.24 -1.52
N ASN A 304 10.63 -34.00 -1.92
CA ASN A 304 11.45 -33.69 -3.08
C ASN A 304 12.47 -32.62 -2.72
N ILE A 305 13.21 -32.86 -1.63
CA ILE A 305 14.14 -31.88 -1.07
C ILE A 305 15.10 -31.37 -2.14
N THR A 306 15.04 -30.06 -2.41
CA THR A 306 15.91 -29.42 -3.38
C THR A 306 16.14 -27.99 -2.91
N VAL A 307 17.34 -27.70 -2.45
CA VAL A 307 17.62 -26.43 -1.79
C VAL A 307 18.79 -25.72 -2.46
N ILE A 308 19.18 -24.58 -1.90
CA ILE A 308 20.28 -23.78 -2.41
C ILE A 308 21.31 -23.66 -1.30
N ASN A 309 22.54 -24.10 -1.59
CA ASN A 309 23.57 -24.13 -0.57
C ASN A 309 24.13 -22.73 -0.33
N GLU A 310 25.15 -22.65 0.54
CA GLU A 310 25.75 -21.37 0.89
C GLU A 310 26.49 -20.73 -0.27
N LYS A 311 26.79 -21.50 -1.33
CA LYS A 311 27.47 -20.98 -2.50
C LYS A 311 26.49 -20.46 -3.56
N GLY A 312 25.20 -20.50 -3.29
CA GLY A 312 24.22 -20.01 -4.24
C GLY A 312 23.84 -20.97 -5.34
N LYS A 313 24.29 -22.22 -5.27
CA LYS A 313 24.01 -23.21 -6.30
C LYS A 313 22.96 -24.20 -5.82
N LEU A 314 22.30 -24.83 -6.79
CA LEU A 314 21.28 -25.82 -6.49
C LEU A 314 21.90 -27.10 -5.93
N GLN A 315 21.16 -27.76 -5.04
CA GLN A 315 21.60 -29.04 -4.49
C GLN A 315 20.35 -29.86 -4.17
N VAL A 316 20.24 -31.04 -4.78
CA VAL A 316 19.12 -31.93 -4.56
C VAL A 316 19.55 -33.02 -3.59
N TYR A 317 18.93 -33.04 -2.42
CA TYR A 317 19.24 -34.03 -1.40
C TYR A 317 18.34 -35.25 -1.54
N ASP A 318 18.70 -36.31 -0.81
CA ASP A 318 17.92 -37.54 -0.80
C ASP A 318 17.33 -37.88 0.55
N ASN A 319 17.82 -37.28 1.64
CA ASN A 319 17.31 -37.55 2.96
C ASN A 319 17.47 -36.31 3.81
N VAL A 320 16.58 -36.15 4.80
CA VAL A 320 16.64 -34.99 5.68
C VAL A 320 17.91 -35.01 6.53
N VAL A 321 18.46 -36.19 6.79
CA VAL A 321 19.65 -36.30 7.64
C VAL A 321 20.84 -35.60 6.99
N ASP A 322 21.03 -35.82 5.68
CA ASP A 322 22.15 -35.18 4.98
C ASP A 322 21.99 -33.66 4.97
N LEU A 323 20.77 -33.17 4.75
CA LEU A 323 20.54 -31.74 4.79
C LEU A 323 20.84 -31.18 6.18
N ILE A 324 20.44 -31.91 7.23
CA ILE A 324 20.71 -31.46 8.60
C ILE A 324 22.20 -31.40 8.86
N LYS A 325 22.94 -32.41 8.39
CA LYS A 325 24.39 -32.42 8.59
C LYS A 325 25.07 -31.28 7.85
N ASP A 326 24.68 -31.04 6.60
CA ASP A 326 25.26 -29.93 5.85
C ASP A 326 24.93 -28.59 6.51
N PHE A 327 23.68 -28.43 6.96
CA PHE A 327 23.30 -27.20 7.63
C PHE A 327 24.08 -27.01 8.92
N VAL A 328 24.28 -28.09 9.69
CA VAL A 328 25.00 -27.96 10.95
C VAL A 328 26.46 -27.60 10.69
N GLU A 329 27.05 -28.13 9.61
CA GLU A 329 28.42 -27.75 9.28
C GLU A 329 28.52 -26.27 8.89
N VAL A 330 27.63 -25.82 8.02
CA VAL A 330 27.66 -24.43 7.58
C VAL A 330 27.39 -23.50 8.75
N ARG A 331 26.44 -23.86 9.61
CA ARG A 331 26.13 -23.03 10.77
C ARG A 331 27.26 -23.06 11.79
N LYS A 332 28.02 -24.15 11.87
CA LYS A 332 29.21 -24.15 12.72
C LYS A 332 30.27 -23.20 12.18
N THR A 333 30.45 -23.16 10.85
CA THR A 333 31.36 -22.19 10.28
C THR A 333 30.92 -20.77 10.58
N TYR A 334 29.62 -20.49 10.43
CA TYR A 334 29.13 -19.15 10.75
C TYR A 334 29.17 -18.85 12.24
N VAL A 335 29.08 -19.89 13.07
CA VAL A 335 29.24 -19.70 14.52
C VAL A 335 30.68 -19.33 14.84
N GLN A 336 31.65 -19.94 14.15
CA GLN A 336 33.04 -19.54 14.33
C GLN A 336 33.26 -18.10 13.87
N LYS A 337 32.63 -17.71 12.75
CA LYS A 337 32.68 -16.32 12.31
C LYS A 337 32.11 -15.39 13.36
N ARG A 338 30.97 -15.78 13.96
CA ARG A 338 30.39 -15.00 15.05
C ARG A 338 31.33 -14.92 16.24
N ILE A 339 32.02 -16.02 16.55
CA ILE A 339 32.96 -16.04 17.66
C ILE A 339 34.07 -15.01 17.43
N ASP A 340 34.64 -15.02 16.21
CA ASP A 340 35.70 -14.06 15.90
C ASP A 340 35.20 -12.63 15.97
N ASN A 341 34.03 -12.36 15.37
CA ASN A 341 33.49 -11.01 15.41
C ASN A 341 33.22 -10.57 16.84
N LYS A 342 32.68 -11.47 17.66
CA LYS A 342 32.35 -11.11 19.04
C LYS A 342 33.59 -10.89 19.88
N ILE A 343 34.64 -11.68 19.68
CA ILE A 343 35.84 -11.46 20.48
C ILE A 343 36.49 -10.13 20.10
N LYS A 344 36.50 -9.80 18.80
CA LYS A 344 37.03 -8.50 18.39
C LYS A 344 36.20 -7.37 18.99
N GLU A 345 34.87 -7.48 18.90
CA GLU A 345 34.00 -6.43 19.40
C GLU A 345 34.12 -6.26 20.91
N THR A 346 34.21 -7.37 21.65
CA THR A 346 34.30 -7.28 23.10
C THR A 346 35.68 -6.80 23.53
N GLU A 347 36.73 -7.11 22.77
CA GLU A 347 38.04 -6.54 23.05
C GLU A 347 38.01 -5.03 22.88
N SER A 348 37.41 -4.55 21.78
CA SER A 348 37.29 -3.11 21.57
C SER A 348 36.48 -2.46 22.69
N ALA A 349 35.37 -3.10 23.08
CA ALA A 349 34.56 -2.56 24.17
C ALA A 349 35.32 -2.52 25.47
N PHE A 350 36.13 -3.55 25.74
CA PHE A 350 36.89 -3.58 26.98
C PHE A 350 37.96 -2.49 27.01
N ARG A 351 38.63 -2.27 25.87
CA ARG A 351 39.58 -1.15 25.82
C ARG A 351 38.86 0.18 26.03
N LEU A 352 37.70 0.36 25.42
CA LEU A 352 36.95 1.61 25.57
C LEU A 352 36.56 1.82 27.03
N ALA A 353 36.03 0.78 27.67
CA ALA A 353 35.62 0.89 29.08
C ALA A 353 36.82 1.11 29.99
N PHE A 354 37.94 0.46 29.69
CA PHE A 354 39.16 0.64 30.49
C PHE A 354 39.64 2.08 30.40
N ALA A 355 39.63 2.65 29.19
CA ALA A 355 40.01 4.05 29.03
C ALA A 355 39.05 4.97 29.78
N LYS A 356 37.74 4.68 29.70
CA LYS A 356 36.75 5.48 30.42
C LYS A 356 37.02 5.44 31.92
N ALA A 357 37.27 4.25 32.46
CA ALA A 357 37.51 4.10 33.89
C ALA A 357 38.78 4.82 34.31
N HIS A 358 39.85 4.70 33.52
CA HIS A 358 41.09 5.40 33.85
C HIS A 358 40.90 6.91 33.84
N PHE A 359 40.19 7.43 32.83
CA PHE A 359 39.96 8.87 32.76
C PHE A 359 39.10 9.34 33.92
N ILE A 360 38.08 8.56 34.28
CA ILE A 360 37.20 8.95 35.38
C ILE A 360 37.97 8.92 36.70
N LYS A 361 38.89 7.98 36.86
CA LYS A 361 39.70 7.94 38.06
C LYS A 361 40.69 9.10 38.10
N LYS A 362 41.22 9.48 36.93
CA LYS A 362 42.14 10.61 36.88
C LYS A 362 41.43 11.92 37.24
N VAL A 363 40.23 12.14 36.70
CA VAL A 363 39.53 13.38 36.98
C VAL A 363 38.97 13.39 38.41
N ILE A 364 38.55 12.23 38.93
CA ILE A 364 38.10 12.20 40.32
C ILE A 364 39.28 12.43 41.26
N SER A 365 40.50 12.14 40.80
CA SER A 365 41.70 12.44 41.56
C SER A 365 42.34 13.76 41.16
N GLY A 366 41.78 14.46 40.18
CA GLY A 366 42.31 15.75 39.76
C GLY A 366 43.57 15.70 38.94
N GLU A 367 43.93 14.53 38.39
CA GLU A 367 45.15 14.44 37.58
C GLU A 367 45.03 15.28 36.32
N ILE A 368 43.90 15.19 35.63
CA ILE A 368 43.65 15.95 34.42
C ILE A 368 42.96 17.25 34.78
N VAL A 369 43.32 18.33 34.08
CA VAL A 369 42.75 19.65 34.29
C VAL A 369 41.67 19.88 33.24
N VAL A 370 40.47 20.22 33.69
CA VAL A 370 39.34 20.41 32.79
C VAL A 370 39.06 21.87 32.47
N GLN A 371 39.58 22.80 33.28
CA GLN A 371 39.33 24.23 33.09
C GLN A 371 40.53 24.88 32.43
N GLY A 372 40.28 25.63 31.37
CA GLY A 372 41.32 26.39 30.67
C GLY A 372 41.70 25.85 29.31
N LYS A 373 41.05 24.80 28.82
CA LYS A 373 41.41 24.19 27.55
C LYS A 373 40.40 24.60 26.47
N THR A 374 40.55 24.04 25.27
CA THR A 374 39.58 24.20 24.20
C THR A 374 39.18 22.82 23.69
N ARG A 375 38.44 22.76 22.58
CA ARG A 375 38.22 21.49 21.91
C ARG A 375 39.53 20.92 21.39
N LYS A 376 40.18 21.64 20.48
CA LYS A 376 41.45 21.17 19.92
C LYS A 376 42.54 21.10 20.99
N GLU A 377 42.58 22.07 21.90
CA GLU A 377 43.60 22.08 22.93
C GLU A 377 43.50 20.85 23.83
N LEU A 378 42.30 20.58 24.36
CA LEU A 378 42.12 19.41 25.22
C LEU A 378 42.33 18.13 24.44
N THR A 379 41.82 18.07 23.20
CA THR A 379 42.00 16.87 22.39
C THR A 379 43.47 16.56 22.15
N GLU A 380 44.28 17.57 21.84
CA GLU A 380 45.69 17.39 21.60
C GLU A 380 46.45 17.07 22.88
N GLU A 381 46.11 17.73 23.99
CA GLU A 381 46.83 17.49 25.24
C GLU A 381 46.44 16.18 25.91
N LEU A 382 45.31 15.58 25.52
CA LEU A 382 44.92 14.28 26.07
C LEU A 382 45.24 13.13 25.12
N SER A 383 45.24 13.38 23.81
CA SER A 383 45.57 12.35 22.83
C SER A 383 47.05 12.05 22.75
N LYS A 384 47.90 12.91 23.33
CA LYS A 384 49.34 12.63 23.36
C LYS A 384 49.67 11.42 24.22
N ILE A 385 48.77 11.02 25.11
CA ILE A 385 48.95 9.79 25.87
C ILE A 385 48.72 8.60 24.94
N ASP A 386 49.66 7.66 24.94
CA ASP A 386 49.59 6.55 23.99
C ASP A 386 48.36 5.69 24.23
N MET A 387 48.04 5.40 25.49
CA MET A 387 46.89 4.55 25.79
C MET A 387 45.58 5.33 25.69
N TYR A 388 45.62 6.66 25.74
CA TYR A 388 44.44 7.48 25.51
C TYR A 388 44.27 7.88 24.05
N SER A 389 45.25 7.58 23.19
CA SER A 389 45.20 7.98 21.79
C SER A 389 44.26 7.10 20.96
N SER A 390 43.84 5.95 21.47
CA SER A 390 42.93 5.09 20.72
C SER A 390 41.58 5.77 20.54
N TYR A 391 41.00 6.27 21.62
CA TYR A 391 39.73 6.99 21.58
C TYR A 391 39.87 8.26 22.40
N VAL A 392 39.47 9.39 21.82
CA VAL A 392 39.53 10.70 22.48
C VAL A 392 38.16 11.35 22.55
N ASP A 393 37.47 11.44 21.40
CA ASP A 393 36.18 12.13 21.36
C ASP A 393 35.13 11.38 22.17
N LYS A 394 34.98 10.08 21.92
CA LYS A 394 34.01 9.29 22.68
C LYS A 394 34.42 9.18 24.14
N LEU A 395 35.73 9.11 24.40
CA LEU A 395 36.22 9.03 25.77
C LEU A 395 35.85 10.29 26.55
N VAL A 396 36.02 11.46 25.93
CA VAL A 396 35.66 12.71 26.59
C VAL A 396 34.19 13.05 26.42
N GLY A 397 33.48 12.35 25.55
CA GLY A 397 32.08 12.65 25.29
C GLY A 397 31.10 12.03 26.27
N MET A 398 31.38 12.16 27.57
CA MET A 398 30.45 11.70 28.59
C MET A 398 30.04 12.85 29.50
N ASN A 399 29.24 12.58 30.52
CA ASN A 399 28.53 13.62 31.24
C ASN A 399 29.08 13.80 32.66
N ILE A 400 28.64 14.90 33.29
CA ILE A 400 28.84 15.08 34.72
C ILE A 400 28.13 13.97 35.49
N PHE A 401 26.96 13.54 35.00
CA PHE A 401 26.33 12.34 35.53
C PHE A 401 27.28 11.16 35.47
N HIS A 402 28.08 11.06 34.40
CA HIS A 402 28.96 9.91 34.24
C HIS A 402 30.12 9.96 35.21
N MET A 403 30.72 11.13 35.41
CA MET A 403 31.87 11.25 36.31
C MET A 403 31.38 11.55 37.73
N THR A 404 30.70 10.55 38.30
CA THR A 404 30.17 10.58 39.65
C THR A 404 30.98 9.64 40.53
N SER A 405 30.76 9.74 41.85
CA SER A 405 31.50 8.91 42.80
C SER A 405 31.21 7.43 42.59
N ASP A 406 29.95 7.02 42.80
CA ASP A 406 29.58 5.62 42.61
C ASP A 406 29.62 5.21 41.14
N GLU A 407 29.55 6.18 40.22
CA GLU A 407 29.66 5.84 38.81
C GLU A 407 31.05 5.31 38.47
N ALA A 408 32.08 5.70 39.22
CA ALA A 408 33.40 5.10 39.03
C ALA A 408 33.40 3.62 39.38
N LYS A 409 32.75 3.26 40.49
CA LYS A 409 32.61 1.85 40.83
C LYS A 409 31.78 1.11 39.80
N LYS A 410 30.73 1.76 39.29
CA LYS A 410 29.92 1.14 38.24
C LYS A 410 30.76 0.90 36.97
N LEU A 411 31.61 1.86 36.62
CA LEU A 411 32.49 1.67 35.46
C LEU A 411 33.50 0.56 35.70
N ALA A 412 34.00 0.44 36.94
CA ALA A 412 34.88 -0.66 37.26
C ALA A 412 34.18 -2.00 37.12
N GLU A 413 32.93 -2.09 37.58
CA GLU A 413 32.15 -3.31 37.42
C GLU A 413 31.91 -3.60 35.94
N GLU A 414 31.64 -2.56 35.15
CA GLU A 414 31.47 -2.75 33.71
C GLU A 414 32.73 -3.29 33.06
N ALA A 415 33.88 -2.75 33.46
CA ALA A 415 35.16 -3.25 32.93
C ALA A 415 35.38 -4.71 33.33
N LYS A 416 35.03 -5.05 34.57
CA LYS A 416 35.15 -6.44 35.02
C LYS A 416 34.25 -7.35 34.18
N ALA A 417 33.03 -6.91 33.89
CA ALA A 417 32.12 -7.71 33.06
C ALA A 417 32.66 -7.85 31.64
N LYS A 418 33.25 -6.77 31.10
CA LYS A 418 33.85 -6.84 29.78
C LYS A 418 34.99 -7.84 29.75
N LYS A 419 35.83 -7.83 30.78
CA LYS A 419 36.92 -8.81 30.86
C LYS A 419 36.39 -10.23 30.96
N GLU A 420 35.35 -10.43 31.79
CA GLU A 420 34.79 -11.77 31.95
C GLU A 420 34.23 -12.30 30.63
N GLU A 421 33.47 -11.46 29.92
CA GLU A 421 32.93 -11.90 28.64
C GLU A 421 34.03 -12.06 27.60
N ASN A 422 35.12 -11.29 27.71
CA ASN A 422 36.23 -11.47 26.79
C ASN A 422 36.88 -12.83 26.96
N GLU A 423 37.13 -13.23 28.22
CA GLU A 423 37.65 -14.58 28.45
C GLU A 423 36.64 -15.64 28.04
N TYR A 424 35.34 -15.38 28.25
CA TYR A 424 34.33 -16.36 27.84
C TYR A 424 34.37 -16.59 26.33
N TRP A 425 34.47 -15.50 25.56
CA TRP A 425 34.56 -15.65 24.11
C TRP A 425 35.89 -16.25 23.68
N LYS A 426 36.97 -15.95 24.41
CA LYS A 426 38.27 -16.52 24.08
C LYS A 426 38.31 -18.02 24.32
N THR A 427 37.57 -18.51 25.32
CA THR A 427 37.63 -19.92 25.69
C THR A 427 36.57 -20.76 25.01
N THR A 428 35.35 -20.24 24.85
CA THR A 428 34.25 -21.02 24.32
C THR A 428 34.47 -21.34 22.84
N ASP A 429 34.22 -22.59 22.47
CA ASP A 429 34.37 -23.06 21.11
C ASP A 429 33.01 -23.06 20.40
N VAL A 430 32.99 -23.60 19.18
CA VAL A 430 31.78 -23.53 18.36
C VAL A 430 30.69 -24.44 18.92
N VAL A 431 31.07 -25.63 19.40
CA VAL A 431 30.07 -26.60 19.83
C VAL A 431 29.30 -26.09 21.05
N THR A 432 30.02 -25.48 22.00
CA THR A 432 29.36 -24.97 23.21
C THR A 432 28.35 -23.88 22.87
N GLU A 433 28.75 -22.92 22.04
CA GLU A 433 27.83 -21.85 21.65
C GLU A 433 26.65 -22.40 20.87
N TYR A 434 26.89 -23.34 19.96
CA TYR A 434 25.80 -23.88 19.15
C TYR A 434 24.81 -24.66 20.01
N THR A 435 25.30 -25.45 20.96
CA THR A 435 24.37 -26.19 21.82
C THR A 435 23.65 -25.25 22.79
N LYS A 436 24.31 -24.18 23.22
CA LYS A 436 23.63 -23.18 24.05
C LYS A 436 22.50 -22.52 23.29
N ASP A 437 22.73 -22.18 22.01
CA ASP A 437 21.68 -21.59 21.20
C ASP A 437 20.58 -22.60 20.88
N LEU A 438 20.95 -23.88 20.74
CA LEU A 438 19.96 -24.90 20.38
C LEU A 438 19.04 -25.23 21.55
N GLU A 439 19.59 -25.29 22.77
CA GLU A 439 18.77 -25.65 23.92
C GLU A 439 17.77 -24.57 24.29
N GLU A 440 17.90 -23.36 23.74
CA GLU A 440 17.00 -22.26 24.08
C GLU A 440 15.72 -22.26 23.26
N ILE A 441 15.57 -23.18 22.31
CA ILE A 441 14.37 -23.24 21.49
C ILE A 441 13.27 -23.94 22.27
N LYS A 442 12.09 -23.31 22.33
CA LYS A 442 10.96 -23.88 23.06
C LYS A 442 10.44 -25.14 22.38
N MET B 1 -35.08 -13.52 18.13
CA MET B 1 -35.80 -12.66 17.20
C MET B 1 -36.74 -11.72 17.95
N GLN B 2 -36.33 -10.47 18.07
CA GLN B 2 -37.13 -9.44 18.73
C GLN B 2 -37.46 -8.34 17.72
N LEU B 3 -38.61 -7.69 17.94
CA LEU B 3 -39.12 -6.69 17.02
C LEU B 3 -39.31 -5.37 17.73
N ASN B 4 -38.80 -4.29 17.14
CA ASN B 4 -39.04 -2.94 17.59
C ASN B 4 -39.67 -2.15 16.44
N ASN B 5 -40.43 -1.11 16.79
CA ASN B 5 -41.15 -0.31 15.82
C ASN B 5 -40.41 1.00 15.58
N ARG B 6 -40.20 1.33 14.30
CA ARG B 6 -39.53 2.56 13.91
C ARG B 6 -40.34 3.23 12.79
N ASP B 7 -40.36 4.55 12.81
CA ASP B 7 -41.06 5.33 11.81
C ASP B 7 -40.07 5.88 10.78
N LEU B 8 -40.55 5.99 9.53
CA LEU B 8 -39.70 6.49 8.46
C LEU B 8 -39.30 7.94 8.71
N LYS B 9 -40.21 8.74 9.27
CA LYS B 9 -39.88 10.12 9.59
C LYS B 9 -38.76 10.20 10.61
N SER B 10 -38.81 9.35 11.65
CA SER B 10 -37.72 9.31 12.61
C SER B 10 -36.43 8.83 11.96
N ILE B 11 -36.53 7.92 10.98
CA ILE B 11 -35.34 7.42 10.29
C ILE B 11 -34.67 8.56 9.52
N ILE B 12 -35.45 9.32 8.75
CA ILE B 12 -34.86 10.40 7.97
C ILE B 12 -34.39 11.54 8.86
N ASP B 13 -35.06 11.76 10.00
CA ASP B 13 -34.66 12.82 10.91
C ASP B 13 -33.49 12.43 11.81
N ASN B 14 -33.17 11.15 11.90
CA ASN B 14 -32.09 10.70 12.77
C ASN B 14 -30.94 10.04 12.03
N GLU B 15 -31.23 9.20 11.04
CA GLU B 15 -30.18 8.47 10.32
C GLU B 15 -29.72 9.23 9.08
N ALA B 16 -30.65 9.53 8.17
CA ALA B 16 -30.28 10.21 6.92
C ALA B 16 -29.78 11.63 7.16
N LEU B 17 -30.28 12.30 8.20
CA LEU B 17 -29.75 13.61 8.55
C LEU B 17 -28.30 13.52 8.99
N ALA B 18 -27.95 12.45 9.71
CA ALA B 18 -26.56 12.29 10.12
C ALA B 18 -25.64 12.13 8.92
N TYR B 19 -26.10 11.40 7.90
CA TYR B 19 -25.32 11.29 6.66
C TYR B 19 -25.26 12.62 5.93
N ALA B 20 -26.38 13.35 5.88
CA ALA B 20 -26.39 14.67 5.26
C ALA B 20 -25.44 15.62 5.98
N MET B 21 -25.45 15.57 7.32
CA MET B 21 -24.50 16.37 8.09
C MET B 21 -23.07 15.90 7.92
N TYR B 22 -22.86 14.70 7.39
CA TYR B 22 -21.51 14.14 7.28
C TYR B 22 -20.82 14.58 6.00
N THR B 23 -21.37 14.25 4.84
CA THR B 23 -20.72 14.66 3.59
C THR B 23 -21.06 16.08 3.21
N VAL B 24 -20.99 16.99 4.18
CA VAL B 24 -20.98 18.43 3.95
C VAL B 24 -19.84 19.00 4.77
N GLU B 25 -19.85 18.70 6.08
CA GLU B 25 -18.86 19.20 7.01
C GLU B 25 -17.69 18.24 7.21
N ASN B 26 -17.73 17.04 6.64
CA ASN B 26 -16.70 16.05 6.92
C ASN B 26 -16.21 15.27 5.71
N ARG B 27 -16.76 15.49 4.52
CA ARG B 27 -16.20 14.69 3.43
C ARG B 27 -15.71 15.50 2.24
N ALA B 28 -16.49 16.49 1.77
CA ALA B 28 -16.20 17.04 0.45
C ALA B 28 -16.40 18.54 0.37
N ILE B 29 -16.16 19.27 1.46
CA ILE B 29 -16.14 20.73 1.38
C ILE B 29 -14.92 21.22 2.14
N PRO B 30 -14.06 22.03 1.51
CA PRO B 30 -12.78 22.38 2.12
C PRO B 30 -12.96 23.28 3.34
N ASN B 31 -12.06 23.10 4.30
CA ASN B 31 -11.99 24.03 5.42
C ASN B 31 -11.39 25.35 4.95
N MET B 32 -12.05 26.45 5.29
CA MET B 32 -11.62 27.75 4.78
C MET B 32 -10.27 28.16 5.35
N ILE B 33 -9.91 27.65 6.52
CA ILE B 33 -8.64 28.03 7.14
C ILE B 33 -7.45 27.50 6.33
N ASP B 34 -7.51 26.24 5.93
CA ASP B 34 -6.39 25.60 5.28
C ASP B 34 -6.67 25.03 3.89
N GLY B 35 -7.92 25.08 3.42
CA GLY B 35 -8.22 24.60 2.09
C GLY B 35 -8.13 23.10 1.89
N PHE B 36 -8.04 22.34 2.97
CA PHE B 36 -7.92 20.88 2.89
C PHE B 36 -9.26 20.24 3.23
N LYS B 37 -9.72 19.35 2.36
CA LYS B 37 -10.79 18.45 2.74
C LYS B 37 -10.23 17.43 3.73
N PRO B 38 -11.09 16.79 4.53
CA PRO B 38 -10.59 15.91 5.60
C PRO B 38 -9.66 14.81 5.12
N VAL B 39 -9.87 14.28 3.90
CA VAL B 39 -8.97 13.25 3.39
C VAL B 39 -7.59 13.84 3.08
N GLN B 40 -7.57 15.03 2.47
CA GLN B 40 -6.30 15.66 2.16
C GLN B 40 -5.54 16.04 3.42
N ARG B 41 -6.25 16.34 4.50
CA ARG B 41 -5.58 16.57 5.79
C ARG B 41 -4.83 15.33 6.25
N PHE B 42 -5.47 14.16 6.14
CA PHE B 42 -4.82 12.91 6.52
C PHE B 42 -3.62 12.63 5.62
N VAL B 43 -3.78 12.84 4.31
CA VAL B 43 -2.68 12.60 3.39
C VAL B 43 -1.50 13.51 3.71
N ILE B 44 -1.76 14.79 3.97
CA ILE B 44 -0.70 15.73 4.28
C ILE B 44 -0.03 15.37 5.60
N ALA B 45 -0.81 14.99 6.62
CA ALA B 45 -0.21 14.61 7.90
C ALA B 45 0.66 13.37 7.74
N ARG B 46 0.20 12.39 6.97
CA ARG B 46 1.02 11.20 6.77
C ARG B 46 2.29 11.52 6.00
N ALA B 47 2.21 12.40 5.00
CA ALA B 47 3.42 12.82 4.29
C ALA B 47 4.38 13.56 5.21
N LEU B 48 3.85 14.39 6.11
CA LEU B 48 4.68 15.08 7.07
C LEU B 48 5.40 14.10 7.98
N ASP B 49 4.69 13.08 8.46
CA ASP B 49 5.32 12.07 9.31
C ASP B 49 6.34 11.25 8.53
N LEU B 50 6.06 10.99 7.26
CA LEU B 50 6.98 10.20 6.44
C LEU B 50 8.25 10.97 6.11
N ALA B 51 8.17 12.29 5.94
CA ALA B 51 9.34 13.06 5.54
C ALA B 51 10.46 12.95 6.56
N ARG B 52 10.17 13.23 7.82
CA ARG B 52 11.13 13.14 8.92
C ARG B 52 12.47 13.76 8.58
N GLY B 53 13.55 12.98 8.69
CA GLY B 53 14.88 13.50 8.40
C GLY B 53 15.10 13.78 6.92
N ASN B 54 14.68 12.84 6.06
CA ASN B 54 14.90 12.97 4.63
C ASN B 54 13.69 13.65 4.00
N LYS B 55 13.70 14.98 4.06
CA LYS B 55 12.59 15.76 3.51
C LYS B 55 12.54 15.70 2.00
N ASP B 56 13.67 15.44 1.35
CA ASP B 56 13.74 15.37 -0.11
C ASP B 56 13.45 13.99 -0.66
N LYS B 57 13.26 12.99 0.20
CA LYS B 57 13.02 11.64 -0.27
C LYS B 57 11.62 11.50 -0.85
N PHE B 58 11.51 10.85 -2.00
CA PHE B 58 10.23 10.63 -2.66
C PHE B 58 9.66 9.30 -2.17
N HIS B 59 8.52 9.36 -1.48
CA HIS B 59 7.83 8.15 -1.04
C HIS B 59 6.71 7.81 -2.02
N LYS B 60 6.42 6.52 -2.13
CA LYS B 60 5.33 6.06 -2.97
C LYS B 60 3.99 6.47 -2.37
N LEU B 61 3.01 6.73 -3.24
CA LEU B 61 1.68 7.08 -2.76
C LEU B 61 1.00 5.91 -2.05
N ALA B 62 1.26 4.68 -2.50
CA ALA B 62 0.71 3.51 -1.83
C ALA B 62 1.16 3.46 -0.38
N SER B 63 2.37 3.92 -0.09
CA SER B 63 2.82 4.08 1.28
C SER B 63 2.36 5.38 1.90
N ILE B 64 2.14 6.42 1.08
CA ILE B 64 1.63 7.68 1.61
C ILE B 64 0.19 7.51 2.09
N ALA B 65 -0.63 6.79 1.33
CA ALA B 65 -1.96 6.40 1.80
C ALA B 65 -1.97 4.89 1.95
N GLY B 66 -1.40 4.42 3.05
CA GLY B 66 -1.53 3.06 3.51
C GLY B 66 -1.49 3.04 5.02
N GLY B 67 -1.47 4.24 5.61
CA GLY B 67 -1.35 4.40 7.03
C GLY B 67 -2.17 5.57 7.53
N VAL B 68 -3.08 6.05 6.69
CA VAL B 68 -4.01 7.08 7.14
C VAL B 68 -5.10 6.50 8.03
N ALA B 69 -5.35 5.18 7.94
CA ALA B 69 -6.36 4.56 8.79
C ALA B 69 -6.01 4.67 10.25
N ASP B 70 -4.73 4.46 10.60
CA ASP B 70 -4.29 4.65 11.97
C ASP B 70 -4.24 6.12 12.36
N LEU B 71 -4.36 7.04 11.40
CA LEU B 71 -4.42 8.46 11.68
C LEU B 71 -5.84 8.96 11.89
N GLY B 72 -6.84 8.09 11.79
CA GLY B 72 -8.22 8.47 11.95
C GLY B 72 -9.09 8.28 10.72
N TYR B 73 -8.52 7.90 9.58
CA TYR B 73 -9.31 7.68 8.38
C TYR B 73 -10.17 6.44 8.55
N HIS B 74 -11.46 6.57 8.24
CA HIS B 74 -12.41 5.49 8.43
C HIS B 74 -13.11 5.07 7.14
N HIS B 75 -12.50 5.35 5.98
CA HIS B 75 -13.22 5.27 4.72
C HIS B 75 -12.51 4.46 3.64
N GLY B 76 -11.37 3.84 3.94
CA GLY B 76 -10.68 3.06 2.94
C GLY B 76 -9.25 3.50 2.70
N GLU B 77 -8.67 3.11 1.57
CA GLU B 77 -7.28 3.48 1.29
C GLU B 77 -7.11 4.05 -0.12
N ASN B 78 -7.96 3.64 -1.05
CA ASN B 78 -7.84 4.12 -2.42
C ASN B 78 -8.29 5.57 -2.57
N SER B 79 -9.29 5.98 -1.80
CA SER B 79 -9.74 7.37 -1.85
C SER B 79 -8.63 8.32 -1.42
N ALA B 80 -7.90 7.98 -0.36
CA ALA B 80 -6.78 8.81 0.05
C ALA B 80 -5.67 8.80 -0.98
N GLN B 81 -5.44 7.67 -1.66
CA GLN B 81 -4.45 7.63 -2.72
C GLN B 81 -4.82 8.57 -3.87
N ASP B 82 -6.08 8.55 -4.27
CA ASP B 82 -6.52 9.43 -5.35
C ASP B 82 -6.46 10.90 -4.93
N ALA B 83 -6.83 11.19 -3.67
CA ALA B 83 -6.73 12.56 -3.18
C ALA B 83 -5.30 13.05 -3.16
N GLY B 84 -4.36 12.18 -2.76
CA GLY B 84 -2.96 12.56 -2.79
C GLY B 84 -2.44 12.73 -4.21
N ALA B 85 -2.87 11.87 -5.13
CA ALA B 85 -2.44 12.00 -6.52
C ALA B 85 -2.92 13.31 -7.13
N LEU B 86 -4.17 13.68 -6.86
CA LEU B 86 -4.66 14.98 -7.33
C LEU B 86 -3.92 16.12 -6.64
N MET B 87 -3.63 15.98 -5.35
CA MET B 87 -2.92 17.02 -4.61
C MET B 87 -1.50 17.20 -5.14
N ALA B 88 -0.82 16.10 -5.45
CA ALA B 88 0.59 16.12 -5.83
C ALA B 88 0.81 16.37 -7.31
N ASN B 89 -0.17 16.92 -8.01
CA ASN B 89 0.02 17.23 -9.43
C ASN B 89 1.06 18.33 -9.60
N THR B 90 1.81 18.24 -10.69
CA THR B 90 2.89 19.18 -10.95
C THR B 90 2.47 20.39 -11.77
N TRP B 91 1.53 20.23 -12.69
CA TRP B 91 1.14 21.31 -13.59
C TRP B 91 -0.21 21.92 -13.27
N ASN B 92 -1.18 21.12 -12.79
CA ASN B 92 -2.51 21.66 -12.52
C ASN B 92 -2.54 22.49 -11.24
N ASN B 93 -1.53 22.37 -10.39
CA ASN B 93 -1.50 23.09 -9.11
C ASN B 93 -0.80 24.43 -9.30
N ASN B 94 -1.53 25.52 -9.07
CA ASN B 94 -0.90 26.83 -9.09
C ASN B 94 0.13 26.95 -7.97
N PHE B 95 -0.19 26.42 -6.79
CA PHE B 95 0.70 26.46 -5.64
C PHE B 95 0.79 25.03 -5.10
N PRO B 96 1.63 24.19 -5.69
CA PRO B 96 1.66 22.78 -5.31
C PRO B 96 2.08 22.58 -3.86
N LEU B 97 1.17 22.04 -3.07
CA LEU B 97 1.45 21.71 -1.67
C LEU B 97 2.04 20.31 -1.52
N LEU B 98 2.24 19.59 -2.63
CA LEU B 98 2.84 18.26 -2.60
C LEU B 98 3.64 18.09 -3.89
N ASP B 99 4.95 18.10 -3.77
CA ASP B 99 5.81 17.90 -4.93
C ASP B 99 5.70 16.45 -5.39
N GLY B 100 5.46 16.26 -6.70
CA GLY B 100 5.19 14.95 -7.24
C GLY B 100 6.17 14.57 -8.34
N GLN B 101 6.46 13.28 -8.42
CA GLN B 101 7.29 12.70 -9.46
C GLN B 101 6.55 11.53 -10.07
N GLY B 102 6.36 11.56 -11.38
CA GLY B 102 5.64 10.49 -12.05
C GLY B 102 5.04 11.00 -13.34
N ASN B 103 4.20 10.15 -13.94
CA ASN B 103 3.52 10.47 -15.20
C ASN B 103 2.22 11.19 -14.87
N PHE B 104 2.35 12.47 -14.54
CA PHE B 104 1.19 13.30 -14.23
C PHE B 104 0.54 13.89 -15.46
N GLY B 105 1.09 13.67 -16.64
CA GLY B 105 0.55 14.30 -17.82
C GLY B 105 0.87 15.78 -17.83
N SER B 106 0.12 16.50 -18.66
CA SER B 106 0.26 17.95 -18.77
C SER B 106 -1.04 18.51 -19.33
N ARG B 107 -1.03 19.79 -19.71
CA ARG B 107 -2.19 20.38 -20.34
C ARG B 107 -2.54 19.68 -21.65
N THR B 108 -1.53 19.22 -22.38
CA THR B 108 -1.76 18.52 -23.63
C THR B 108 -2.53 17.22 -23.40
N VAL B 109 -2.05 16.37 -22.50
CA VAL B 109 -2.68 15.10 -22.17
C VAL B 109 -2.82 15.01 -20.66
N GLN B 110 -4.05 14.79 -20.19
CA GLN B 110 -4.37 14.79 -18.77
C GLN B 110 -4.72 13.36 -18.35
N LYS B 111 -3.72 12.62 -17.89
CA LYS B 111 -3.95 11.27 -17.39
C LYS B 111 -2.78 10.88 -16.49
N ALA B 112 -3.05 10.72 -15.19
CA ALA B 112 -2.04 10.21 -14.29
C ALA B 112 -1.77 8.73 -14.59
N ALA B 113 -0.72 8.18 -13.98
CA ALA B 113 -0.32 6.82 -14.33
C ALA B 113 -1.18 5.78 -13.61
N ALA B 114 -1.05 5.70 -12.28
CA ALA B 114 -1.92 4.80 -11.53
C ALA B 114 -2.30 5.33 -10.15
N SER B 115 -1.89 6.54 -9.77
CA SER B 115 -2.13 7.10 -8.44
C SER B 115 -1.43 6.28 -7.36
N ARG B 116 -0.72 5.22 -7.75
CA ARG B 116 0.07 4.43 -6.82
C ARG B 116 1.49 4.29 -7.35
N TYR B 117 1.64 4.21 -8.67
CA TYR B 117 2.97 4.21 -9.28
C TYR B 117 3.46 5.62 -9.54
N ILE B 118 3.33 6.46 -8.52
CA ILE B 118 3.86 7.83 -8.52
C ILE B 118 4.39 8.10 -7.12
N PHE B 119 5.29 9.08 -7.05
CA PHE B 119 5.94 9.44 -5.80
C PHE B 119 5.56 10.86 -5.42
N ALA B 120 5.48 11.11 -4.12
CA ALA B 120 5.10 12.44 -3.65
C ALA B 120 5.83 12.75 -2.36
N ARG B 121 6.02 14.04 -2.10
CA ARG B 121 6.68 14.51 -0.90
C ARG B 121 6.16 15.90 -0.57
N VAL B 122 6.46 16.37 0.63
CA VAL B 122 6.04 17.70 1.04
C VAL B 122 6.87 18.73 0.28
N SER B 123 6.20 19.55 -0.52
CA SER B 123 6.91 20.52 -1.34
C SER B 123 7.44 21.68 -0.50
N LYS B 124 8.34 22.46 -1.10
CA LYS B 124 8.86 23.64 -0.42
C LYS B 124 7.78 24.69 -0.20
N ASN B 125 6.77 24.72 -1.06
CA ASN B 125 5.66 25.65 -0.88
C ASN B 125 4.94 25.39 0.42
N PHE B 126 4.71 24.12 0.75
CA PHE B 126 4.05 23.78 2.01
C PHE B 126 4.84 24.28 3.21
N TYR B 127 6.15 24.06 3.21
CA TYR B 127 6.97 24.54 4.30
C TYR B 127 7.10 26.05 4.30
N ASN B 128 6.79 26.70 3.17
CA ASN B 128 6.78 28.16 3.15
C ASN B 128 5.51 28.73 3.78
N VAL B 129 4.35 28.42 3.20
CA VAL B 129 3.12 29.07 3.63
C VAL B 129 2.64 28.51 4.97
N TYR B 130 2.64 27.17 5.10
CA TYR B 130 2.16 26.53 6.34
C TYR B 130 3.22 26.72 7.42
N LYS B 131 3.31 27.96 7.89
CA LYS B 131 4.35 28.34 8.85
C LYS B 131 4.19 27.59 10.17
N ASP B 132 2.95 27.46 10.65
CA ASP B 132 2.69 26.84 11.96
C ASP B 132 1.67 25.73 11.80
N THR B 133 2.01 24.55 12.34
CA THR B 133 1.08 23.44 12.43
C THR B 133 0.98 22.85 13.83
N GLU B 134 1.92 23.15 14.72
CA GLU B 134 1.87 22.61 16.07
C GLU B 134 0.78 23.30 16.90
N TYR B 135 0.55 24.58 16.67
CA TYR B 135 -0.42 25.36 17.43
C TYR B 135 -1.83 25.27 16.87
N ALA B 136 -2.04 24.43 15.85
CA ALA B 136 -3.36 24.27 15.28
C ALA B 136 -4.30 23.61 16.29
N PRO B 137 -5.59 23.93 16.23
CA PRO B 137 -6.54 23.34 17.19
C PRO B 137 -6.69 21.84 17.00
N VAL B 138 -6.98 21.16 18.10
CA VAL B 138 -7.09 19.71 18.12
C VAL B 138 -8.53 19.31 17.82
N HIS B 139 -8.69 18.23 17.06
CA HIS B 139 -10.01 17.72 16.74
C HIS B 139 -10.71 17.22 18.01
N GLN B 140 -12.03 17.37 18.04
CA GLN B 140 -12.81 16.86 19.16
C GLN B 140 -12.71 15.34 19.28
N ASP B 141 -12.58 14.65 18.14
CA ASP B 141 -12.39 13.20 18.17
C ASP B 141 -11.07 12.86 18.83
N LYS B 142 -11.10 11.86 19.72
CA LYS B 142 -9.89 11.41 20.38
C LYS B 142 -9.01 10.54 19.48
N GLU B 143 -9.57 10.05 18.37
CA GLU B 143 -8.83 9.23 17.42
C GLU B 143 -8.45 10.00 16.17
N HIS B 144 -8.54 11.33 16.19
CA HIS B 144 -8.21 12.18 15.06
C HIS B 144 -6.92 12.93 15.43
N ILE B 145 -5.79 12.27 15.20
CA ILE B 145 -4.50 12.88 15.55
C ILE B 145 -4.20 14.13 14.73
N PRO B 146 -4.43 14.17 13.41
CA PRO B 146 -4.26 15.43 12.68
C PRO B 146 -5.14 16.51 13.26
N PRO B 147 -4.67 17.76 13.29
CA PRO B 147 -5.43 18.84 13.92
C PRO B 147 -6.74 19.10 13.19
N ALA B 148 -7.55 19.97 13.78
CA ALA B 148 -8.82 20.33 13.16
C ALA B 148 -8.59 20.93 11.78
N PHE B 149 -7.62 21.83 11.67
CA PHE B 149 -7.18 22.32 10.37
C PHE B 149 -5.77 22.88 10.53
N TYR B 150 -5.04 22.93 9.42
CA TYR B 150 -3.73 23.55 9.42
C TYR B 150 -3.87 25.07 9.37
N LEU B 151 -2.75 25.75 9.56
CA LEU B 151 -2.73 27.21 9.69
C LEU B 151 -1.75 27.81 8.69
N PRO B 152 -2.15 27.91 7.42
CA PRO B 152 -1.26 28.55 6.43
C PRO B 152 -1.24 30.06 6.62
N ILE B 153 -0.29 30.69 5.93
CA ILE B 153 -0.15 32.14 5.99
C ILE B 153 -1.18 32.82 5.10
N ILE B 154 -1.28 32.39 3.85
CA ILE B 154 -2.29 32.91 2.93
C ILE B 154 -3.36 31.84 2.75
N PRO B 155 -4.60 32.21 2.41
CA PRO B 155 -5.62 31.17 2.21
C PRO B 155 -5.36 30.36 0.95
N THR B 156 -4.91 29.12 1.15
CA THR B 156 -4.57 28.23 0.04
C THR B 156 -5.79 27.60 -0.60
N VAL B 157 -6.99 27.86 -0.07
CA VAL B 157 -8.20 27.31 -0.66
C VAL B 157 -8.42 27.87 -2.06
N LEU B 158 -8.15 29.15 -2.25
CA LEU B 158 -8.31 29.79 -3.55
C LEU B 158 -7.02 29.83 -4.36
N LEU B 159 -5.90 29.37 -3.79
CA LEU B 159 -4.65 29.34 -4.54
C LEU B 159 -4.69 28.31 -5.66
N ASN B 160 -5.12 27.09 -5.34
CA ASN B 160 -5.10 26.01 -6.31
C ASN B 160 -6.44 25.83 -7.02
N GLY B 161 -7.54 26.10 -6.34
CA GLY B 161 -8.86 25.96 -6.95
C GLY B 161 -9.56 24.68 -6.56
N VAL B 162 -10.49 24.77 -5.61
CA VAL B 162 -11.21 23.61 -5.12
C VAL B 162 -12.53 23.49 -5.85
N SER B 163 -13.07 22.27 -5.88
CA SER B 163 -14.37 22.01 -6.51
C SER B 163 -14.94 20.75 -5.87
N GLY B 164 -15.90 20.92 -4.97
CA GLY B 164 -16.42 19.79 -4.23
C GLY B 164 -17.93 19.78 -4.06
N ILE B 165 -18.57 18.69 -4.46
CA ILE B 165 -20.01 18.53 -4.32
C ILE B 165 -20.31 17.98 -2.93
N ALA B 166 -21.57 18.06 -2.52
CA ALA B 166 -22.00 17.57 -1.22
C ALA B 166 -23.49 17.26 -1.32
N THR B 167 -24.14 17.09 -0.17
CA THR B 167 -25.59 16.86 -0.10
C THR B 167 -26.25 18.14 0.38
N GLY B 168 -26.96 18.82 -0.51
CA GLY B 168 -27.58 20.09 -0.21
C GLY B 168 -26.67 21.30 -0.38
N TYR B 169 -25.40 21.09 -0.71
CA TYR B 169 -24.46 22.19 -0.88
C TYR B 169 -23.38 21.76 -1.86
N ALA B 170 -22.65 22.76 -2.38
CA ALA B 170 -21.52 22.51 -3.26
C ALA B 170 -20.61 23.73 -3.23
N THR B 171 -19.35 23.52 -3.63
CA THR B 171 -18.35 24.57 -3.64
C THR B 171 -17.56 24.52 -4.94
N TYR B 172 -17.19 25.71 -5.42
CA TYR B 172 -16.37 25.84 -6.62
C TYR B 172 -15.64 27.17 -6.53
N ILE B 173 -14.32 27.13 -6.39
CA ILE B 173 -13.51 28.32 -6.23
C ILE B 173 -12.41 28.31 -7.27
N LEU B 174 -12.25 29.43 -7.97
CA LEU B 174 -11.27 29.57 -9.06
C LEU B 174 -9.86 29.73 -8.50
N PRO B 175 -8.85 29.32 -9.27
CA PRO B 175 -7.47 29.55 -8.84
C PRO B 175 -7.12 31.02 -8.83
N HIS B 176 -6.24 31.40 -7.91
CA HIS B 176 -5.78 32.78 -7.79
C HIS B 176 -4.25 32.81 -7.73
N SER B 177 -3.69 33.93 -8.18
CA SER B 177 -2.24 34.11 -8.16
C SER B 177 -1.75 34.30 -6.73
N VAL B 178 -0.55 33.78 -6.45
CA VAL B 178 0.01 33.90 -5.11
C VAL B 178 0.30 35.36 -4.78
N SER B 179 0.78 36.13 -5.76
CA SER B 179 1.13 37.52 -5.51
C SER B 179 -0.10 38.36 -5.19
N SER B 180 -1.17 38.19 -5.96
CA SER B 180 -2.39 38.95 -5.70
C SER B 180 -3.01 38.57 -4.35
N VAL B 181 -3.00 37.27 -4.02
CA VAL B 181 -3.52 36.83 -2.73
C VAL B 181 -2.69 37.42 -1.60
N LYS B 182 -1.37 37.43 -1.75
CA LYS B 182 -0.50 38.01 -0.74
C LYS B 182 -0.78 39.51 -0.57
N LYS B 183 -0.96 40.23 -1.69
CA LYS B 183 -1.27 41.65 -1.61
C LYS B 183 -2.61 41.88 -0.91
N ALA B 184 -3.62 41.08 -1.23
CA ALA B 184 -4.91 41.22 -0.59
C ALA B 184 -4.83 40.95 0.90
N VAL B 185 -4.07 39.92 1.29
CA VAL B 185 -3.89 39.62 2.70
C VAL B 185 -3.19 40.77 3.41
N LEU B 186 -2.17 41.35 2.76
CA LEU B 186 -1.49 42.51 3.35
C LEU B 186 -2.46 43.68 3.56
N GLN B 187 -3.24 44.00 2.53
CA GLN B 187 -4.17 45.12 2.63
C GLN B 187 -5.21 44.89 3.72
N ALA B 188 -5.72 43.66 3.81
CA ALA B 188 -6.66 43.34 4.89
C ALA B 188 -5.98 43.39 6.24
N LEU B 189 -4.68 43.08 6.29
CA LEU B 189 -3.94 43.13 7.55
C LEU B 189 -3.81 44.56 8.06
N GLN B 190 -3.36 45.47 7.21
CA GLN B 190 -3.06 46.82 7.65
C GLN B 190 -4.18 47.82 7.39
N GLY B 191 -5.37 47.34 7.02
CA GLY B 191 -6.58 48.13 7.11
C GLY B 191 -7.01 48.87 5.86
N LYS B 192 -6.20 48.92 4.82
CA LYS B 192 -6.64 49.59 3.61
C LYS B 192 -7.62 48.73 2.83
N LYS B 193 -8.27 49.33 1.85
CA LYS B 193 -9.25 48.63 1.04
C LYS B 193 -8.61 47.46 0.31
N VAL B 194 -9.30 46.31 0.34
CA VAL B 194 -8.77 45.08 -0.24
C VAL B 194 -9.20 44.98 -1.69
N THR B 195 -8.21 44.91 -2.58
CA THR B 195 -8.50 44.72 -3.99
C THR B 195 -8.86 43.26 -4.27
N LYS B 196 -9.56 43.04 -5.37
CA LYS B 196 -9.95 41.69 -5.76
C LYS B 196 -8.76 40.95 -6.35
N PRO B 197 -8.35 39.82 -5.78
CA PRO B 197 -7.25 39.06 -6.38
C PRO B 197 -7.60 38.59 -7.79
N LYS B 198 -6.58 38.54 -8.64
CA LYS B 198 -6.76 38.15 -10.02
C LYS B 198 -6.63 36.65 -10.18
N VAL B 199 -7.43 36.09 -11.09
CA VAL B 199 -7.39 34.66 -11.36
C VAL B 199 -6.20 34.37 -12.27
N GLU B 200 -5.36 33.43 -11.85
CA GLU B 200 -4.16 33.06 -12.60
C GLU B 200 -4.09 31.54 -12.68
N PHE B 201 -4.40 31.00 -13.86
CA PHE B 201 -4.25 29.58 -14.10
C PHE B 201 -2.77 29.22 -14.27
N PRO B 202 -2.37 28.03 -13.86
CA PRO B 202 -0.96 27.63 -14.00
C PRO B 202 -0.55 27.59 -15.46
N GLU B 203 0.70 27.99 -15.73
CA GLU B 203 1.30 28.01 -17.06
C GLU B 203 0.34 28.55 -18.13
N PHE B 204 -0.43 29.57 -17.76
CA PHE B 204 -1.44 30.13 -18.65
C PHE B 204 -0.90 31.38 -19.34
N ARG B 205 -0.95 31.40 -20.66
CA ARG B 205 -0.47 32.51 -21.45
C ARG B 205 -1.55 33.53 -21.77
N GLY B 206 -2.79 33.27 -21.38
CA GLY B 206 -3.89 34.18 -21.63
C GLY B 206 -4.11 35.13 -20.47
N GLU B 207 -5.26 35.80 -20.51
CA GLU B 207 -5.64 36.75 -19.48
C GLU B 207 -7.09 36.51 -19.06
N VAL B 208 -7.40 36.89 -17.83
CA VAL B 208 -8.74 36.74 -17.28
C VAL B 208 -9.31 38.12 -17.02
N VAL B 209 -10.64 38.22 -17.09
CA VAL B 209 -11.32 39.48 -16.79
C VAL B 209 -12.54 39.20 -15.93
N GLU B 210 -12.77 40.07 -14.95
CA GLU B 210 -13.92 39.93 -14.08
C GLU B 210 -15.11 40.69 -14.66
N ILE B 211 -16.22 39.99 -14.87
CA ILE B 211 -17.45 40.59 -15.36
C ILE B 211 -18.57 40.30 -14.38
N ASP B 212 -18.88 41.28 -13.52
CA ASP B 212 -19.97 41.19 -12.57
C ASP B 212 -20.03 39.83 -11.87
N GLY B 213 -18.95 39.43 -11.22
CA GLY B 213 -18.86 38.15 -10.55
C GLY B 213 -18.34 36.99 -11.40
N GLN B 214 -18.81 36.90 -12.64
CA GLN B 214 -18.28 35.90 -13.56
C GLN B 214 -16.84 36.21 -13.91
N TYR B 215 -16.12 35.19 -14.36
CA TYR B 215 -14.76 35.35 -14.84
C TYR B 215 -14.69 34.86 -16.28
N GLU B 216 -14.25 35.73 -17.18
CA GLU B 216 -14.11 35.42 -18.60
C GLU B 216 -12.65 35.09 -18.86
N ILE B 217 -12.42 33.90 -19.38
CA ILE B 217 -11.08 33.42 -19.76
C ILE B 217 -11.02 33.46 -21.27
N ARG B 218 -10.04 34.18 -21.80
CA ARG B 218 -9.92 34.43 -23.23
C ARG B 218 -8.62 33.86 -23.76
N GLY B 219 -8.69 33.19 -24.90
CA GLY B 219 -7.51 32.73 -25.59
C GLY B 219 -6.85 33.85 -26.38
N THR B 220 -5.68 33.54 -26.93
CA THR B 220 -4.88 34.51 -27.65
C THR B 220 -4.62 34.01 -29.06
N TYR B 221 -4.86 34.87 -30.04
CA TYR B 221 -4.58 34.57 -31.44
C TYR B 221 -3.88 35.77 -32.07
N LYS B 222 -2.98 35.49 -33.00
CA LYS B 222 -2.28 36.53 -33.75
C LYS B 222 -2.42 36.24 -35.24
N PHE B 223 -2.88 37.23 -35.99
CA PHE B 223 -3.10 37.06 -37.43
C PHE B 223 -1.76 37.19 -38.14
N THR B 224 -1.26 36.07 -38.66
CA THR B 224 -0.04 36.11 -39.47
C THR B 224 -0.25 36.94 -40.73
N SER B 225 -1.40 36.79 -41.37
CA SER B 225 -1.77 37.56 -42.55
C SER B 225 -3.30 37.60 -42.61
N ARG B 226 -3.82 38.01 -43.76
CA ARG B 226 -5.26 38.01 -43.97
C ARG B 226 -5.79 36.65 -44.41
N THR B 227 -4.95 35.62 -44.39
CA THR B 227 -5.34 34.27 -44.79
C THR B 227 -5.15 33.25 -43.69
N GLN B 228 -4.12 33.38 -42.86
CA GLN B 228 -3.83 32.41 -41.82
C GLN B 228 -3.46 33.12 -40.53
N MET B 229 -3.62 32.41 -39.42
CA MET B 229 -3.32 32.95 -38.10
C MET B 229 -2.74 31.85 -37.22
N HIS B 230 -2.24 32.27 -36.05
CA HIS B 230 -1.62 31.39 -35.07
C HIS B 230 -2.32 31.57 -33.74
N ILE B 231 -2.94 30.50 -33.24
CA ILE B 231 -3.54 30.50 -31.92
C ILE B 231 -2.48 30.06 -30.91
N THR B 232 -2.13 30.96 -29.99
CA THR B 232 -1.05 30.69 -29.06
C THR B 232 -1.54 30.11 -27.73
N GLU B 233 -2.68 30.58 -27.25
CA GLU B 233 -3.20 30.14 -25.96
C GLU B 233 -4.68 29.83 -26.07
N ILE B 234 -5.12 28.87 -25.27
CA ILE B 234 -6.52 28.41 -25.24
C ILE B 234 -6.98 28.40 -23.80
N PRO B 235 -8.29 28.45 -23.56
CA PRO B 235 -8.80 28.39 -22.18
C PRO B 235 -8.37 27.12 -21.45
N TYR B 236 -8.47 27.16 -20.13
CA TYR B 236 -7.97 26.09 -19.29
C TYR B 236 -8.82 24.83 -19.37
N LYS B 237 -10.09 24.95 -19.78
CA LYS B 237 -10.98 23.78 -19.79
C LYS B 237 -10.73 22.86 -20.98
N TYR B 238 -9.99 23.31 -21.99
CA TYR B 238 -9.87 22.57 -23.25
C TYR B 238 -8.62 21.71 -23.21
N ASP B 239 -8.81 20.41 -23.40
CA ASP B 239 -7.71 19.48 -23.63
C ASP B 239 -7.45 19.35 -25.12
N ARG B 240 -6.32 18.72 -25.46
CA ARG B 240 -5.96 18.55 -26.86
C ARG B 240 -7.03 17.76 -27.61
N GLU B 241 -7.43 16.60 -27.08
CA GLU B 241 -8.42 15.78 -27.76
C GLU B 241 -9.76 16.49 -27.83
N THR B 242 -10.18 17.12 -26.72
CA THR B 242 -11.47 17.81 -26.71
C THR B 242 -11.48 18.97 -27.68
N TYR B 243 -10.42 19.78 -27.67
CA TYR B 243 -10.33 20.91 -28.60
C TYR B 243 -10.31 20.44 -30.04
N VAL B 244 -9.57 19.37 -30.32
CA VAL B 244 -9.44 18.90 -31.70
C VAL B 244 -10.76 18.33 -32.21
N SER B 245 -11.43 17.49 -31.40
CA SER B 245 -12.59 16.75 -31.86
C SER B 245 -13.92 17.41 -31.51
N LYS B 246 -13.90 18.57 -30.87
CA LYS B 246 -15.15 19.22 -30.46
C LYS B 246 -15.40 20.56 -31.15
N ILE B 247 -14.36 21.34 -31.41
CA ILE B 247 -14.55 22.63 -32.06
C ILE B 247 -13.63 22.86 -33.26
N LEU B 248 -12.52 22.14 -33.39
CA LEU B 248 -11.66 22.33 -34.56
C LEU B 248 -12.16 21.52 -35.75
N ASP B 249 -12.21 20.20 -35.61
CA ASP B 249 -12.67 19.35 -36.70
C ASP B 249 -14.09 19.67 -37.16
N PRO B 250 -15.08 19.97 -36.29
CA PRO B 250 -16.42 20.34 -36.77
C PRO B 250 -16.40 21.44 -37.82
N LEU B 251 -15.81 22.59 -37.48
CA LEU B 251 -15.76 23.68 -38.45
C LEU B 251 -14.85 23.34 -39.63
N GLU B 252 -13.75 22.63 -39.37
CA GLU B 252 -12.86 22.24 -40.46
C GLU B 252 -13.58 21.40 -41.51
N ASN B 253 -14.56 20.59 -41.08
CA ASN B 253 -15.28 19.73 -42.01
C ASN B 253 -16.09 20.54 -43.00
N LYS B 254 -16.72 21.63 -42.54
CA LYS B 254 -17.59 22.42 -43.41
C LYS B 254 -16.81 23.49 -44.17
N GLY B 255 -15.69 23.08 -44.79
CA GLY B 255 -14.93 23.96 -45.67
C GLY B 255 -14.47 25.26 -45.05
N PHE B 256 -14.42 25.35 -43.72
CA PHE B 256 -14.12 26.62 -43.06
C PHE B 256 -12.61 26.84 -42.91
N ILE B 257 -11.93 25.93 -42.21
CA ILE B 257 -10.55 26.13 -41.78
C ILE B 257 -9.70 24.94 -42.20
N THR B 258 -8.39 25.12 -42.07
CA THR B 258 -7.41 24.04 -42.22
C THR B 258 -6.35 24.25 -41.16
N TRP B 259 -6.28 23.34 -40.19
CA TRP B 259 -5.47 23.53 -39.00
C TRP B 259 -4.34 22.51 -38.92
N ASP B 260 -3.28 22.90 -38.20
CA ASP B 260 -2.20 21.98 -37.88
C ASP B 260 -1.61 22.37 -36.53
N ASP B 261 -0.93 21.40 -35.92
CA ASP B 261 -0.49 21.50 -34.53
C ASP B 261 0.90 22.10 -34.42
N ALA B 262 1.17 22.71 -33.26
CA ALA B 262 2.49 23.21 -32.91
C ALA B 262 2.80 22.94 -31.45
N CYS B 263 2.31 21.84 -30.90
CA CYS B 263 2.47 21.54 -29.49
C CYS B 263 3.92 21.27 -29.12
N GLY B 264 4.31 21.70 -27.93
CA GLY B 264 5.65 21.44 -27.41
C GLY B 264 5.62 21.45 -25.90
N GLU B 265 6.71 21.95 -25.30
CA GLU B 265 6.74 22.13 -23.84
C GLU B 265 5.68 23.14 -23.41
N HIS B 266 5.81 24.37 -23.87
CA HIS B 266 4.76 25.39 -23.71
C HIS B 266 3.83 25.30 -24.93
N GLY B 267 3.18 24.14 -25.04
CA GLY B 267 2.45 23.77 -26.24
C GLY B 267 1.09 24.39 -26.37
N PHE B 268 0.19 23.64 -27.00
CA PHE B 268 -1.18 24.02 -27.34
C PHE B 268 -1.23 25.12 -28.39
N GLY B 269 -0.13 25.39 -29.08
CA GLY B 269 -0.16 26.32 -30.19
C GLY B 269 -0.64 25.63 -31.46
N PHE B 270 -1.46 26.36 -32.22
CA PHE B 270 -2.01 25.84 -33.47
C PHE B 270 -1.84 26.88 -34.56
N LYS B 271 -1.71 26.41 -35.80
CA LYS B 271 -1.68 27.30 -36.96
C LYS B 271 -2.84 26.94 -37.87
N VAL B 272 -3.66 27.94 -38.19
CA VAL B 272 -4.86 27.70 -38.97
C VAL B 272 -4.86 28.60 -40.19
N LYS B 273 -5.43 28.09 -41.28
CA LYS B 273 -5.56 28.80 -42.54
C LYS B 273 -7.02 28.87 -42.92
N PHE B 274 -7.49 30.05 -43.32
CA PHE B 274 -8.90 30.27 -43.63
C PHE B 274 -9.19 29.92 -45.07
N ARG B 275 -10.28 29.20 -45.29
CA ARG B 275 -10.71 28.81 -46.63
C ARG B 275 -11.68 29.87 -47.17
N LYS B 276 -12.31 29.57 -48.30
CA LYS B 276 -13.24 30.51 -48.91
C LYS B 276 -14.59 30.53 -48.20
N GLU B 277 -15.02 29.40 -47.64
CA GLU B 277 -16.33 29.34 -47.00
C GLU B 277 -16.39 30.25 -45.77
N TYR B 278 -15.30 30.30 -45.01
CA TYR B 278 -15.24 31.17 -43.83
C TYR B 278 -15.28 32.63 -44.29
N SER B 279 -16.42 33.29 -44.07
CA SER B 279 -16.63 34.65 -44.54
C SER B 279 -16.10 35.61 -43.48
N LEU B 280 -14.81 35.95 -43.59
CA LEU B 280 -14.19 36.88 -42.67
C LEU B 280 -14.50 38.31 -43.07
N SER B 281 -14.85 39.13 -42.08
CA SER B 281 -15.21 40.53 -42.31
C SER B 281 -14.02 41.42 -42.00
N ASP B 282 -13.79 42.42 -42.87
CA ASP B 282 -12.67 43.34 -42.68
C ASP B 282 -12.86 44.22 -41.46
N ASN B 283 -14.09 44.38 -40.98
CA ASN B 283 -14.34 45.14 -39.75
C ASN B 283 -13.73 44.39 -38.57
N GLU B 284 -12.79 45.04 -37.87
CA GLU B 284 -12.02 44.36 -36.84
C GLU B 284 -12.87 43.96 -35.64
N GLU B 285 -13.93 44.72 -35.32
CA GLU B 285 -14.72 44.44 -34.13
C GLU B 285 -15.48 43.13 -34.27
N GLU B 286 -16.34 43.02 -35.29
CA GLU B 286 -17.10 41.81 -35.48
C GLU B 286 -16.20 40.64 -35.86
N ARG B 287 -15.09 40.90 -36.55
CA ARG B 287 -14.13 39.83 -36.83
C ARG B 287 -13.55 39.27 -35.54
N HIS B 288 -13.14 40.15 -34.63
CA HIS B 288 -12.60 39.71 -33.35
C HIS B 288 -13.64 38.92 -32.56
N ALA B 289 -14.88 39.43 -32.52
CA ALA B 289 -15.93 38.74 -31.78
C ALA B 289 -16.22 37.37 -32.37
N LYS B 290 -16.31 37.27 -33.70
CA LYS B 290 -16.64 36.01 -34.34
C LYS B 290 -15.49 35.01 -34.21
N ILE B 291 -14.25 35.48 -34.27
CA ILE B 291 -13.12 34.58 -34.07
C ILE B 291 -13.07 34.08 -32.64
N MET B 292 -13.36 34.97 -31.67
CA MET B 292 -13.39 34.55 -30.27
C MET B 292 -14.48 33.52 -30.01
N LYS B 293 -15.66 33.71 -30.60
CA LYS B 293 -16.79 32.82 -30.35
C LYS B 293 -16.68 31.51 -31.12
N ASP B 294 -16.25 31.54 -32.38
CA ASP B 294 -16.30 30.36 -33.23
C ASP B 294 -15.32 29.29 -32.75
N PHE B 295 -14.08 29.67 -32.48
CA PHE B 295 -13.08 28.73 -31.99
C PHE B 295 -13.16 28.52 -30.49
N GLY B 296 -14.05 29.23 -29.80
CA GLY B 296 -14.27 29.01 -28.38
C GLY B 296 -13.12 29.39 -27.48
N LEU B 297 -12.41 30.47 -27.81
CA LEU B 297 -11.40 30.97 -26.89
C LEU B 297 -12.02 31.66 -25.67
N ILE B 298 -13.32 31.88 -25.67
CA ILE B 298 -14.02 32.59 -24.60
C ILE B 298 -14.75 31.57 -23.74
N GLU B 299 -14.43 31.55 -22.45
CA GLU B 299 -15.17 30.76 -21.48
C GLU B 299 -15.56 31.65 -20.30
N ARG B 300 -16.64 31.26 -19.63
CA ARG B 300 -17.12 32.00 -18.46
C ARG B 300 -17.33 31.03 -17.31
N ARG B 301 -16.73 31.34 -16.16
CA ARG B 301 -16.84 30.50 -14.98
C ARG B 301 -17.26 31.35 -13.79
N SER B 302 -18.17 30.82 -12.98
CA SER B 302 -18.69 31.52 -11.81
C SER B 302 -18.30 30.78 -10.53
N GLN B 303 -17.82 31.54 -9.55
CA GLN B 303 -17.45 30.97 -8.27
C GLN B 303 -18.69 30.61 -7.47
N ASN B 304 -18.57 29.58 -6.65
CA ASN B 304 -19.65 29.05 -5.82
C ASN B 304 -19.15 28.80 -4.40
N ILE B 305 -18.50 29.80 -3.82
CA ILE B 305 -17.80 29.67 -2.55
C ILE B 305 -18.75 29.23 -1.44
N THR B 306 -18.51 28.03 -0.91
CA THR B 306 -19.16 27.54 0.30
C THR B 306 -18.11 26.76 1.07
N VAL B 307 -17.75 27.24 2.26
CA VAL B 307 -16.59 26.71 2.97
C VAL B 307 -16.96 26.42 4.41
N ILE B 308 -16.25 25.46 5.01
CA ILE B 308 -16.40 25.17 6.43
C ILE B 308 -15.57 26.19 7.21
N ASN B 309 -16.22 26.96 8.07
CA ASN B 309 -15.54 28.01 8.81
C ASN B 309 -14.78 27.42 9.99
N GLU B 310 -14.29 28.27 10.89
CA GLU B 310 -13.62 27.79 12.08
C GLU B 310 -14.56 26.98 12.97
N LYS B 311 -15.81 27.43 13.10
CA LYS B 311 -16.79 26.77 13.96
C LYS B 311 -17.19 25.39 13.45
N GLY B 312 -16.84 25.04 12.21
CA GLY B 312 -17.19 23.77 11.63
C GLY B 312 -18.48 23.76 10.83
N LYS B 313 -19.27 24.83 10.90
CA LYS B 313 -20.51 24.92 10.15
C LYS B 313 -20.26 25.54 8.78
N LEU B 314 -21.13 25.20 7.83
CA LEU B 314 -21.01 25.75 6.49
C LEU B 314 -21.23 27.26 6.51
N GLN B 315 -20.51 27.96 5.63
CA GLN B 315 -20.62 29.41 5.50
C GLN B 315 -20.46 29.77 4.03
N VAL B 316 -21.32 30.66 3.54
CA VAL B 316 -21.32 31.07 2.15
C VAL B 316 -20.84 32.51 2.08
N TYR B 317 -19.82 32.76 1.28
CA TYR B 317 -19.29 34.09 1.05
C TYR B 317 -19.68 34.56 -0.34
N ASP B 318 -20.27 35.76 -0.42
CA ASP B 318 -20.66 36.31 -1.72
C ASP B 318 -19.47 36.84 -2.50
N ASN B 319 -18.42 37.28 -1.81
CA ASN B 319 -17.24 37.83 -2.45
C ASN B 319 -15.99 37.21 -1.87
N VAL B 320 -14.96 37.05 -2.71
CA VAL B 320 -13.67 36.54 -2.25
C VAL B 320 -13.05 37.53 -1.27
N VAL B 321 -13.37 38.82 -1.41
CA VAL B 321 -12.82 39.83 -0.51
C VAL B 321 -13.28 39.57 0.92
N ASP B 322 -14.56 39.24 1.10
CA ASP B 322 -15.06 38.91 2.42
C ASP B 322 -14.39 37.64 2.96
N LEU B 323 -14.16 36.66 2.08
CA LEU B 323 -13.43 35.47 2.48
C LEU B 323 -12.06 35.82 3.03
N ILE B 324 -11.32 36.66 2.31
CA ILE B 324 -9.98 37.05 2.76
C ILE B 324 -10.04 37.86 4.04
N LYS B 325 -11.06 38.72 4.18
CA LYS B 325 -11.19 39.52 5.39
C LYS B 325 -11.42 38.64 6.60
N ASP B 326 -12.35 37.67 6.50
CA ASP B 326 -12.58 36.76 7.62
C ASP B 326 -11.37 35.88 7.88
N PHE B 327 -10.69 35.46 6.80
CA PHE B 327 -9.48 34.64 6.96
C PHE B 327 -8.42 35.37 7.75
N VAL B 328 -8.15 36.63 7.40
CA VAL B 328 -7.14 37.38 8.14
C VAL B 328 -7.64 37.72 9.53
N GLU B 329 -8.95 37.90 9.72
CA GLU B 329 -9.49 38.17 11.04
C GLU B 329 -9.23 37.00 11.99
N VAL B 330 -9.41 35.76 11.51
CA VAL B 330 -9.16 34.61 12.37
C VAL B 330 -7.68 34.27 12.44
N ARG B 331 -6.93 34.53 11.37
CA ARG B 331 -5.49 34.28 11.40
C ARG B 331 -4.79 35.26 12.32
N LYS B 332 -5.38 36.44 12.54
CA LYS B 332 -4.86 37.36 13.56
C LYS B 332 -4.90 36.71 14.94
N THR B 333 -6.03 36.09 15.27
CA THR B 333 -6.14 35.40 16.55
C THR B 333 -5.18 34.22 16.63
N TYR B 334 -5.04 33.47 15.52
CA TYR B 334 -4.14 32.32 15.54
C TYR B 334 -2.68 32.75 15.68
N VAL B 335 -2.29 33.84 15.01
CA VAL B 335 -0.93 34.35 15.14
C VAL B 335 -0.69 34.91 16.53
N GLN B 336 -1.71 35.53 17.14
CA GLN B 336 -1.57 35.98 18.52
C GLN B 336 -1.39 34.80 19.47
N LYS B 337 -2.12 33.71 19.22
CA LYS B 337 -1.90 32.49 20.00
C LYS B 337 -0.48 31.97 19.82
N ARG B 338 0.01 31.98 18.57
CA ARG B 338 1.40 31.59 18.32
C ARG B 338 2.36 32.50 19.09
N ILE B 339 2.07 33.79 19.15
CA ILE B 339 2.91 34.73 19.87
C ILE B 339 2.95 34.38 21.35
N ASP B 340 1.79 34.07 21.94
CA ASP B 340 1.76 33.70 23.35
C ASP B 340 2.53 32.41 23.62
N ASN B 341 2.34 31.40 22.76
CA ASN B 341 3.08 30.15 22.94
C ASN B 341 4.58 30.36 22.79
N LYS B 342 5.00 31.19 21.83
CA LYS B 342 6.42 31.48 21.70
C LYS B 342 6.94 32.31 22.86
N ILE B 343 6.09 33.15 23.46
CA ILE B 343 6.47 33.85 24.69
C ILE B 343 6.80 32.84 25.79
N LYS B 344 5.90 31.88 26.00
CA LYS B 344 6.15 30.87 27.02
C LYS B 344 7.38 30.03 26.69
N GLU B 345 7.55 29.67 25.41
CA GLU B 345 8.69 28.87 24.99
C GLU B 345 10.00 29.61 25.21
N THR B 346 10.04 30.89 24.84
CA THR B 346 11.25 31.68 25.03
C THR B 346 11.53 31.92 26.51
N GLU B 347 10.48 32.08 27.34
CA GLU B 347 10.69 32.20 28.77
C GLU B 347 11.33 30.93 29.33
N SER B 348 10.80 29.77 28.96
CA SER B 348 11.37 28.51 29.42
C SER B 348 12.81 28.33 28.93
N ALA B 349 13.06 28.65 27.66
CA ALA B 349 14.40 28.52 27.11
C ALA B 349 15.38 29.47 27.80
N PHE B 350 14.94 30.69 28.12
CA PHE B 350 15.81 31.63 28.82
C PHE B 350 16.13 31.14 30.22
N ARG B 351 15.13 30.61 30.94
CA ARG B 351 15.41 30.01 32.24
C ARG B 351 16.42 28.89 32.11
N LEU B 352 16.23 27.99 31.14
CA LEU B 352 17.15 26.87 30.97
C LEU B 352 18.56 27.35 30.66
N ALA B 353 18.69 28.32 29.75
CA ALA B 353 20.01 28.81 29.36
C ALA B 353 20.72 29.51 30.51
N PHE B 354 19.99 30.35 31.25
CA PHE B 354 20.60 31.04 32.39
C PHE B 354 21.00 30.05 33.48
N ALA B 355 20.16 29.04 33.73
CA ALA B 355 20.53 28.01 34.70
C ALA B 355 21.77 27.25 34.25
N LYS B 356 21.86 26.92 32.97
CA LYS B 356 23.05 26.25 32.44
C LYS B 356 24.29 27.12 32.61
N ALA B 357 24.17 28.42 32.29
CA ALA B 357 25.31 29.31 32.41
C ALA B 357 25.76 29.43 33.86
N HIS B 358 24.81 29.57 34.79
CA HIS B 358 25.17 29.66 36.20
C HIS B 358 25.81 28.37 36.69
N PHE B 359 25.29 27.22 36.25
CA PHE B 359 25.85 25.93 36.66
C PHE B 359 27.29 25.80 36.17
N ILE B 360 27.53 26.16 34.90
CA ILE B 360 28.87 26.09 34.35
C ILE B 360 29.81 27.05 35.08
N LYS B 361 29.34 28.27 35.35
CA LYS B 361 30.18 29.23 36.06
C LYS B 361 30.52 28.74 37.47
N LYS B 362 29.58 28.04 38.11
CA LYS B 362 29.82 27.56 39.47
C LYS B 362 30.79 26.39 39.47
N VAL B 363 30.66 25.47 38.52
CA VAL B 363 31.60 24.36 38.47
C VAL B 363 32.99 24.83 38.06
N ILE B 364 33.07 25.85 37.18
CA ILE B 364 34.36 26.45 36.87
C ILE B 364 34.96 27.10 38.12
N SER B 365 34.14 27.82 38.88
CA SER B 365 34.60 28.39 40.14
C SER B 365 34.96 27.33 41.17
N GLY B 366 34.39 26.13 41.05
CA GLY B 366 34.67 25.07 42.00
C GLY B 366 33.86 25.12 43.27
N GLU B 367 32.90 26.03 43.39
CA GLU B 367 32.09 26.11 44.60
C GLU B 367 31.25 24.85 44.80
N ILE B 368 30.71 24.30 43.73
CA ILE B 368 29.90 23.09 43.83
C ILE B 368 30.80 21.92 44.21
N VAL B 369 30.48 21.25 45.31
CA VAL B 369 31.29 20.13 45.82
C VAL B 369 30.74 18.87 45.16
N VAL B 370 31.24 18.56 43.96
CA VAL B 370 30.86 17.33 43.27
C VAL B 370 31.59 16.12 43.81
N GLN B 371 32.62 16.31 44.63
CA GLN B 371 33.37 15.19 45.17
C GLN B 371 32.57 14.48 46.26
N GLY B 372 32.66 13.16 46.28
CA GLY B 372 31.97 12.36 47.27
C GLY B 372 30.46 12.49 47.22
N LYS B 373 29.88 12.56 46.02
CA LYS B 373 28.45 12.66 45.85
C LYS B 373 27.98 11.66 44.81
N THR B 374 26.77 11.15 45.01
CA THR B 374 26.12 10.25 44.07
C THR B 374 25.01 11.01 43.35
N ARG B 375 24.22 10.29 42.55
CA ARG B 375 23.09 10.91 41.89
C ARG B 375 22.09 11.46 42.91
N LYS B 376 21.85 10.70 43.98
CA LYS B 376 20.94 11.17 45.01
C LYS B 376 21.48 12.44 45.68
N GLU B 377 22.75 12.43 46.06
CA GLU B 377 23.35 13.61 46.68
C GLU B 377 23.42 14.77 45.70
N LEU B 378 23.73 14.49 44.45
CA LEU B 378 23.78 15.56 43.43
C LEU B 378 22.42 16.23 43.29
N THR B 379 21.35 15.43 43.17
CA THR B 379 20.02 15.99 43.09
C THR B 379 19.64 16.74 44.37
N GLU B 380 20.00 16.20 45.53
CA GLU B 380 19.68 16.85 46.79
C GLU B 380 20.32 18.22 46.89
N GLU B 381 21.58 18.34 46.49
CA GLU B 381 22.26 19.63 46.57
C GLU B 381 21.79 20.57 45.47
N LEU B 382 21.48 20.05 44.28
CA LEU B 382 21.12 20.92 43.16
C LEU B 382 19.71 21.48 43.33
N SER B 383 18.76 20.66 43.78
CA SER B 383 17.38 21.11 43.89
C SER B 383 17.19 22.12 45.02
N LYS B 384 18.08 22.16 46.00
CA LYS B 384 17.96 23.13 47.08
C LYS B 384 18.20 24.55 46.57
N ILE B 385 19.14 24.71 45.64
CA ILE B 385 19.39 26.02 45.04
C ILE B 385 18.20 26.40 44.16
N ASP B 386 17.69 27.62 44.35
CA ASP B 386 16.47 28.03 43.69
C ASP B 386 16.63 28.06 42.17
N MET B 387 17.76 28.57 41.68
CA MET B 387 17.96 28.69 40.24
C MET B 387 18.20 27.33 39.59
N TYR B 388 18.73 26.37 40.35
CA TYR B 388 18.81 24.99 39.89
C TYR B 388 17.63 24.14 40.36
N SER B 389 16.70 24.71 41.13
CA SER B 389 15.55 23.94 41.59
C SER B 389 14.62 23.57 40.44
N SER B 390 14.37 24.52 39.53
CA SER B 390 13.42 24.27 38.45
C SER B 390 13.90 23.17 37.51
N TYR B 391 15.18 23.16 37.17
CA TYR B 391 15.74 22.20 36.22
C TYR B 391 16.74 21.31 36.95
N VAL B 392 16.45 20.02 36.99
CA VAL B 392 17.37 19.02 37.53
C VAL B 392 17.73 17.95 36.52
N ASP B 393 16.73 17.44 35.78
CA ASP B 393 16.97 16.31 34.89
C ASP B 393 17.94 16.65 33.78
N LYS B 394 17.70 17.77 33.08
CA LYS B 394 18.51 18.16 31.93
C LYS B 394 19.48 19.30 32.25
N LEU B 395 19.41 19.85 33.46
CA LEU B 395 20.33 20.90 33.87
C LEU B 395 21.71 20.37 34.21
N VAL B 396 21.81 19.14 34.70
CA VAL B 396 23.07 18.52 35.04
C VAL B 396 23.30 17.26 34.18
N GLY B 397 22.84 17.30 32.94
CA GLY B 397 22.99 16.17 32.06
C GLY B 397 23.70 16.47 30.75
N MET B 398 24.65 17.39 30.76
CA MET B 398 25.37 17.71 29.54
C MET B 398 26.61 16.83 29.42
N ASN B 399 27.04 16.63 28.17
CA ASN B 399 28.29 15.95 27.93
C ASN B 399 29.47 16.84 28.32
N ILE B 400 30.62 16.21 28.56
CA ILE B 400 31.80 16.97 28.97
C ILE B 400 32.25 17.90 27.84
N PHE B 401 32.18 17.42 26.59
CA PHE B 401 32.57 18.26 25.46
C PHE B 401 31.67 19.47 25.31
N HIS B 402 30.50 19.47 25.94
CA HIS B 402 29.64 20.66 25.91
C HIS B 402 30.20 21.77 26.79
N MET B 403 30.84 21.41 27.91
CA MET B 403 31.37 22.41 28.82
C MET B 403 32.87 22.58 28.59
N THR B 404 33.32 23.83 28.62
CA THR B 404 34.71 24.18 28.39
C THR B 404 34.89 25.61 28.88
N SER B 405 36.14 25.95 29.25
CA SER B 405 36.42 27.29 29.75
C SER B 405 36.04 28.36 28.72
N ASP B 406 36.40 28.13 27.45
CA ASP B 406 35.97 29.03 26.39
C ASP B 406 34.51 28.83 26.04
N GLU B 407 34.04 27.59 25.99
CA GLU B 407 32.62 27.38 25.78
C GLU B 407 31.78 27.82 26.97
N ALA B 408 32.39 28.05 28.14
CA ALA B 408 31.65 28.71 29.22
C ALA B 408 31.20 30.10 28.82
N LYS B 409 32.13 30.93 28.32
CA LYS B 409 31.74 32.26 27.86
C LYS B 409 30.93 32.18 26.57
N LYS B 410 31.15 31.12 25.77
CA LYS B 410 30.33 30.93 24.58
C LYS B 410 28.86 30.70 24.95
N LEU B 411 28.62 29.85 25.95
CA LEU B 411 27.25 29.60 26.39
C LEU B 411 26.69 30.81 27.13
N ALA B 412 27.53 31.56 27.83
CA ALA B 412 27.07 32.81 28.43
C ALA B 412 26.62 33.79 27.36
N GLU B 413 27.38 33.90 26.28
CA GLU B 413 26.98 34.77 25.17
C GLU B 413 25.72 34.27 24.49
N GLU B 414 25.56 32.95 24.39
CA GLU B 414 24.32 32.39 23.85
C GLU B 414 23.13 32.75 24.72
N ALA B 415 23.29 32.66 26.04
CA ALA B 415 22.21 33.05 26.94
C ALA B 415 21.92 34.54 26.83
N LYS B 416 22.95 35.36 26.68
CA LYS B 416 22.74 36.79 26.48
C LYS B 416 21.96 37.06 25.19
N ALA B 417 22.34 36.38 24.10
CA ALA B 417 21.64 36.53 22.83
C ALA B 417 20.23 35.97 22.88
N LYS B 418 19.94 35.08 23.82
CA LYS B 418 18.57 34.60 24.00
C LYS B 418 17.62 35.75 24.32
N LYS B 419 18.11 36.84 24.90
CA LYS B 419 17.27 38.01 25.14
C LYS B 419 16.73 38.59 23.85
N GLU B 420 17.53 38.55 22.77
CA GLU B 420 17.07 39.10 21.51
C GLU B 420 15.86 38.35 20.97
N GLU B 421 15.89 37.02 20.99
CA GLU B 421 14.74 36.25 20.55
C GLU B 421 13.63 36.20 21.59
N ASN B 422 13.92 36.52 22.85
CA ASN B 422 12.85 36.71 23.81
C ASN B 422 12.08 38.00 23.53
N GLU B 423 12.78 39.08 23.20
CA GLU B 423 12.15 40.34 22.87
C GLU B 423 11.53 40.34 21.48
N TYR B 424 12.01 39.49 20.58
CA TYR B 424 11.42 39.40 19.25
C TYR B 424 9.96 38.99 19.33
N TRP B 425 9.65 38.00 20.17
CA TRP B 425 8.30 37.48 20.28
C TRP B 425 7.46 38.22 21.32
N LYS B 426 7.99 39.29 21.91
CA LYS B 426 7.29 40.04 22.94
C LYS B 426 6.85 41.42 22.47
N THR B 427 7.79 42.24 22.00
CA THR B 427 7.47 43.62 21.65
C THR B 427 7.11 43.77 20.17
N THR B 428 6.20 42.90 19.70
CA THR B 428 5.62 43.01 18.37
C THR B 428 4.15 42.62 18.45
N ASP B 429 3.47 42.68 17.31
CA ASP B 429 2.06 42.29 17.22
C ASP B 429 1.83 41.32 16.09
N VAL B 430 0.56 41.04 15.79
CA VAL B 430 0.23 40.12 14.70
C VAL B 430 0.67 40.70 13.36
N VAL B 431 0.55 42.01 13.19
CA VAL B 431 0.80 42.63 11.89
C VAL B 431 2.24 42.39 11.46
N THR B 432 3.19 42.60 12.37
CA THR B 432 4.60 42.48 12.01
C THR B 432 4.97 41.05 11.61
N GLU B 433 4.59 40.07 12.45
CA GLU B 433 4.92 38.68 12.15
C GLU B 433 4.24 38.22 10.88
N TYR B 434 2.96 38.56 10.71
CA TYR B 434 2.24 38.18 9.51
C TYR B 434 2.85 38.80 8.27
N THR B 435 3.26 40.07 8.35
CA THR B 435 3.90 40.73 7.22
C THR B 435 5.23 40.08 6.89
N LYS B 436 6.02 39.74 7.91
CA LYS B 436 7.30 39.09 7.65
C LYS B 436 7.11 37.73 6.99
N ASP B 437 6.15 36.94 7.47
CA ASP B 437 5.86 35.66 6.85
C ASP B 437 5.26 35.81 5.47
N LEU B 438 4.59 36.93 5.20
CA LEU B 438 4.10 37.21 3.85
C LEU B 438 5.23 37.58 2.90
N GLU B 439 6.25 38.29 3.41
CA GLU B 439 7.39 38.65 2.58
C GLU B 439 8.26 37.44 2.26
N GLU B 440 8.22 36.41 3.12
CA GLU B 440 9.02 35.21 2.91
C GLU B 440 8.50 34.35 1.77
N ILE B 441 7.31 34.65 1.24
CA ILE B 441 6.75 33.88 0.14
C ILE B 441 7.50 34.27 -1.13
N LYS B 442 8.50 33.46 -1.51
CA LYS B 442 9.40 33.70 -2.65
C LYS B 442 9.56 35.16 -3.05
N LYS C 393 -29.21 -19.16 -11.91
CA LYS C 393 -30.11 -18.14 -11.38
C LYS C 393 -29.42 -16.78 -11.33
N VAL C 394 -29.20 -16.28 -10.12
CA VAL C 394 -28.54 -14.99 -9.89
C VAL C 394 -27.32 -15.24 -9.01
N HIS C 395 -26.16 -14.77 -9.47
CA HIS C 395 -24.93 -14.96 -8.72
C HIS C 395 -24.93 -14.09 -7.46
N LYS C 396 -24.03 -14.44 -6.54
CA LYS C 396 -23.84 -13.80 -5.23
C LYS C 396 -25.03 -14.02 -4.31
N HIS C 397 -26.05 -14.76 -4.73
CA HIS C 397 -27.26 -14.98 -3.95
C HIS C 397 -27.26 -16.41 -3.44
N ILE C 398 -27.33 -16.57 -2.12
CA ILE C 398 -27.40 -17.88 -1.47
C ILE C 398 -28.85 -18.12 -1.07
N LYS C 399 -29.40 -19.23 -1.55
CA LYS C 399 -30.82 -19.52 -1.36
C LYS C 399 -31.03 -20.20 0.01
N ALA C 400 -32.26 -20.68 0.22
CA ALA C 400 -32.57 -21.48 1.41
C ALA C 400 -33.22 -22.78 0.97
N ASN C 401 -33.71 -23.57 1.92
CA ASN C 401 -34.38 -24.82 1.60
C ASN C 401 -35.88 -24.68 1.46
N LEU C 402 -36.45 -23.56 1.90
CA LEU C 402 -37.89 -23.33 1.84
C LEU C 402 -38.25 -22.08 1.04
N CYS C 403 -37.38 -21.63 0.15
CA CYS C 403 -37.68 -20.48 -0.69
C CYS C 403 -38.85 -20.79 -1.62
N GLY C 404 -39.77 -19.85 -1.74
CA GLY C 404 -40.97 -20.05 -2.52
C GLY C 404 -42.07 -20.82 -1.83
N LYS C 405 -41.87 -21.20 -0.57
CA LYS C 405 -42.86 -21.95 0.19
C LYS C 405 -43.14 -21.21 1.49
N ASP C 406 -44.30 -21.49 2.08
CA ASP C 406 -44.75 -20.80 3.29
C ASP C 406 -43.79 -21.06 4.45
N ALA C 407 -43.04 -20.03 4.85
CA ALA C 407 -42.07 -20.07 5.94
C ALA C 407 -41.54 -18.66 6.12
N ASP C 408 -40.96 -18.42 7.29
CA ASP C 408 -40.39 -17.11 7.59
C ASP C 408 -38.96 -16.99 7.03
N THR C 409 -38.80 -17.35 5.76
CA THR C 409 -37.51 -17.24 5.11
C THR C 409 -37.12 -15.78 4.93
N THR C 410 -35.86 -15.46 5.20
CA THR C 410 -35.36 -14.10 5.19
C THR C 410 -34.32 -13.93 4.07
N LEU C 411 -34.36 -12.79 3.40
CA LEU C 411 -33.36 -12.41 2.41
C LEU C 411 -32.57 -11.24 2.99
N PHE C 412 -31.42 -11.55 3.58
CA PHE C 412 -30.57 -10.52 4.15
C PHE C 412 -29.87 -9.75 3.04
N LEU C 413 -29.89 -8.42 3.14
CA LEU C 413 -29.27 -7.54 2.15
C LEU C 413 -28.06 -6.89 2.80
N THR C 414 -26.88 -7.49 2.59
CA THR C 414 -25.66 -6.98 3.15
C THR C 414 -25.10 -5.85 2.27
N GLU C 415 -24.05 -5.19 2.77
CA GLU C 415 -23.37 -4.15 2.02
C GLU C 415 -21.99 -4.58 1.54
N GLY C 416 -21.60 -5.82 1.77
CA GLY C 416 -20.29 -6.29 1.34
C GLY C 416 -20.29 -7.78 1.14
N ASP C 417 -19.42 -8.26 0.25
CA ASP C 417 -19.31 -9.68 0.00
C ASP C 417 -18.68 -10.44 1.16
N SER C 418 -17.89 -9.76 1.99
CA SER C 418 -17.35 -10.40 3.18
C SER C 418 -18.46 -10.82 4.13
N ALA C 419 -19.49 -9.99 4.26
CA ALA C 419 -20.63 -10.34 5.11
C ALA C 419 -21.33 -11.58 4.58
N ILE C 420 -21.51 -11.68 3.26
CA ILE C 420 -22.14 -12.86 2.68
C ILE C 420 -21.26 -14.09 2.87
N GLY C 421 -19.95 -13.94 2.71
CA GLY C 421 -19.05 -15.07 2.93
C GLY C 421 -19.09 -15.58 4.36
N TYR C 422 -19.13 -14.67 5.32
CA TYR C 422 -19.28 -15.09 6.72
C TYR C 422 -20.67 -15.67 6.98
N LEU C 423 -21.70 -15.14 6.32
CA LEU C 423 -23.05 -15.66 6.50
C LEU C 423 -23.17 -17.11 6.02
N ILE C 424 -22.53 -17.42 4.88
CA ILE C 424 -22.63 -18.77 4.33
C ILE C 424 -22.13 -19.82 5.31
N ASP C 425 -21.26 -19.44 6.25
CA ASP C 425 -20.85 -20.35 7.31
C ASP C 425 -21.92 -20.50 8.38
N VAL C 426 -22.66 -19.42 8.66
CA VAL C 426 -23.66 -19.42 9.73
C VAL C 426 -25.08 -19.52 9.19
N ARG C 427 -25.29 -19.27 7.90
CA ARG C 427 -26.63 -19.28 7.31
C ARG C 427 -27.37 -20.58 7.58
N ASP C 428 -28.47 -20.51 8.34
CA ASP C 428 -29.36 -21.65 8.46
C ASP C 428 -29.92 -21.96 7.08
N LYS C 429 -29.52 -23.09 6.51
CA LYS C 429 -29.71 -23.35 5.08
C LYS C 429 -31.17 -23.53 4.69
N GLU C 430 -32.10 -23.38 5.63
CA GLU C 430 -33.51 -23.52 5.34
C GLU C 430 -34.34 -22.29 5.65
N LEU C 431 -33.88 -21.39 6.51
CA LEU C 431 -34.65 -20.20 6.89
C LEU C 431 -33.87 -18.90 6.66
N HIS C 432 -32.84 -18.92 5.82
CA HIS C 432 -32.04 -17.72 5.61
C HIS C 432 -31.55 -17.65 4.17
N GLY C 433 -31.47 -16.44 3.64
CA GLY C 433 -30.91 -16.19 2.33
C GLY C 433 -29.83 -15.13 2.38
N GLY C 434 -29.54 -14.50 1.24
CA GLY C 434 -28.55 -13.44 1.24
C GLY C 434 -28.21 -12.88 -0.12
N TYR C 435 -27.86 -11.59 -0.16
CA TYR C 435 -27.41 -10.92 -1.38
C TYR C 435 -26.62 -9.67 -1.01
N PRO C 436 -25.40 -9.52 -1.51
CA PRO C 436 -24.58 -8.34 -1.17
C PRO C 436 -24.79 -7.18 -2.14
N LEU C 437 -24.59 -5.98 -1.61
CA LEU C 437 -24.64 -4.75 -2.39
C LEU C 437 -23.22 -4.20 -2.48
N ARG C 438 -22.72 -4.05 -3.70
CA ARG C 438 -21.34 -3.62 -3.89
C ARG C 438 -21.18 -2.12 -3.62
N GLY C 439 -21.86 -1.28 -4.39
CA GLY C 439 -21.72 0.15 -4.29
C GLY C 439 -22.93 0.84 -3.69
N LYS C 440 -22.87 2.17 -3.71
CA LYS C 440 -23.99 2.97 -3.24
C LYS C 440 -25.21 2.74 -4.13
N VAL C 441 -26.38 2.76 -3.53
CA VAL C 441 -27.61 2.39 -4.22
C VAL C 441 -28.13 3.57 -5.04
N LEU C 442 -28.56 3.27 -6.26
CA LEU C 442 -29.14 4.28 -7.13
C LEU C 442 -30.39 4.87 -6.50
N ASN C 443 -30.50 6.20 -6.55
CA ASN C 443 -31.67 6.90 -6.01
C ASN C 443 -32.83 6.64 -6.96
N SER C 444 -33.72 5.73 -6.56
CA SER C 444 -34.77 5.21 -7.44
C SER C 444 -36.02 6.07 -7.49
N TRP C 445 -36.12 7.10 -6.65
CA TRP C 445 -37.32 7.92 -6.61
C TRP C 445 -37.36 8.87 -7.82
N GLY C 446 -38.51 8.93 -8.47
CA GLY C 446 -38.71 9.82 -9.59
C GLY C 446 -38.33 9.23 -10.94
N MET C 447 -37.54 8.16 -10.96
CA MET C 447 -37.17 7.53 -12.22
C MET C 447 -38.33 6.69 -12.75
N SER C 448 -38.37 6.55 -14.07
CA SER C 448 -39.39 5.74 -14.71
C SER C 448 -39.15 4.26 -14.42
N TYR C 449 -40.22 3.48 -14.56
CA TYR C 449 -40.11 2.04 -14.34
C TYR C 449 -39.24 1.36 -15.37
N ALA C 450 -39.06 1.96 -16.55
CA ALA C 450 -38.17 1.41 -17.56
C ALA C 450 -36.71 1.65 -17.25
N ASP C 451 -36.39 2.77 -16.60
CA ASP C 451 -35.01 3.10 -16.25
C ASP C 451 -34.61 2.63 -14.87
N MET C 452 -35.51 1.96 -14.15
CA MET C 452 -35.17 1.43 -12.83
C MET C 452 -34.59 0.02 -12.91
N LEU C 453 -35.10 -0.81 -13.83
CA LEU C 453 -34.51 -2.12 -14.03
C LEU C 453 -33.31 -2.02 -14.98
N LYS C 454 -32.40 -1.12 -14.69
CA LYS C 454 -31.14 -0.97 -15.41
C LYS C 454 -29.94 -1.07 -14.49
N ASN C 455 -30.05 -0.59 -13.25
CA ASN C 455 -29.02 -0.83 -12.26
C ASN C 455 -29.05 -2.29 -11.85
N LYS C 456 -27.88 -2.94 -11.86
CA LYS C 456 -27.83 -4.38 -11.63
C LYS C 456 -28.28 -4.75 -10.22
N GLU C 457 -27.88 -3.97 -9.22
CA GLU C 457 -28.28 -4.26 -7.85
C GLU C 457 -29.78 -4.08 -7.63
N LEU C 458 -30.44 -3.24 -8.42
CA LEU C 458 -31.88 -3.09 -8.35
C LEU C 458 -32.61 -4.15 -9.16
N PHE C 459 -32.02 -4.62 -10.25
CA PHE C 459 -32.60 -5.73 -10.99
C PHE C 459 -32.54 -7.03 -10.19
N ASP C 460 -31.40 -7.32 -9.59
CA ASP C 460 -31.24 -8.57 -8.86
C ASP C 460 -32.07 -8.59 -7.58
N ILE C 461 -32.23 -7.43 -6.93
CA ILE C 461 -33.06 -7.38 -5.73
C ILE C 461 -34.52 -7.66 -6.09
N CYS C 462 -35.01 -7.06 -7.17
CA CYS C 462 -36.38 -7.28 -7.59
C CYS C 462 -36.61 -8.66 -8.21
N ALA C 463 -35.55 -9.31 -8.69
CA ALA C 463 -35.67 -10.67 -9.23
C ALA C 463 -35.58 -11.75 -8.16
N ILE C 464 -34.69 -11.58 -7.16
CA ILE C 464 -34.54 -12.58 -6.13
C ILE C 464 -35.80 -12.65 -5.27
N THR C 465 -36.29 -11.50 -4.82
CA THR C 465 -37.52 -11.45 -4.02
C THR C 465 -38.76 -11.67 -4.86
N GLY C 466 -38.66 -11.54 -6.18
CA GLY C 466 -39.81 -11.67 -7.04
C GLY C 466 -40.68 -10.44 -7.13
N LEU C 467 -40.27 -9.33 -6.52
CA LEU C 467 -41.07 -8.12 -6.55
C LEU C 467 -41.15 -7.56 -7.97
N VAL C 468 -42.36 -7.18 -8.37
CA VAL C 468 -42.61 -6.54 -9.65
C VAL C 468 -43.01 -5.09 -9.37
N LEU C 469 -42.41 -4.16 -10.10
CA LEU C 469 -42.55 -2.75 -9.77
C LEU C 469 -44.00 -2.28 -9.95
N GLY C 470 -44.65 -2.70 -11.02
CA GLY C 470 -45.98 -2.22 -11.32
C GLY C 470 -47.09 -2.85 -10.52
N GLU C 471 -47.28 -4.15 -10.67
CA GLU C 471 -48.39 -4.84 -10.03
C GLU C 471 -48.13 -5.03 -8.54
N LYS C 472 -49.19 -5.37 -7.81
CA LYS C 472 -49.10 -5.63 -6.39
C LYS C 472 -48.25 -6.87 -6.13
N ALA C 473 -47.53 -6.85 -5.00
CA ALA C 473 -46.62 -7.92 -4.63
C ALA C 473 -47.27 -8.74 -3.51
N GLU C 474 -47.65 -9.98 -3.83
CA GLU C 474 -48.20 -10.89 -2.83
C GLU C 474 -47.69 -12.32 -3.00
N ASN C 475 -46.73 -12.55 -3.87
CA ASN C 475 -46.17 -13.88 -4.13
C ASN C 475 -44.65 -13.86 -3.98
N LEU C 476 -44.19 -13.26 -2.88
CA LEU C 476 -42.76 -13.10 -2.66
C LEU C 476 -42.08 -14.45 -2.43
N ASN C 477 -40.86 -14.57 -2.94
CA ASN C 477 -40.07 -15.77 -2.70
C ASN C 477 -39.53 -15.82 -1.28
N TYR C 478 -39.44 -14.68 -0.60
CA TYR C 478 -39.00 -14.60 0.78
C TYR C 478 -40.07 -13.89 1.59
N HIS C 479 -40.27 -14.37 2.83
CA HIS C 479 -41.29 -13.76 3.68
C HIS C 479 -40.82 -12.42 4.25
N ASN C 480 -39.52 -12.23 4.42
CA ASN C 480 -39.01 -11.01 5.02
C ASN C 480 -37.81 -10.50 4.23
N ILE C 481 -37.64 -9.18 4.25
CA ILE C 481 -36.46 -8.51 3.72
C ILE C 481 -35.75 -7.86 4.90
N ALA C 482 -34.46 -8.11 5.01
CA ALA C 482 -33.65 -7.60 6.11
C ALA C 482 -32.47 -6.83 5.55
N ILE C 483 -32.33 -5.57 5.97
CA ILE C 483 -31.21 -4.74 5.57
C ILE C 483 -30.14 -4.86 6.65
N MET C 484 -28.99 -5.43 6.30
CA MET C 484 -27.93 -5.61 7.27
C MET C 484 -26.75 -4.73 6.83
N THR C 485 -27.05 -3.47 6.51
CA THR C 485 -26.00 -2.53 6.16
C THR C 485 -25.08 -2.29 7.37
N ASP C 486 -24.03 -1.52 7.13
CA ASP C 486 -23.02 -1.30 8.16
C ASP C 486 -23.54 -0.36 9.24
N ALA C 487 -22.68 -0.06 10.20
CA ALA C 487 -22.99 0.88 11.26
C ALA C 487 -22.45 2.28 10.99
N ASP C 488 -21.77 2.47 9.86
CA ASP C 488 -21.20 3.77 9.53
C ASP C 488 -22.25 4.68 8.90
N HIS C 489 -21.85 5.93 8.66
CA HIS C 489 -22.78 6.90 8.08
C HIS C 489 -23.21 6.48 6.68
N ASP C 490 -22.28 5.99 5.87
CA ASP C 490 -22.60 5.65 4.48
C ASP C 490 -23.61 4.50 4.40
N GLY C 491 -23.66 3.63 5.40
CA GLY C 491 -24.59 2.53 5.38
C GLY C 491 -25.93 2.86 5.99
N LEU C 492 -25.92 3.61 7.08
CA LEU C 492 -27.15 3.96 7.79
C LEU C 492 -27.85 5.18 7.21
N GLY C 493 -27.20 5.94 6.34
CA GLY C 493 -27.78 7.18 5.85
C GLY C 493 -27.90 7.30 4.35
N SER C 494 -27.14 6.48 3.61
CA SER C 494 -27.20 6.48 2.16
C SER C 494 -27.79 5.20 1.59
N ILE C 495 -27.22 4.04 1.93
CA ILE C 495 -27.73 2.79 1.40
C ILE C 495 -29.09 2.45 2.03
N TYR C 496 -29.22 2.62 3.33
CA TYR C 496 -30.47 2.25 4.01
C TYR C 496 -31.64 3.12 3.56
N PRO C 497 -31.57 4.45 3.61
CA PRO C 497 -32.72 5.25 3.12
C PRO C 497 -32.98 5.07 1.63
N SER C 498 -31.96 4.89 0.80
CA SER C 498 -32.20 4.68 -0.62
C SER C 498 -32.90 3.35 -0.86
N LEU C 499 -32.50 2.31 -0.13
CA LEU C 499 -33.20 1.03 -0.24
C LEU C 499 -34.63 1.12 0.26
N LEU C 500 -34.85 1.90 1.33
CA LEU C 500 -36.21 2.14 1.80
C LEU C 500 -37.04 2.85 0.74
N GLY C 501 -36.46 3.84 0.07
CA GLY C 501 -37.18 4.53 -0.99
C GLY C 501 -37.47 3.64 -2.18
N PHE C 502 -36.55 2.72 -2.50
CA PHE C 502 -36.82 1.76 -3.57
C PHE C 502 -37.93 0.80 -3.18
N PHE C 503 -37.92 0.33 -1.94
CA PHE C 503 -38.94 -0.61 -1.48
C PHE C 503 -40.28 0.06 -1.24
N SER C 504 -40.30 1.38 -1.12
CA SER C 504 -41.56 2.10 -0.93
C SER C 504 -42.47 2.04 -2.15
N ASN C 505 -41.97 1.57 -3.30
CA ASN C 505 -42.82 1.43 -4.48
C ASN C 505 -43.91 0.39 -4.28
N TRP C 506 -43.78 -0.48 -3.27
CA TRP C 506 -44.81 -1.43 -2.87
C TRP C 506 -45.08 -1.18 -1.38
N PRO C 507 -45.90 -0.18 -1.05
CA PRO C 507 -46.06 0.20 0.36
C PRO C 507 -46.64 -0.89 1.24
N GLU C 508 -47.35 -1.86 0.67
CA GLU C 508 -48.03 -2.87 1.48
C GLU C 508 -47.04 -3.61 2.39
N LEU C 509 -45.89 -4.00 1.83
CA LEU C 509 -44.90 -4.75 2.59
C LEU C 509 -44.39 -4.00 3.80
N PHE C 510 -44.78 -2.74 3.99
CA PHE C 510 -44.37 -1.99 5.16
C PHE C 510 -45.33 -2.19 6.33
N GLU C 511 -46.62 -2.33 6.09
CA GLU C 511 -47.53 -2.61 7.20
C GLU C 511 -47.55 -4.08 7.58
N GLN C 512 -47.22 -4.98 6.65
CA GLN C 512 -47.14 -6.40 6.98
C GLN C 512 -45.93 -6.71 7.86
N GLY C 513 -44.94 -5.81 7.91
CA GLY C 513 -43.75 -6.07 8.68
C GLY C 513 -42.70 -6.90 7.97
N ARG C 514 -42.80 -7.04 6.65
CA ARG C 514 -41.90 -7.88 5.88
C ARG C 514 -40.59 -7.20 5.51
N ILE C 515 -40.43 -5.92 5.83
CA ILE C 515 -39.21 -5.17 5.56
C ILE C 515 -38.70 -4.60 6.86
N ARG C 516 -37.46 -4.92 7.22
CA ARG C 516 -36.90 -4.47 8.48
C ARG C 516 -35.39 -4.34 8.35
N PHE C 517 -34.80 -3.74 9.39
CA PHE C 517 -33.37 -3.47 9.46
C PHE C 517 -32.76 -4.30 10.57
N VAL C 518 -31.71 -5.05 10.24
CA VAL C 518 -30.96 -5.83 11.22
C VAL C 518 -29.97 -4.90 11.90
N LYS C 519 -30.28 -4.49 13.12
CA LYS C 519 -29.38 -3.60 13.84
C LYS C 519 -28.05 -4.30 14.10
N THR C 520 -26.96 -3.58 13.90
CA THR C 520 -25.62 -4.16 13.95
C THR C 520 -24.87 -3.64 15.17
N PRO C 521 -24.21 -4.50 15.92
CA PRO C 521 -23.46 -4.02 17.10
C PRO C 521 -22.30 -3.13 16.68
N VAL C 522 -21.94 -2.21 17.58
CA VAL C 522 -20.92 -1.20 17.32
C VAL C 522 -19.82 -1.23 18.38
N ILE C 523 -20.21 -1.34 19.65
CA ILE C 523 -19.30 -1.10 20.77
C ILE C 523 -19.15 -2.42 21.53
N ILE C 524 -19.13 -3.53 20.80
CA ILE C 524 -18.91 -4.85 21.40
C ILE C 524 -17.72 -4.79 22.34
N ALA C 525 -17.94 -5.16 23.60
CA ALA C 525 -16.94 -4.98 24.65
C ALA C 525 -16.94 -6.18 25.58
N HIS C 526 -15.80 -6.41 26.22
CA HIS C 526 -15.65 -7.49 27.20
C HIS C 526 -16.07 -6.93 28.57
N VAL C 527 -17.36 -6.68 28.70
CA VAL C 527 -17.91 -6.17 29.94
C VAL C 527 -18.12 -7.33 30.90
N GLY C 528 -17.52 -7.24 32.08
CA GLY C 528 -17.62 -8.31 33.05
C GLY C 528 -16.76 -9.51 32.69
N LYS C 529 -17.40 -10.65 32.42
CA LYS C 529 -16.70 -11.89 32.11
C LYS C 529 -17.04 -12.42 30.72
N LYS C 530 -17.70 -11.62 29.87
CA LYS C 530 -18.08 -12.07 28.54
C LYS C 530 -18.25 -10.85 27.65
N GLN C 531 -18.52 -11.11 26.38
CA GLN C 531 -18.72 -10.05 25.40
C GLN C 531 -20.09 -9.42 25.58
N GLU C 532 -20.13 -8.08 25.54
CA GLU C 532 -21.36 -7.32 25.67
C GLU C 532 -21.56 -6.45 24.44
N TRP C 533 -22.79 -6.40 23.94
CA TRP C 533 -23.11 -5.70 22.71
C TRP C 533 -23.77 -4.36 23.03
N PHE C 534 -23.25 -3.30 22.42
CA PHE C 534 -23.89 -1.99 22.42
C PHE C 534 -24.21 -1.61 20.99
N TYR C 535 -25.40 -1.05 20.78
CA TYR C 535 -25.94 -0.94 19.44
C TYR C 535 -25.80 0.45 18.83
N THR C 536 -25.77 1.50 19.66
CA THR C 536 -25.60 2.86 19.20
C THR C 536 -24.37 3.48 19.85
N VAL C 537 -23.81 4.50 19.19
CA VAL C 537 -22.65 5.17 19.73
C VAL C 537 -23.01 5.93 21.01
N ALA C 538 -24.22 6.47 21.09
CA ALA C 538 -24.65 7.18 22.30
C ALA C 538 -24.95 6.25 23.46
N GLU C 539 -25.34 5.01 23.18
CA GLU C 539 -25.62 4.06 24.26
C GLU C 539 -24.38 3.75 25.08
N TYR C 540 -23.20 3.74 24.44
CA TYR C 540 -21.97 3.53 25.18
C TYR C 540 -21.77 4.60 26.25
N GLU C 541 -21.85 5.88 25.85
CA GLU C 541 -21.75 6.96 26.83
C GLU C 541 -22.91 6.93 27.82
N SER C 542 -24.07 6.42 27.41
CA SER C 542 -25.19 6.26 28.34
C SER C 542 -24.86 5.23 29.41
N ALA C 543 -24.00 4.26 29.11
CA ALA C 543 -23.67 3.23 30.09
C ALA C 543 -22.16 3.04 30.27
N LYS C 544 -21.34 4.01 29.85
CA LYS C 544 -19.89 3.85 29.97
C LYS C 544 -19.46 3.79 31.43
N ASP C 545 -20.02 4.66 32.27
CA ASP C 545 -19.62 4.68 33.67
C ASP C 545 -20.15 3.48 34.44
N ALA C 546 -21.25 2.88 33.97
CA ALA C 546 -21.86 1.76 34.69
C ALA C 546 -21.09 0.45 34.50
N LEU C 547 -20.21 0.38 33.51
CA LEU C 547 -19.45 -0.85 33.28
C LEU C 547 -18.27 -0.92 34.23
N PRO C 548 -18.14 -2.00 35.02
CA PRO C 548 -17.01 -2.10 35.95
C PRO C 548 -15.66 -2.18 35.22
N LYS C 549 -15.53 -3.14 34.31
CA LYS C 549 -14.32 -3.28 33.50
C LYS C 549 -14.71 -3.77 32.12
N HIS C 550 -13.97 -3.29 31.12
CA HIS C 550 -14.31 -3.60 29.73
C HIS C 550 -13.12 -3.30 28.84
N SER C 551 -13.19 -3.82 27.62
CA SER C 551 -12.28 -3.46 26.54
C SER C 551 -13.08 -2.75 25.45
N ILE C 552 -12.38 -2.30 24.41
CA ILE C 552 -13.00 -1.59 23.30
C ILE C 552 -12.49 -2.17 21.99
N ARG C 553 -13.42 -2.54 21.10
CA ARG C 553 -13.08 -2.97 19.75
C ARG C 553 -14.13 -2.39 18.81
N TYR C 554 -13.81 -1.25 18.20
CA TYR C 554 -14.73 -0.60 17.29
C TYR C 554 -14.99 -1.48 16.07
N ILE C 555 -16.27 -1.59 15.69
CA ILE C 555 -16.66 -2.34 14.50
C ILE C 555 -16.69 -1.35 13.35
N LYS C 556 -15.55 -1.17 12.70
CA LYS C 556 -15.48 -0.26 11.56
C LYS C 556 -16.37 -0.74 10.42
N GLY C 557 -16.38 -2.04 10.15
CA GLY C 557 -17.16 -2.60 9.08
C GLY C 557 -17.73 -3.96 9.46
N LEU C 558 -18.58 -4.48 8.57
CA LEU C 558 -19.15 -5.81 8.79
C LEU C 558 -18.10 -6.91 8.68
N GLY C 559 -16.97 -6.63 8.02
CA GLY C 559 -15.91 -7.61 7.94
C GLY C 559 -15.07 -7.73 9.20
N SER C 560 -15.20 -6.76 10.12
CA SER C 560 -14.47 -6.81 11.37
C SER C 560 -15.11 -7.75 12.39
N LEU C 561 -16.29 -8.28 12.09
CA LEU C 561 -16.95 -9.22 12.99
C LEU C 561 -16.43 -10.62 12.75
N GLU C 562 -16.05 -11.31 13.83
CA GLU C 562 -15.67 -12.70 13.73
C GLU C 562 -16.92 -13.58 13.61
N LYS C 563 -16.70 -14.89 13.60
CA LYS C 563 -17.80 -15.81 13.36
C LYS C 563 -18.72 -15.92 14.57
N SER C 564 -18.21 -15.69 15.78
CA SER C 564 -19.05 -15.85 16.97
C SER C 564 -20.11 -14.75 17.05
N GLU C 565 -19.71 -13.49 16.93
CA GLU C 565 -20.67 -12.41 17.00
C GLU C 565 -21.60 -12.41 15.78
N TYR C 566 -21.08 -12.80 14.61
CA TYR C 566 -21.93 -12.96 13.45
C TYR C 566 -22.97 -14.05 13.67
N ARG C 567 -22.57 -15.16 14.29
CA ARG C 567 -23.52 -16.22 14.62
C ARG C 567 -24.58 -15.74 15.59
N GLU C 568 -24.17 -14.98 16.60
CA GLU C 568 -25.14 -14.43 17.54
C GLU C 568 -26.10 -13.48 16.85
N MET C 569 -25.59 -12.65 15.94
CA MET C 569 -26.45 -11.70 15.22
C MET C 569 -27.45 -12.42 14.32
N ILE C 570 -27.00 -13.47 13.63
CA ILE C 570 -27.87 -14.12 12.65
C ILE C 570 -28.86 -15.08 13.31
N GLN C 571 -28.41 -15.89 14.27
CA GLN C 571 -29.30 -16.85 14.91
C GLN C 571 -30.15 -16.23 16.02
N ASN C 572 -29.81 -15.03 16.49
CA ASN C 572 -30.63 -14.29 17.44
C ASN C 572 -30.78 -12.86 16.93
N PRO C 573 -31.54 -12.68 15.85
CA PRO C 573 -31.61 -11.35 15.22
C PRO C 573 -32.29 -10.32 16.09
N VAL C 574 -31.90 -9.07 15.90
CA VAL C 574 -32.60 -7.91 16.46
C VAL C 574 -33.09 -7.13 15.25
N TYR C 575 -34.40 -7.07 15.08
CA TYR C 575 -35.00 -6.42 13.92
C TYR C 575 -35.62 -5.08 14.32
N ASP C 576 -35.63 -4.15 13.37
CA ASP C 576 -36.37 -2.90 13.49
C ASP C 576 -37.31 -2.81 12.31
N VAL C 577 -38.61 -2.92 12.57
CA VAL C 577 -39.61 -2.93 11.50
C VAL C 577 -39.92 -1.49 11.11
N VAL C 578 -39.95 -1.25 9.79
CA VAL C 578 -40.14 0.09 9.25
C VAL C 578 -41.62 0.26 8.92
N LYS C 579 -42.25 1.26 9.53
CA LYS C 579 -43.64 1.62 9.27
C LYS C 579 -43.67 3.00 8.64
N LEU C 580 -44.32 3.11 7.48
CA LEU C 580 -44.32 4.40 6.79
C LEU C 580 -45.45 5.27 7.34
N PRO C 581 -45.17 6.53 7.67
CA PRO C 581 -46.23 7.40 8.20
C PRO C 581 -47.18 7.87 7.11
N GLU C 582 -48.10 8.77 7.48
CA GLU C 582 -49.09 9.26 6.52
C GLU C 582 -48.43 10.07 5.40
N ASN C 583 -47.39 10.83 5.72
CA ASN C 583 -46.72 11.70 4.75
C ASN C 583 -45.47 11.05 4.16
N TRP C 584 -45.48 9.73 3.99
CA TRP C 584 -44.30 9.04 3.47
C TRP C 584 -43.99 9.48 2.05
N LYS C 585 -45.01 9.67 1.21
CA LYS C 585 -44.77 10.07 -0.18
C LYS C 585 -44.20 11.47 -0.27
N GLU C 586 -44.56 12.36 0.65
CA GLU C 586 -44.03 13.71 0.66
C GLU C 586 -42.74 13.82 1.47
N LEU C 587 -42.25 12.72 2.01
CA LEU C 587 -40.97 12.69 2.69
C LEU C 587 -39.85 12.12 1.83
N PHE C 588 -40.18 11.45 0.72
CA PHE C 588 -39.19 10.94 -0.21
C PHE C 588 -39.00 11.84 -1.42
N GLU C 589 -39.75 12.93 -1.52
CA GLU C 589 -39.41 13.98 -2.46
C GLU C 589 -38.49 15.02 -1.83
N MET C 590 -38.37 14.99 -0.50
CA MET C 590 -37.57 15.98 0.21
C MET C 590 -36.11 15.52 0.30
N LEU C 591 -35.85 14.22 0.16
CA LEU C 591 -34.50 13.70 0.12
C LEU C 591 -34.09 13.06 -1.19
N MET C 592 -34.97 12.31 -1.83
CA MET C 592 -34.68 11.76 -3.15
C MET C 592 -35.04 12.70 -4.29
N GLY C 593 -35.79 13.76 -4.01
CA GLY C 593 -36.27 14.63 -5.07
C GLY C 593 -35.18 15.49 -5.67
N ASP C 594 -35.46 16.00 -6.87
CA ASP C 594 -34.50 16.83 -7.58
C ASP C 594 -34.72 18.31 -7.27
N ASN C 595 -34.72 18.65 -5.98
CA ASN C 595 -34.90 20.04 -5.55
C ASN C 595 -34.02 20.25 -4.32
N ALA C 596 -32.82 20.81 -4.55
CA ALA C 596 -31.87 21.02 -3.47
C ALA C 596 -32.33 22.10 -2.49
N ASP C 597 -33.36 22.88 -2.82
CA ASP C 597 -33.81 23.94 -1.91
C ASP C 597 -34.45 23.36 -0.66
N LEU C 598 -35.33 22.36 -0.82
CA LEU C 598 -35.93 21.71 0.34
C LEU C 598 -34.88 21.02 1.19
N ARG C 599 -33.90 20.38 0.53
CA ARG C 599 -32.80 19.75 1.26
C ARG C 599 -32.01 20.79 2.05
N LYS C 600 -31.74 21.94 1.44
CA LYS C 600 -31.03 23.01 2.15
C LYS C 600 -31.84 23.49 3.35
N GLU C 601 -33.14 23.67 3.16
CA GLU C 601 -34.00 24.15 4.25
C GLU C 601 -34.03 23.16 5.41
N TRP C 602 -34.18 21.87 5.09
CA TRP C 602 -34.23 20.88 6.16
C TRP C 602 -32.88 20.83 6.87
N MET C 603 -31.79 20.83 6.10
CA MET C 603 -30.46 20.74 6.66
C MET C 603 -30.13 21.95 7.53
N SER C 604 -30.76 23.10 7.25
CA SER C 604 -30.55 24.27 8.08
C SER C 604 -31.01 24.04 9.51
N GLN C 605 -32.14 23.36 9.68
CA GLN C 605 -32.67 23.08 11.02
C GLN C 605 -31.79 22.03 11.69
N LYS D 393 -13.01 -3.20 -33.15
CA LYS D 393 -12.83 -4.64 -33.16
C LYS D 393 -12.32 -5.15 -31.80
N VAL D 394 -11.05 -4.91 -31.50
CA VAL D 394 -10.45 -5.26 -30.23
C VAL D 394 -9.93 -3.98 -29.58
N HIS D 395 -10.18 -3.83 -28.28
CA HIS D 395 -9.77 -2.64 -27.59
C HIS D 395 -8.31 -2.75 -27.14
N LYS D 396 -7.75 -1.60 -26.74
CA LYS D 396 -6.35 -1.41 -26.38
C LYS D 396 -5.42 -1.56 -27.58
N HIS D 397 -5.95 -1.85 -28.76
CA HIS D 397 -5.17 -1.86 -30.00
C HIS D 397 -5.17 -0.46 -30.56
N ILE D 398 -4.05 0.24 -30.42
CA ILE D 398 -3.89 1.55 -31.03
C ILE D 398 -3.63 1.34 -32.51
N LYS D 399 -4.57 1.73 -33.35
CA LYS D 399 -4.46 1.50 -34.79
C LYS D 399 -3.45 2.46 -35.40
N ALA D 400 -2.90 2.04 -36.54
CA ALA D 400 -2.04 2.88 -37.37
C ALA D 400 -2.84 3.36 -38.57
N ASN D 401 -2.63 4.62 -38.95
CA ASN D 401 -3.43 5.21 -40.02
C ASN D 401 -3.21 4.54 -41.37
N LEU D 402 -2.13 3.76 -41.52
CA LEU D 402 -1.83 3.07 -42.76
C LEU D 402 -1.90 1.56 -42.58
N CYS D 403 -2.62 1.09 -41.56
CA CYS D 403 -2.75 -0.33 -41.31
C CYS D 403 -3.54 -1.01 -42.42
N GLY D 404 -3.26 -2.31 -42.61
CA GLY D 404 -3.93 -3.07 -43.64
C GLY D 404 -3.38 -2.87 -45.04
N LYS D 405 -2.19 -2.29 -45.18
CA LYS D 405 -1.60 -2.04 -46.48
C LYS D 405 -0.20 -2.64 -46.57
N ASP D 406 0.51 -2.34 -47.65
CA ASP D 406 1.78 -2.99 -47.95
C ASP D 406 2.99 -2.26 -47.39
N ALA D 407 2.80 -1.11 -46.74
CA ALA D 407 3.95 -0.39 -46.20
C ALA D 407 4.39 -1.02 -44.88
N ASP D 408 5.48 -0.50 -44.33
CA ASP D 408 6.14 -1.07 -43.16
C ASP D 408 5.47 -0.71 -41.82
N THR D 409 4.15 -0.89 -41.72
CA THR D 409 3.46 -0.68 -40.46
C THR D 409 4.00 -1.62 -39.39
N THR D 410 4.29 -1.07 -38.20
CA THR D 410 4.98 -1.79 -37.15
C THR D 410 4.10 -1.87 -35.91
N LEU D 411 3.97 -3.08 -35.36
CA LEU D 411 3.24 -3.31 -34.12
C LEU D 411 4.23 -3.51 -32.98
N PHE D 412 3.97 -2.85 -31.86
CA PHE D 412 4.85 -2.88 -30.69
C PHE D 412 4.10 -3.57 -29.56
N LEU D 413 4.42 -4.84 -29.32
CA LEU D 413 3.79 -5.62 -28.24
C LEU D 413 4.44 -5.27 -26.91
N THR D 414 4.15 -4.04 -26.47
CA THR D 414 4.73 -3.55 -25.22
C THR D 414 4.17 -4.32 -24.03
N GLU D 415 4.96 -4.51 -23.05
CA GLU D 415 4.45 -5.27 -22.02
C GLU D 415 3.94 -4.34 -20.93
N GLY D 416 2.61 -4.09 -20.91
CA GLY D 416 1.97 -3.28 -19.90
C GLY D 416 0.96 -2.37 -20.55
N ASP D 417 0.29 -1.51 -19.79
CA ASP D 417 -0.52 -0.48 -20.43
C ASP D 417 0.16 0.89 -20.37
N SER D 418 1.03 1.11 -19.39
CA SER D 418 1.70 2.41 -19.26
C SER D 418 2.62 2.67 -20.45
N ALA D 419 3.28 1.63 -20.96
CA ALA D 419 4.15 1.81 -22.11
C ALA D 419 3.37 2.33 -23.32
N ILE D 420 2.19 1.75 -23.58
CA ILE D 420 1.38 2.20 -24.70
C ILE D 420 0.75 3.56 -24.42
N GLY D 421 0.40 3.84 -23.16
CA GLY D 421 -0.08 5.16 -22.81
C GLY D 421 0.95 6.24 -23.09
N TYR D 422 2.23 5.92 -22.88
CA TYR D 422 3.30 6.83 -23.28
C TYR D 422 3.50 6.82 -24.79
N LEU D 423 3.30 5.67 -25.44
CA LEU D 423 3.59 5.52 -26.86
C LEU D 423 2.61 6.30 -27.72
N ILE D 424 1.34 6.40 -27.30
CA ILE D 424 0.31 6.96 -28.18
C ILE D 424 0.66 8.38 -28.62
N ASP D 425 1.18 9.20 -27.69
CA ASP D 425 1.51 10.57 -28.03
C ASP D 425 2.82 10.67 -28.82
N VAL D 426 3.80 9.83 -28.51
CA VAL D 426 5.13 9.97 -29.11
C VAL D 426 5.30 9.16 -30.38
N ARG D 427 4.34 8.31 -30.74
CA ARG D 427 4.47 7.49 -31.93
C ARG D 427 4.24 8.33 -33.19
N ASP D 428 4.62 7.76 -34.33
CA ASP D 428 4.33 8.38 -35.61
C ASP D 428 2.85 8.19 -35.97
N LYS D 429 2.35 9.09 -36.82
CA LYS D 429 0.94 9.03 -37.20
C LYS D 429 0.61 7.71 -37.88
N GLU D 430 1.47 7.26 -38.78
CA GLU D 430 1.31 5.99 -39.47
C GLU D 430 2.44 5.04 -39.08
N LEU D 431 2.28 3.79 -39.49
CA LEU D 431 3.31 2.75 -39.33
C LEU D 431 3.65 2.49 -37.87
N HIS D 432 2.74 2.80 -36.95
CA HIS D 432 3.00 2.61 -35.52
C HIS D 432 1.70 2.23 -34.83
N GLY D 433 1.62 0.99 -34.36
CA GLY D 433 0.49 0.55 -33.56
C GLY D 433 0.98 -0.23 -32.36
N GLY D 434 0.10 -0.40 -31.39
CA GLY D 434 0.46 -1.07 -30.15
C GLY D 434 -0.67 -1.93 -29.63
N TYR D 435 -0.28 -3.02 -28.96
CA TYR D 435 -1.21 -3.88 -28.24
C TYR D 435 -0.55 -4.36 -26.96
N PRO D 436 -1.13 -4.09 -25.79
CA PRO D 436 -0.50 -4.50 -24.54
C PRO D 436 -0.61 -5.99 -24.32
N LEU D 437 0.37 -6.53 -23.60
CA LEU D 437 0.37 -7.92 -23.17
C LEU D 437 0.22 -7.92 -21.66
N ARG D 438 -0.97 -8.28 -21.18
CA ARG D 438 -1.28 -8.28 -19.76
C ARG D 438 -0.94 -9.65 -19.19
N GLY D 439 0.11 -9.70 -18.37
CA GLY D 439 0.51 -10.94 -17.73
C GLY D 439 1.36 -11.81 -18.65
N LYS D 440 1.73 -12.97 -18.11
CA LYS D 440 2.58 -13.91 -18.83
C LYS D 440 1.85 -14.48 -20.04
N VAL D 441 2.62 -15.04 -20.96
CA VAL D 441 2.11 -15.53 -22.23
C VAL D 441 1.98 -17.05 -22.17
N LEU D 442 0.85 -17.55 -22.65
CA LEU D 442 0.65 -18.99 -22.74
C LEU D 442 1.70 -19.64 -23.65
N ASN D 443 2.15 -20.82 -23.25
CA ASN D 443 3.08 -21.57 -24.07
C ASN D 443 2.35 -22.11 -25.30
N SER D 444 2.79 -21.67 -26.49
CA SER D 444 2.21 -22.15 -27.74
C SER D 444 3.15 -23.19 -28.37
N TRP D 445 3.12 -24.39 -27.80
CA TRP D 445 4.02 -25.45 -28.27
C TRP D 445 3.40 -26.80 -27.90
N GLY D 446 2.86 -27.50 -28.91
CA GLY D 446 2.43 -28.87 -28.74
C GLY D 446 0.94 -29.11 -28.89
N MET D 447 0.12 -28.21 -28.34
CA MET D 447 -1.32 -28.40 -28.36
C MET D 447 -1.90 -27.95 -29.70
N SER D 448 -3.15 -28.35 -29.94
CA SER D 448 -3.81 -28.07 -31.20
C SER D 448 -4.11 -26.57 -31.34
N TYR D 449 -4.28 -26.14 -32.59
CA TYR D 449 -4.57 -24.74 -32.85
C TYR D 449 -5.90 -24.31 -32.24
N ALA D 450 -6.90 -25.20 -32.28
CA ALA D 450 -8.19 -24.87 -31.69
C ALA D 450 -8.08 -24.64 -30.19
N ASP D 451 -7.32 -25.51 -29.49
CA ASP D 451 -7.12 -25.33 -28.06
C ASP D 451 -6.16 -24.18 -27.78
N MET D 452 -5.20 -23.93 -28.66
CA MET D 452 -4.23 -22.86 -28.44
C MET D 452 -4.90 -21.49 -28.57
N LEU D 453 -5.83 -21.35 -29.52
CA LEU D 453 -6.51 -20.08 -29.73
C LEU D 453 -7.48 -19.73 -28.59
N LYS D 454 -7.75 -20.67 -27.69
CA LYS D 454 -8.68 -20.40 -26.60
C LYS D 454 -8.13 -19.46 -25.54
N ASN D 455 -6.92 -18.92 -25.71
CA ASN D 455 -6.39 -17.90 -24.84
C ASN D 455 -6.65 -16.53 -25.43
N LYS D 456 -6.88 -15.54 -24.56
CA LYS D 456 -7.26 -14.21 -25.02
C LYS D 456 -6.14 -13.53 -25.79
N GLU D 457 -4.92 -13.50 -25.22
CA GLU D 457 -3.83 -12.78 -25.88
C GLU D 457 -3.03 -13.67 -26.82
N LEU D 458 -3.72 -14.49 -27.59
CA LEU D 458 -3.32 -15.11 -28.85
C LEU D 458 -4.37 -14.88 -29.92
N PHE D 459 -5.65 -14.98 -29.57
CA PHE D 459 -6.72 -14.57 -30.47
C PHE D 459 -6.59 -13.08 -30.77
N ASP D 460 -6.29 -12.27 -29.74
CA ASP D 460 -6.13 -10.84 -29.96
C ASP D 460 -5.00 -10.55 -30.95
N ILE D 461 -3.85 -11.18 -30.76
CA ILE D 461 -2.71 -10.93 -31.64
C ILE D 461 -2.98 -11.46 -33.04
N CYS D 462 -3.65 -12.60 -33.16
CA CYS D 462 -4.01 -13.13 -34.48
C CYS D 462 -5.12 -12.33 -35.15
N ALA D 463 -5.83 -11.49 -34.41
CA ALA D 463 -6.83 -10.61 -35.00
C ALA D 463 -6.24 -9.27 -35.42
N ILE D 464 -5.41 -8.66 -34.58
CA ILE D 464 -4.73 -7.42 -34.97
C ILE D 464 -3.83 -7.67 -36.17
N THR D 465 -3.02 -8.71 -36.12
CA THR D 465 -2.18 -9.09 -37.23
C THR D 465 -2.92 -10.06 -38.14
N GLY D 466 -2.35 -10.28 -39.33
CA GLY D 466 -2.90 -11.26 -40.23
C GLY D 466 -2.50 -12.68 -39.96
N LEU D 467 -1.76 -12.92 -38.87
CA LEU D 467 -1.28 -14.25 -38.55
C LEU D 467 -2.44 -15.20 -38.29
N VAL D 468 -2.62 -16.16 -39.19
CA VAL D 468 -3.56 -17.26 -39.00
C VAL D 468 -2.75 -18.49 -38.58
N LEU D 469 -3.27 -19.21 -37.59
CA LEU D 469 -2.47 -20.22 -36.90
C LEU D 469 -2.05 -21.36 -37.83
N GLY D 470 -2.97 -21.81 -38.69
CA GLY D 470 -2.71 -23.00 -39.47
C GLY D 470 -2.44 -22.80 -40.95
N GLU D 471 -2.14 -21.57 -41.37
CA GLU D 471 -1.89 -21.29 -42.78
C GLU D 471 -0.67 -20.37 -42.88
N LYS D 472 -0.29 -20.05 -44.12
CA LYS D 472 0.81 -19.14 -44.38
C LYS D 472 0.44 -17.72 -43.96
N ALA D 473 1.44 -16.99 -43.47
CA ALA D 473 1.28 -15.62 -43.01
C ALA D 473 1.90 -14.69 -44.04
N GLU D 474 1.08 -14.22 -44.97
CA GLU D 474 1.55 -13.26 -45.97
C GLU D 474 0.65 -12.03 -46.05
N ASN D 475 -0.64 -12.20 -45.77
CA ASN D 475 -1.60 -11.11 -45.85
C ASN D 475 -1.87 -10.53 -44.46
N LEU D 476 -0.79 -10.09 -43.82
CA LEU D 476 -0.90 -9.49 -42.49
C LEU D 476 -1.42 -8.06 -42.59
N ASN D 477 -2.20 -7.66 -41.59
CA ASN D 477 -2.66 -6.28 -41.52
C ASN D 477 -1.47 -5.32 -41.36
N TYR D 478 -0.53 -5.68 -40.49
CA TYR D 478 0.68 -4.90 -40.30
C TYR D 478 1.81 -5.49 -41.15
N HIS D 479 3.02 -5.00 -40.93
CA HIS D 479 4.19 -5.48 -41.68
C HIS D 479 5.31 -5.97 -40.80
N ASN D 480 5.55 -5.34 -39.65
CA ASN D 480 6.62 -5.72 -38.74
C ASN D 480 6.10 -5.82 -37.32
N ILE D 481 6.53 -6.85 -36.60
CA ILE D 481 6.25 -6.99 -35.17
C ILE D 481 7.50 -6.56 -34.43
N ALA D 482 7.32 -5.73 -33.41
CA ALA D 482 8.40 -5.01 -32.73
C ALA D 482 8.38 -5.27 -31.24
N ILE D 483 8.38 -6.55 -30.86
CA ILE D 483 8.24 -6.93 -29.46
C ILE D 483 9.19 -6.13 -28.59
N MET D 484 8.65 -5.47 -27.57
CA MET D 484 9.45 -4.71 -26.62
C MET D 484 8.99 -5.06 -25.21
N THR D 485 9.95 -5.30 -24.32
CA THR D 485 9.65 -5.67 -22.94
C THR D 485 10.46 -4.81 -21.98
N ASP D 486 10.45 -5.17 -20.69
CA ASP D 486 11.22 -4.45 -19.69
C ASP D 486 12.68 -4.89 -19.74
N ALA D 487 13.48 -4.38 -18.82
CA ALA D 487 14.90 -4.74 -18.73
C ALA D 487 15.15 -5.91 -17.77
N ASP D 488 14.13 -6.37 -17.07
CA ASP D 488 14.28 -7.45 -16.11
C ASP D 488 14.35 -8.81 -16.81
N HIS D 489 14.70 -9.84 -16.04
CA HIS D 489 14.74 -11.19 -16.59
C HIS D 489 13.36 -11.64 -17.04
N ASP D 490 12.31 -11.23 -16.31
CA ASP D 490 10.96 -11.65 -16.66
C ASP D 490 10.56 -11.17 -18.06
N GLY D 491 11.16 -10.07 -18.53
CA GLY D 491 10.86 -9.56 -19.84
C GLY D 491 11.47 -10.36 -20.97
N LEU D 492 12.80 -10.39 -21.03
CA LEU D 492 13.49 -11.02 -22.15
C LEU D 492 13.60 -12.53 -22.02
N GLY D 493 13.36 -13.09 -20.84
CA GLY D 493 13.59 -14.50 -20.64
C GLY D 493 12.34 -15.36 -20.51
N SER D 494 11.19 -14.74 -20.30
CA SER D 494 9.93 -15.46 -20.24
C SER D 494 8.95 -15.02 -21.31
N ILE D 495 8.64 -13.73 -21.39
CA ILE D 495 7.71 -13.23 -22.38
C ILE D 495 8.31 -13.31 -23.79
N TYR D 496 9.57 -12.91 -23.92
CA TYR D 496 10.22 -12.89 -25.23
C TYR D 496 10.33 -14.29 -25.84
N PRO D 497 10.87 -15.31 -25.16
CA PRO D 497 10.91 -16.64 -25.80
C PRO D 497 9.54 -17.25 -25.99
N SER D 498 8.57 -16.94 -25.12
CA SER D 498 7.22 -17.44 -25.35
C SER D 498 6.62 -16.86 -26.63
N LEU D 499 6.81 -15.56 -26.85
CA LEU D 499 6.34 -14.95 -28.08
C LEU D 499 7.09 -15.51 -29.28
N LEU D 500 8.39 -15.76 -29.14
CA LEU D 500 9.14 -16.35 -30.24
C LEU D 500 8.63 -17.75 -30.57
N GLY D 501 8.32 -18.55 -29.54
CA GLY D 501 7.77 -19.87 -29.77
C GLY D 501 6.41 -19.82 -30.42
N PHE D 502 5.58 -18.86 -30.01
CA PHE D 502 4.27 -18.70 -30.66
C PHE D 502 4.43 -18.29 -32.12
N PHE D 503 5.36 -17.37 -32.40
CA PHE D 503 5.58 -16.92 -33.77
C PHE D 503 6.29 -17.98 -34.61
N SER D 504 6.88 -18.98 -33.98
CA SER D 504 7.49 -20.08 -34.73
C SER D 504 6.46 -20.91 -35.50
N ASN D 505 5.16 -20.74 -35.21
CA ASN D 505 4.13 -21.41 -36.00
C ASN D 505 4.13 -20.93 -37.45
N TRP D 506 4.72 -19.77 -37.72
CA TRP D 506 4.95 -19.27 -39.08
C TRP D 506 6.42 -18.95 -39.22
N PRO D 507 7.25 -19.98 -39.45
CA PRO D 507 8.70 -19.73 -39.58
C PRO D 507 9.07 -18.92 -40.81
N GLU D 508 8.15 -18.76 -41.77
CA GLU D 508 8.45 -17.95 -42.95
C GLU D 508 8.77 -16.51 -42.61
N LEU D 509 8.32 -16.03 -41.45
CA LEU D 509 8.50 -14.61 -41.11
C LEU D 509 9.91 -14.29 -40.64
N PHE D 510 10.61 -15.27 -40.06
CA PHE D 510 11.87 -14.97 -39.38
C PHE D 510 12.96 -14.52 -40.36
N GLU D 511 13.12 -15.23 -41.48
CA GLU D 511 14.14 -14.81 -42.44
C GLU D 511 13.75 -13.59 -43.23
N GLN D 512 12.48 -13.18 -43.19
CA GLN D 512 12.10 -11.88 -43.74
C GLN D 512 12.38 -10.74 -42.78
N GLY D 513 12.73 -11.04 -41.53
CA GLY D 513 13.09 -10.02 -40.56
C GLY D 513 11.93 -9.23 -40.01
N ARG D 514 10.69 -9.68 -40.21
CA ARG D 514 9.53 -8.91 -39.80
C ARG D 514 9.12 -9.16 -38.35
N ILE D 515 9.85 -10.02 -37.63
CA ILE D 515 9.77 -10.12 -36.19
C ILE D 515 11.07 -9.59 -35.62
N ARG D 516 10.98 -8.61 -34.73
CA ARG D 516 12.15 -7.95 -34.17
C ARG D 516 11.89 -7.64 -32.70
N PHE D 517 12.98 -7.41 -31.97
CA PHE D 517 12.92 -7.00 -30.58
C PHE D 517 13.47 -5.58 -30.47
N VAL D 518 12.66 -4.68 -29.92
CA VAL D 518 13.10 -3.31 -29.69
C VAL D 518 13.98 -3.27 -28.45
N LYS D 519 15.17 -2.70 -28.58
CA LYS D 519 16.05 -2.57 -27.43
C LYS D 519 15.49 -1.53 -26.46
N THR D 520 16.04 -1.54 -25.25
CA THR D 520 15.60 -0.67 -24.19
C THR D 520 16.83 -0.35 -23.35
N PRO D 521 17.12 0.92 -23.10
CA PRO D 521 18.32 1.26 -22.34
C PRO D 521 18.20 0.88 -20.88
N VAL D 522 18.93 -0.15 -20.46
CA VAL D 522 18.90 -0.56 -19.06
C VAL D 522 19.50 0.53 -18.18
N ILE D 523 20.46 1.28 -18.71
CA ILE D 523 21.10 2.38 -17.98
C ILE D 523 21.03 3.63 -18.84
N ILE D 524 20.57 4.73 -18.26
CA ILE D 524 20.53 6.02 -18.91
C ILE D 524 21.36 6.99 -18.09
N ALA D 525 22.11 7.85 -18.76
CA ALA D 525 22.97 8.83 -18.09
C ALA D 525 22.88 10.16 -18.80
N HIS D 526 22.78 11.24 -18.02
CA HIS D 526 22.73 12.60 -18.57
C HIS D 526 24.03 13.31 -18.23
N VAL D 527 25.00 13.21 -19.14
CA VAL D 527 26.27 13.94 -18.99
C VAL D 527 26.07 15.27 -19.73
N GLY D 528 25.48 16.22 -19.03
CA GLY D 528 25.12 17.48 -19.67
C GLY D 528 24.13 17.22 -20.78
N LYS D 529 24.52 17.61 -21.99
CA LYS D 529 23.66 17.34 -23.15
C LYS D 529 23.72 15.88 -23.58
N LYS D 530 24.83 15.20 -23.30
CA LYS D 530 25.00 13.83 -23.76
C LYS D 530 24.05 12.88 -23.02
N GLN D 531 23.46 11.96 -23.79
CA GLN D 531 22.53 10.97 -23.26
C GLN D 531 23.13 9.59 -23.48
N GLU D 532 23.88 9.11 -22.49
CA GLU D 532 24.40 7.75 -22.54
C GLU D 532 23.26 6.75 -22.41
N TRP D 533 23.24 5.79 -23.35
CA TRP D 533 22.17 4.79 -23.47
C TRP D 533 22.82 3.41 -23.49
N PHE D 534 23.02 2.82 -22.31
CA PHE D 534 23.56 1.47 -22.23
C PHE D 534 22.42 0.45 -22.20
N TYR D 535 22.46 -0.49 -23.15
CA TYR D 535 21.39 -1.46 -23.35
C TYR D 535 21.58 -2.74 -22.56
N THR D 536 22.79 -3.00 -22.06
CA THR D 536 23.04 -4.10 -21.15
C THR D 536 24.04 -3.63 -20.10
N VAL D 537 24.00 -4.29 -18.94
CA VAL D 537 24.81 -3.84 -17.81
C VAL D 537 26.30 -3.98 -18.12
N ALA D 538 26.68 -4.88 -19.03
CA ALA D 538 28.09 -5.10 -19.32
C ALA D 538 28.73 -3.84 -19.92
N GLU D 539 28.01 -3.15 -20.79
CA GLU D 539 28.57 -1.93 -21.40
C GLU D 539 28.84 -0.86 -20.34
N TYR D 540 27.91 -0.66 -19.41
CA TYR D 540 28.12 0.32 -18.36
C TYR D 540 29.24 -0.11 -17.41
N GLU D 541 29.33 -1.41 -17.11
CA GLU D 541 30.42 -1.89 -16.26
C GLU D 541 31.77 -1.67 -16.91
N SER D 542 31.86 -1.88 -18.22
CA SER D 542 33.11 -1.70 -18.95
C SER D 542 33.34 -0.25 -19.36
N ALA D 543 32.39 0.65 -19.12
CA ALA D 543 32.54 2.05 -19.47
C ALA D 543 32.27 2.96 -18.28
N LYS D 544 32.54 2.49 -17.06
CA LYS D 544 32.29 3.30 -15.87
C LYS D 544 33.32 4.42 -15.71
N ASP D 545 34.51 4.28 -16.29
CA ASP D 545 35.57 5.26 -16.12
C ASP D 545 35.99 5.96 -17.41
N ALA D 546 35.56 5.48 -18.57
CA ALA D 546 35.94 6.11 -19.83
C ALA D 546 35.41 7.54 -19.94
N LEU D 547 34.36 7.88 -19.20
CA LEU D 547 33.79 9.21 -19.17
C LEU D 547 34.07 9.87 -17.83
N PRO D 548 34.33 11.20 -17.81
CA PRO D 548 34.70 11.88 -16.56
C PRO D 548 33.72 11.64 -15.41
N LYS D 549 32.45 12.00 -15.59
CA LYS D 549 31.48 11.85 -14.52
C LYS D 549 30.08 11.81 -15.11
N HIS D 550 29.31 10.80 -14.74
CA HIS D 550 27.94 10.62 -15.23
C HIS D 550 27.02 10.29 -14.06
N SER D 551 25.74 10.58 -14.25
CA SER D 551 24.71 10.27 -13.26
C SER D 551 23.78 9.23 -13.87
N ILE D 552 23.82 8.02 -13.32
CA ILE D 552 23.05 6.89 -13.86
C ILE D 552 21.58 7.02 -13.48
N ARG D 553 20.74 6.21 -14.13
CA ARG D 553 19.32 6.16 -13.80
C ARG D 553 18.83 4.75 -14.13
N TYR D 554 18.64 3.94 -13.10
CA TYR D 554 18.19 2.56 -13.30
C TYR D 554 16.75 2.56 -13.78
N ILE D 555 16.52 1.92 -14.93
CA ILE D 555 15.23 1.87 -15.53
C ILE D 555 14.64 0.55 -15.22
N LYS D 556 13.56 0.51 -14.45
CA LYS D 556 12.92 -0.72 -14.00
C LYS D 556 12.14 -1.39 -15.04
N GLY D 557 11.34 -0.62 -15.68
CA GLY D 557 10.56 -1.12 -16.78
C GLY D 557 10.22 -0.01 -17.74
N LEU D 558 9.32 -0.31 -18.67
CA LEU D 558 8.92 0.66 -19.68
C LEU D 558 8.19 1.87 -19.10
N GLY D 559 7.70 1.78 -17.86
CA GLY D 559 7.01 2.90 -17.25
C GLY D 559 7.95 3.91 -16.61
N SER D 560 9.23 3.55 -16.52
CA SER D 560 10.23 4.45 -15.95
C SER D 560 10.88 5.35 -16.98
N LEU D 561 10.58 5.15 -18.26
CA LEU D 561 11.14 6.00 -19.31
C LEU D 561 10.35 7.30 -19.43
N GLU D 562 11.08 8.40 -19.61
CA GLU D 562 10.44 9.69 -19.83
C GLU D 562 9.89 9.76 -21.25
N LYS D 563 9.07 10.79 -21.49
CA LYS D 563 8.45 10.95 -22.80
C LYS D 563 9.49 11.17 -23.89
N SER D 564 10.53 11.96 -23.58
CA SER D 564 11.58 12.22 -24.57
C SER D 564 12.32 10.94 -24.94
N GLU D 565 12.69 10.13 -23.96
CA GLU D 565 13.42 8.89 -24.25
C GLU D 565 12.55 7.92 -25.02
N TYR D 566 11.28 7.80 -24.64
CA TYR D 566 10.36 6.92 -25.37
C TYR D 566 10.20 7.39 -26.81
N ARG D 567 10.08 8.70 -27.03
CA ARG D 567 9.95 9.24 -28.39
C ARG D 567 11.21 8.97 -29.19
N GLU D 568 12.38 9.16 -28.58
CA GLU D 568 13.63 8.88 -29.27
C GLU D 568 13.73 7.42 -29.68
N MET D 569 13.40 6.51 -28.76
CA MET D 569 13.45 5.09 -29.10
C MET D 569 12.32 4.68 -30.04
N ILE D 570 11.27 5.48 -30.17
CA ILE D 570 10.16 5.09 -31.03
C ILE D 570 10.35 5.58 -32.47
N GLN D 571 11.06 6.70 -32.71
CA GLN D 571 11.37 7.03 -34.09
C GLN D 571 12.82 6.73 -34.47
N ASN D 572 13.68 6.45 -33.51
CA ASN D 572 15.07 6.07 -33.77
C ASN D 572 15.31 4.71 -33.11
N PRO D 573 14.73 3.65 -33.68
CA PRO D 573 14.75 2.36 -33.01
C PRO D 573 16.04 1.60 -33.23
N VAL D 574 16.40 0.81 -32.23
CA VAL D 574 17.50 -0.14 -32.31
C VAL D 574 16.88 -1.52 -32.29
N TYR D 575 16.85 -2.17 -33.45
CA TYR D 575 16.14 -3.42 -33.62
C TYR D 575 17.11 -4.61 -33.54
N ASP D 576 16.65 -5.67 -32.90
CA ASP D 576 17.33 -6.96 -32.90
C ASP D 576 16.50 -7.87 -33.80
N VAL D 577 17.05 -8.20 -34.97
CA VAL D 577 16.37 -9.06 -35.92
C VAL D 577 16.72 -10.51 -35.57
N VAL D 578 15.69 -11.32 -35.32
CA VAL D 578 15.86 -12.69 -34.85
C VAL D 578 15.68 -13.64 -36.04
N LYS D 579 16.66 -14.50 -36.24
CA LYS D 579 16.64 -15.49 -37.31
C LYS D 579 16.78 -16.88 -36.71
N LEU D 580 16.03 -17.83 -37.25
CA LEU D 580 16.08 -19.19 -36.75
C LEU D 580 17.35 -19.89 -37.25
N PRO D 581 18.06 -20.61 -36.39
CA PRO D 581 19.23 -21.38 -36.85
C PRO D 581 18.80 -22.63 -37.60
N GLU D 582 19.78 -23.48 -37.94
CA GLU D 582 19.46 -24.71 -38.67
C GLU D 582 18.49 -25.57 -37.87
N ASN D 583 18.70 -25.69 -36.57
CA ASN D 583 17.81 -26.43 -35.69
C ASN D 583 17.05 -25.44 -34.81
N TRP D 584 15.72 -25.44 -34.95
CA TRP D 584 14.87 -24.66 -34.05
C TRP D 584 13.78 -25.48 -33.39
N LYS D 585 13.36 -26.61 -33.97
CA LYS D 585 12.55 -27.57 -33.22
C LYS D 585 13.44 -28.61 -32.55
N GLU D 586 14.50 -28.12 -31.90
CA GLU D 586 15.33 -28.93 -31.02
C GLU D 586 15.70 -28.23 -29.73
N LEU D 587 15.69 -26.90 -29.69
CA LEU D 587 15.81 -26.14 -28.46
C LEU D 587 14.47 -25.61 -27.97
N PHE D 588 13.48 -25.53 -28.85
CA PHE D 588 12.14 -25.10 -28.44
C PHE D 588 11.33 -26.27 -27.87
N GLU D 589 11.54 -27.48 -28.38
CA GLU D 589 11.05 -28.65 -27.66
C GLU D 589 11.79 -28.81 -26.34
N MET D 590 13.06 -28.43 -26.32
CA MET D 590 13.85 -28.46 -25.09
C MET D 590 13.31 -27.46 -24.06
N LEU D 591 12.95 -26.26 -24.50
CA LEU D 591 12.61 -25.20 -23.56
C LEU D 591 11.12 -25.14 -23.23
N MET D 592 10.25 -25.31 -24.23
CA MET D 592 8.81 -25.23 -24.05
C MET D 592 8.15 -26.59 -24.03
N GLY D 593 8.93 -27.66 -23.92
CA GLY D 593 8.41 -29.00 -23.86
C GLY D 593 8.13 -29.45 -22.43
N ASP D 594 7.36 -30.54 -22.33
CA ASP D 594 6.98 -31.06 -21.03
C ASP D 594 8.11 -31.81 -20.34
N ASN D 595 9.02 -32.41 -21.10
CA ASN D 595 10.10 -33.21 -20.52
C ASN D 595 11.11 -32.27 -19.87
N ALA D 596 11.01 -32.15 -18.54
CA ALA D 596 11.94 -31.31 -17.80
C ALA D 596 13.33 -31.93 -17.68
N ASP D 597 13.49 -33.21 -18.06
CA ASP D 597 14.79 -33.86 -17.94
C ASP D 597 15.82 -33.25 -18.88
N LEU D 598 15.41 -32.81 -20.06
CA LEU D 598 16.32 -32.09 -20.94
C LEU D 598 16.79 -30.79 -20.30
N ARG D 599 15.87 -30.06 -19.65
CA ARG D 599 16.25 -28.85 -18.94
C ARG D 599 17.11 -29.13 -17.72
N LYS D 600 17.01 -30.32 -17.13
CA LYS D 600 17.92 -30.68 -16.05
C LYS D 600 19.38 -30.62 -16.53
N GLU D 601 19.64 -31.11 -17.74
CA GLU D 601 20.97 -30.98 -18.32
C GLU D 601 21.23 -29.56 -18.82
N TRP D 602 20.20 -28.87 -19.30
CA TRP D 602 20.41 -27.57 -19.94
C TRP D 602 20.93 -26.52 -18.97
N MET D 603 20.37 -26.46 -17.76
CA MET D 603 20.85 -25.50 -16.77
C MET D 603 22.11 -25.95 -16.05
N SER D 604 22.81 -26.97 -16.55
CA SER D 604 24.08 -27.40 -15.99
C SER D 604 25.27 -27.13 -16.91
N GLN D 605 25.13 -27.38 -18.20
CA GLN D 605 26.20 -27.12 -19.16
C GLN D 605 26.09 -25.71 -19.72
MG MG I . -17.45 1.67 5.95
MG MG J . 9.14 -5.91 -13.92
C1 ASW K . -3.73 -13.16 -19.22
O2 ASW K . -3.50 -12.33 -18.11
C3 ASW K . -4.50 -11.38 -17.87
C4 ASW K . -5.65 -11.36 -18.63
C5 ASW K . -6.64 -10.42 -18.38
N6 ASW K . -7.84 -10.40 -19.18
S7 ASW K . -8.03 -9.29 -20.47
C8 ASW K . -9.65 -9.53 -21.23
O9 ASW K . -6.84 -9.54 -21.59
O10 ASW K . -7.92 -7.74 -19.88
C11 ASW K . -6.46 -9.49 -17.36
C12 ASW K . -5.30 -9.50 -16.60
C13 ASW K . -4.32 -10.45 -16.85
N14 ASW K . -3.10 -10.50 -16.07
C15 ASW K . -3.06 -10.42 -14.61
C16 ASW K . -2.00 -9.66 -14.03
C17 ASW K . -1.04 -8.97 -14.81
C18 ASW K . -0.03 -8.22 -14.21
C19 ASW K . 0.03 -8.15 -12.81
C20 ASW K . -0.90 -8.82 -12.03
C21 ASW K . -1.94 -9.57 -12.66
N22 ASW K . -2.83 -10.21 -11.86
C23 ASW K . -3.84 -10.96 -12.39
C24 ASW K . -4.74 -11.60 -11.49
C25 ASW K . -5.79 -12.38 -11.99
C26 ASW K . -5.95 -12.52 -13.36
C27 ASW K . -5.07 -11.89 -14.24
C28 ASW K . -3.99 -11.09 -13.75
C1 ASW L . -22.55 -0.98 -7.99
O2 ASW L . -21.21 -0.83 -7.64
C3 ASW L . -20.36 -1.85 -8.10
C4 ASW L . -20.80 -2.75 -9.07
C5 ASW L . -19.96 -3.75 -9.50
N6 ASW L . -20.41 -4.69 -10.51
S7 ASW L . -22.08 -4.99 -10.72
C8 ASW L . -22.30 -6.56 -11.62
O9 ASW L . -22.76 -3.76 -11.58
O10 ASW L . -22.81 -5.10 -9.24
C11 ASW L . -18.68 -3.86 -8.99
C12 ASW L . -18.23 -2.96 -8.02
C13 ASW L . -19.08 -1.96 -7.58
N14 ASW L . -18.64 -1.01 -6.58
C15 ASW L . -17.39 -0.27 -6.62
C16 ASW L . -16.69 -0.08 -5.38
C17 ASW L . -17.18 -0.60 -4.16
C18 ASW L . -16.47 -0.39 -2.97
C19 ASW L . -15.26 0.33 -3.01
C20 ASW L . -14.78 0.83 -4.21
C21 ASW L . -15.52 0.61 -5.41
N22 ASW L . -15.00 1.13 -6.55
C23 ASW L . -15.65 0.98 -7.75
C24 ASW L . -15.06 1.54 -8.92
C25 ASW L . -15.68 1.40 -10.15
C26 ASW L . -16.87 0.71 -10.25
C27 ASW L . -17.46 0.15 -9.10
C28 ASW L . -16.82 0.29 -7.83
#